data_7DMS
# 
_entry.id   7DMS 
# 
_audit_conform.dict_name       mmcif_pdbx.dic 
_audit_conform.dict_version    5.398 
_audit_conform.dict_location   http://mmcif.pdb.org/dictionaries/ascii/mmcif_pdbx.dic 
# 
loop_
_database_2.database_id 
_database_2.database_code 
_database_2.pdbx_database_accession 
_database_2.pdbx_DOI 
PDB   7DMS         pdb_00007dms 10.2210/pdb7dms/pdb 
WWPDB D_1300019450 ?            ?                   
# 
loop_
_pdbx_audit_revision_history.ordinal 
_pdbx_audit_revision_history.data_content_type 
_pdbx_audit_revision_history.major_revision 
_pdbx_audit_revision_history.minor_revision 
_pdbx_audit_revision_history.revision_date 
1 'Structure model' 1 0 2021-12-08 
2 'Structure model' 1 1 2024-11-13 
# 
_pdbx_audit_revision_details.ordinal             1 
_pdbx_audit_revision_details.revision_ordinal    1 
_pdbx_audit_revision_details.data_content_type   'Structure model' 
_pdbx_audit_revision_details.provider            repository 
_pdbx_audit_revision_details.type                'Initial release' 
_pdbx_audit_revision_details.description         ? 
_pdbx_audit_revision_details.details             ? 
# 
loop_
_pdbx_audit_revision_group.ordinal 
_pdbx_audit_revision_group.revision_ordinal 
_pdbx_audit_revision_group.data_content_type 
_pdbx_audit_revision_group.group 
1 2 'Structure model' 'Data collection'   
2 2 'Structure model' 'Structure summary' 
# 
loop_
_pdbx_audit_revision_category.ordinal 
_pdbx_audit_revision_category.revision_ordinal 
_pdbx_audit_revision_category.data_content_type 
_pdbx_audit_revision_category.category 
1 2 'Structure model' chem_comp_atom            
2 2 'Structure model' chem_comp_bond            
3 2 'Structure model' pdbx_entry_details        
4 2 'Structure model' pdbx_modification_feature 
# 
_pdbx_audit_revision_item.ordinal             1 
_pdbx_audit_revision_item.revision_ordinal    2 
_pdbx_audit_revision_item.data_content_type   'Structure model' 
_pdbx_audit_revision_item.item                '_pdbx_entry_details.has_protein_modification' 
# 
_pdbx_database_status.status_code                     REL 
_pdbx_database_status.status_code_sf                  REL 
_pdbx_database_status.status_code_mr                  ? 
_pdbx_database_status.entry_id                        7DMS 
_pdbx_database_status.recvd_initial_deposition_date   2020-12-07 
_pdbx_database_status.SG_entry                        N 
_pdbx_database_status.deposit_site                    PDBJ 
_pdbx_database_status.process_site                    PDBJ 
_pdbx_database_status.status_code_cs                  ? 
_pdbx_database_status.status_code_nmr_data            ? 
_pdbx_database_status.methods_development_category    ? 
_pdbx_database_status.pdb_format_compatible           Y 
# 
loop_
_audit_author.name 
_audit_author.pdbx_ordinal 
_audit_author.identifier_ORCID 
'Ouyang, S.'  1 ? 
'Hongxin, G.' 2 ? 
# 
_citation.abstract                  ? 
_citation.abstract_id_CAS           ? 
_citation.book_id_ISBN              ? 
_citation.book_publisher            ? 
_citation.book_publisher_city       ? 
_citation.book_title                ? 
_citation.coordinate_linkage        ? 
_citation.country                   ? 
_citation.database_id_Medline       ? 
_citation.details                   ? 
_citation.id                        primary 
_citation.journal_abbrev            'To Be Published' 
_citation.journal_id_ASTM           ? 
_citation.journal_id_CSD            0353 
_citation.journal_id_ISSN           ? 
_citation.journal_full              ? 
_citation.journal_issue             ? 
_citation.journal_volume            ? 
_citation.language                  ? 
_citation.page_first                ? 
_citation.page_last                 ? 
_citation.title                     'A Fe(II)-binding effector of Yersinia pseudotuberculosis' 
_citation.year                      ? 
_citation.database_id_CSD           ? 
_citation.pdbx_database_id_DOI      ? 
_citation.pdbx_database_id_PubMed   ? 
_citation.unpublished_flag          ? 
# 
loop_
_citation_author.citation_id 
_citation_author.name 
_citation_author.ordinal 
_citation_author.identifier_ORCID 
primary 'Ouyang, S.'  1 ? 
primary 'Hongxin, G.' 2 ? 
# 
loop_
_entity.id 
_entity.type 
_entity.src_method 
_entity.pdbx_description 
_entity.formula_weight 
_entity.pdbx_number_of_molecules 
_entity.pdbx_ec 
_entity.pdbx_mutation 
_entity.pdbx_fragment 
_entity.details 
1 polymer man 'Fe(II)-binding effector' 11050.014 1   ? ? ? ? 
2 water   nat water                     18.015    106 ? ? ? ? 
# 
_entity_poly.entity_id                      1 
_entity_poly.type                           'polypeptide(L)' 
_entity_poly.nstd_linkage                   no 
_entity_poly.nstd_monomer                   yes 
_entity_poly.pdbx_seq_one_letter_code       
;S(MSE)KTDNA(MSE)KKIKLAIDGINQAIDNFNEVQTFTTINQLNHFKEKL(MSE)NCEHLIQLNNIPDKSHRNLGISR
IIIDQWPFDSELGC(MSE)IINAESEYKSL
;
_entity_poly.pdbx_seq_one_letter_code_can   
;SMKTDNAMKKIKLAIDGINQAIDNFNEVQTFTTINQLNHFKEKLMNCEHLIQLNNIPDKSHRNLGISRIIIDQWPFDSEL
GCMIINAESEYKSL
;
_entity_poly.pdbx_strand_id                 A 
_entity_poly.pdbx_target_identifier         ? 
# 
_pdbx_entity_nonpoly.entity_id   2 
_pdbx_entity_nonpoly.name        water 
_pdbx_entity_nonpoly.comp_id     HOH 
# 
loop_
_entity_poly_seq.entity_id 
_entity_poly_seq.num 
_entity_poly_seq.mon_id 
_entity_poly_seq.hetero 
1 1  SER n 
1 2  MSE n 
1 3  LYS n 
1 4  THR n 
1 5  ASP n 
1 6  ASN n 
1 7  ALA n 
1 8  MSE n 
1 9  LYS n 
1 10 LYS n 
1 11 ILE n 
1 12 LYS n 
1 13 LEU n 
1 14 ALA n 
1 15 ILE n 
1 16 ASP n 
1 17 GLY n 
1 18 ILE n 
1 19 ASN n 
1 20 GLN n 
1 21 ALA n 
1 22 ILE n 
1 23 ASP n 
1 24 ASN n 
1 25 PHE n 
1 26 ASN n 
1 27 GLU n 
1 28 VAL n 
1 29 GLN n 
1 30 THR n 
1 31 PHE n 
1 32 THR n 
1 33 THR n 
1 34 ILE n 
1 35 ASN n 
1 36 GLN n 
1 37 LEU n 
1 38 ASN n 
1 39 HIS n 
1 40 PHE n 
1 41 LYS n 
1 42 GLU n 
1 43 LYS n 
1 44 LEU n 
1 45 MSE n 
1 46 ASN n 
1 47 CYS n 
1 48 GLU n 
1 49 HIS n 
1 50 LEU n 
1 51 ILE n 
1 52 GLN n 
1 53 LEU n 
1 54 ASN n 
1 55 ASN n 
1 56 ILE n 
1 57 PRO n 
1 58 ASP n 
1 59 LYS n 
1 60 SER n 
1 61 HIS n 
1 62 ARG n 
1 63 ASN n 
1 64 LEU n 
1 65 GLY n 
1 66 ILE n 
1 67 SER n 
1 68 ARG n 
1 69 ILE n 
1 70 ILE n 
1 71 ILE n 
1 72 ASP n 
1 73 GLN n 
1 74 TRP n 
1 75 PRO n 
1 76 PHE n 
1 77 ASP n 
1 78 SER n 
1 79 GLU n 
1 80 LEU n 
1 81 GLY n 
1 82 CYS n 
1 83 MSE n 
1 84 ILE n 
1 85 ILE n 
1 86 ASN n 
1 87 ALA n 
1 88 GLU n 
1 89 SER n 
1 90 GLU n 
1 91 TYR n 
1 92 LYS n 
1 93 SER n 
1 94 LEU n 
# 
_entity_src_gen.entity_id                          1 
_entity_src_gen.pdbx_src_id                        1 
_entity_src_gen.pdbx_alt_source_flag               sample 
_entity_src_gen.pdbx_seq_type                      'Biological sequence' 
_entity_src_gen.pdbx_beg_seq_num                   1 
_entity_src_gen.pdbx_end_seq_num                   94 
_entity_src_gen.gene_src_common_name               ? 
_entity_src_gen.gene_src_genus                     ? 
_entity_src_gen.pdbx_gene_src_gene                 YPTB3614 
_entity_src_gen.gene_src_species                   ? 
_entity_src_gen.gene_src_strain                    IP32953 
_entity_src_gen.gene_src_tissue                    ? 
_entity_src_gen.gene_src_tissue_fraction           ? 
_entity_src_gen.gene_src_details                   ? 
_entity_src_gen.pdbx_gene_src_fragment             ? 
_entity_src_gen.pdbx_gene_src_scientific_name      'Yersinia pseudotuberculosis serotype I (strain IP32953)' 
_entity_src_gen.pdbx_gene_src_ncbi_taxonomy_id     273123 
_entity_src_gen.pdbx_gene_src_variant              ? 
_entity_src_gen.pdbx_gene_src_cell_line            ? 
_entity_src_gen.pdbx_gene_src_atcc                 ? 
_entity_src_gen.pdbx_gene_src_organ                ? 
_entity_src_gen.pdbx_gene_src_organelle            ? 
_entity_src_gen.pdbx_gene_src_cell                 ? 
_entity_src_gen.pdbx_gene_src_cellular_location    ? 
_entity_src_gen.host_org_common_name               ? 
_entity_src_gen.pdbx_host_org_scientific_name      'Escherichia coli' 
_entity_src_gen.pdbx_host_org_ncbi_taxonomy_id     562 
_entity_src_gen.host_org_genus                     ? 
_entity_src_gen.pdbx_host_org_gene                 ? 
_entity_src_gen.pdbx_host_org_organ                ? 
_entity_src_gen.host_org_species                   ? 
_entity_src_gen.pdbx_host_org_tissue               ? 
_entity_src_gen.pdbx_host_org_tissue_fraction      ? 
_entity_src_gen.pdbx_host_org_strain               ? 
_entity_src_gen.pdbx_host_org_variant              ? 
_entity_src_gen.pdbx_host_org_cell_line            ? 
_entity_src_gen.pdbx_host_org_atcc                 ? 
_entity_src_gen.pdbx_host_org_culture_collection   ? 
_entity_src_gen.pdbx_host_org_cell                 ? 
_entity_src_gen.pdbx_host_org_organelle            ? 
_entity_src_gen.pdbx_host_org_cellular_location    ? 
_entity_src_gen.pdbx_host_org_vector_type          ? 
_entity_src_gen.pdbx_host_org_vector               ? 
_entity_src_gen.host_org_details                   ? 
_entity_src_gen.expression_system_id               ? 
_entity_src_gen.plasmid_name                       ? 
_entity_src_gen.plasmid_details                    ? 
_entity_src_gen.pdbx_description                   ? 
# 
loop_
_chem_comp.id 
_chem_comp.type 
_chem_comp.mon_nstd_flag 
_chem_comp.name 
_chem_comp.pdbx_synonyms 
_chem_comp.formula 
_chem_comp.formula_weight 
ALA 'L-peptide linking' y ALANINE          ? 'C3 H7 N O2'     89.093  
ARG 'L-peptide linking' y ARGININE         ? 'C6 H15 N4 O2 1' 175.209 
ASN 'L-peptide linking' y ASPARAGINE       ? 'C4 H8 N2 O3'    132.118 
ASP 'L-peptide linking' y 'ASPARTIC ACID'  ? 'C4 H7 N O4'     133.103 
CYS 'L-peptide linking' y CYSTEINE         ? 'C3 H7 N O2 S'   121.158 
GLN 'L-peptide linking' y GLUTAMINE        ? 'C5 H10 N2 O3'   146.144 
GLU 'L-peptide linking' y 'GLUTAMIC ACID'  ? 'C5 H9 N O4'     147.129 
GLY 'peptide linking'   y GLYCINE          ? 'C2 H5 N O2'     75.067  
HIS 'L-peptide linking' y HISTIDINE        ? 'C6 H10 N3 O2 1' 156.162 
HOH non-polymer         . WATER            ? 'H2 O'           18.015  
ILE 'L-peptide linking' y ISOLEUCINE       ? 'C6 H13 N O2'    131.173 
LEU 'L-peptide linking' y LEUCINE          ? 'C6 H13 N O2'    131.173 
LYS 'L-peptide linking' y LYSINE           ? 'C6 H15 N2 O2 1' 147.195 
MSE 'L-peptide linking' n SELENOMETHIONINE ? 'C5 H11 N O2 Se' 196.106 
PHE 'L-peptide linking' y PHENYLALANINE    ? 'C9 H11 N O2'    165.189 
PRO 'L-peptide linking' y PROLINE          ? 'C5 H9 N O2'     115.130 
SER 'L-peptide linking' y SERINE           ? 'C3 H7 N O3'     105.093 
THR 'L-peptide linking' y THREONINE        ? 'C4 H9 N O3'     119.119 
TRP 'L-peptide linking' y TRYPTOPHAN       ? 'C11 H12 N2 O2'  204.225 
TYR 'L-peptide linking' y TYROSINE         ? 'C9 H11 N O3'    181.189 
VAL 'L-peptide linking' y VALINE           ? 'C5 H11 N O2'    117.146 
# 
loop_
_pdbx_poly_seq_scheme.asym_id 
_pdbx_poly_seq_scheme.entity_id 
_pdbx_poly_seq_scheme.seq_id 
_pdbx_poly_seq_scheme.mon_id 
_pdbx_poly_seq_scheme.ndb_seq_num 
_pdbx_poly_seq_scheme.pdb_seq_num 
_pdbx_poly_seq_scheme.auth_seq_num 
_pdbx_poly_seq_scheme.pdb_mon_id 
_pdbx_poly_seq_scheme.auth_mon_id 
_pdbx_poly_seq_scheme.pdb_strand_id 
_pdbx_poly_seq_scheme.pdb_ins_code 
_pdbx_poly_seq_scheme.hetero 
A 1 1  SER 1  0  0  SER SER A . n 
A 1 2  MSE 2  1  1  MSE MSE A . n 
A 1 3  LYS 3  2  2  LYS LYS A . n 
A 1 4  THR 4  3  3  THR THR A . n 
A 1 5  ASP 5  4  4  ASP ASP A . n 
A 1 6  ASN 6  5  5  ASN ASN A . n 
A 1 7  ALA 7  6  6  ALA ALA A . n 
A 1 8  MSE 8  7  7  MSE MSE A . n 
A 1 9  LYS 9  8  8  LYS LYS A . n 
A 1 10 LYS 10 9  9  LYS LYS A . n 
A 1 11 ILE 11 10 10 ILE ILE A . n 
A 1 12 LYS 12 11 11 LYS LYS A . n 
A 1 13 LEU 13 12 12 LEU LEU A . n 
A 1 14 ALA 14 13 13 ALA ALA A . n 
A 1 15 ILE 15 14 14 ILE ILE A . n 
A 1 16 ASP 16 15 15 ASP ASP A . n 
A 1 17 GLY 17 16 16 GLY GLY A . n 
A 1 18 ILE 18 17 17 ILE ILE A . n 
A 1 19 ASN 19 18 18 ASN ASN A . n 
A 1 20 GLN 20 19 19 GLN GLN A . n 
A 1 21 ALA 21 20 20 ALA ALA A . n 
A 1 22 ILE 22 21 21 ILE ILE A . n 
A 1 23 ASP 23 22 22 ASP ASP A . n 
A 1 24 ASN 24 23 23 ASN ASN A . n 
A 1 25 PHE 25 24 24 PHE PHE A . n 
A 1 26 ASN 26 25 25 ASN ASN A . n 
A 1 27 GLU 27 26 26 GLU GLU A . n 
A 1 28 VAL 28 27 27 VAL VAL A . n 
A 1 29 GLN 29 28 28 GLN GLN A . n 
A 1 30 THR 30 29 29 THR THR A . n 
A 1 31 PHE 31 30 30 PHE PHE A . n 
A 1 32 THR 32 31 31 THR THR A . n 
A 1 33 THR 33 32 32 THR THR A . n 
A 1 34 ILE 34 33 33 ILE ILE A . n 
A 1 35 ASN 35 34 34 ASN ASN A . n 
A 1 36 GLN 36 35 35 GLN GLN A . n 
A 1 37 LEU 37 36 36 LEU LEU A . n 
A 1 38 ASN 38 37 37 ASN ASN A . n 
A 1 39 HIS 39 38 38 HIS HIS A . n 
A 1 40 PHE 40 39 39 PHE PHE A . n 
A 1 41 LYS 41 40 40 LYS LYS A . n 
A 1 42 GLU 42 41 41 GLU GLU A . n 
A 1 43 LYS 43 42 42 LYS LYS A . n 
A 1 44 LEU 44 43 43 LEU LEU A . n 
A 1 45 MSE 45 44 44 MSE MSE A . n 
A 1 46 ASN 46 45 45 ASN ASN A . n 
A 1 47 CYS 47 46 46 CYS CYS A . n 
A 1 48 GLU 48 47 47 GLU GLU A . n 
A 1 49 HIS 49 48 48 HIS HIS A . n 
A 1 50 LEU 50 49 49 LEU LEU A . n 
A 1 51 ILE 51 50 50 ILE ILE A . n 
A 1 52 GLN 52 51 51 GLN GLN A . n 
A 1 53 LEU 53 52 52 LEU LEU A . n 
A 1 54 ASN 54 53 53 ASN ASN A . n 
A 1 55 ASN 55 54 54 ASN ASN A . n 
A 1 56 ILE 56 55 55 ILE ILE A . n 
A 1 57 PRO 57 56 56 PRO PRO A . n 
A 1 58 ASP 58 57 57 ASP ASP A . n 
A 1 59 LYS 59 58 58 LYS LYS A . n 
A 1 60 SER 60 59 59 SER SER A . n 
A 1 61 HIS 61 60 60 HIS HIS A . n 
A 1 62 ARG 62 61 61 ARG ARG A . n 
A 1 63 ASN 63 62 62 ASN ASN A . n 
A 1 64 LEU 64 63 63 LEU LEU A . n 
A 1 65 GLY 65 64 64 GLY GLY A . n 
A 1 66 ILE 66 65 65 ILE ILE A . n 
A 1 67 SER 67 66 66 SER SER A . n 
A 1 68 ARG 68 67 67 ARG ARG A . n 
A 1 69 ILE 69 68 68 ILE ILE A . n 
A 1 70 ILE 70 69 69 ILE ILE A . n 
A 1 71 ILE 71 70 70 ILE ILE A . n 
A 1 72 ASP 72 71 71 ASP ASP A . n 
A 1 73 GLN 73 72 72 GLN GLN A . n 
A 1 74 TRP 74 73 73 TRP TRP A . n 
A 1 75 PRO 75 74 74 PRO PRO A . n 
A 1 76 PHE 76 75 75 PHE PHE A . n 
A 1 77 ASP 77 76 76 ASP ASP A . n 
A 1 78 SER 78 77 77 SER SER A . n 
A 1 79 GLU 79 78 78 GLU GLU A . n 
A 1 80 LEU 80 79 79 LEU LEU A . n 
A 1 81 GLY 81 80 80 GLY GLY A . n 
A 1 82 CYS 82 81 81 CYS CYS A . n 
A 1 83 MSE 83 82 82 MSE MSE A . n 
A 1 84 ILE 84 83 83 ILE ILE A . n 
A 1 85 ILE 85 84 84 ILE ILE A . n 
A 1 86 ASN 86 85 85 ASN ASN A . n 
A 1 87 ALA 87 86 86 ALA ALA A . n 
A 1 88 GLU 88 87 87 GLU GLU A . n 
A 1 89 SER 89 88 88 SER SER A . n 
A 1 90 GLU 90 89 89 GLU GLU A . n 
A 1 91 TYR 91 90 90 TYR TYR A . n 
A 1 92 LYS 92 91 91 LYS LYS A . n 
A 1 93 SER 93 92 92 SER SER A . n 
A 1 94 LEU 94 93 93 LEU LEU A . n 
# 
loop_
_pdbx_nonpoly_scheme.asym_id 
_pdbx_nonpoly_scheme.entity_id 
_pdbx_nonpoly_scheme.mon_id 
_pdbx_nonpoly_scheme.ndb_seq_num 
_pdbx_nonpoly_scheme.pdb_seq_num 
_pdbx_nonpoly_scheme.auth_seq_num 
_pdbx_nonpoly_scheme.pdb_mon_id 
_pdbx_nonpoly_scheme.auth_mon_id 
_pdbx_nonpoly_scheme.pdb_strand_id 
_pdbx_nonpoly_scheme.pdb_ins_code 
B 2 HOH 1   101 22  HOH HOH A . 
B 2 HOH 2   102 4   HOH HOH A . 
B 2 HOH 3   103 98  HOH HOH A . 
B 2 HOH 4   104 85  HOH HOH A . 
B 2 HOH 5   105 71  HOH HOH A . 
B 2 HOH 6   106 67  HOH HOH A . 
B 2 HOH 7   107 69  HOH HOH A . 
B 2 HOH 8   108 72  HOH HOH A . 
B 2 HOH 9   109 37  HOH HOH A . 
B 2 HOH 10  110 30  HOH HOH A . 
B 2 HOH 11  111 73  HOH HOH A . 
B 2 HOH 12  112 49  HOH HOH A . 
B 2 HOH 13  113 33  HOH HOH A . 
B 2 HOH 14  114 48  HOH HOH A . 
B 2 HOH 15  115 80  HOH HOH A . 
B 2 HOH 16  116 19  HOH HOH A . 
B 2 HOH 17  117 43  HOH HOH A . 
B 2 HOH 18  118 14  HOH HOH A . 
B 2 HOH 19  119 12  HOH HOH A . 
B 2 HOH 20  120 13  HOH HOH A . 
B 2 HOH 21  121 1   HOH HOH A . 
B 2 HOH 22  122 78  HOH HOH A . 
B 2 HOH 23  123 54  HOH HOH A . 
B 2 HOH 24  124 18  HOH HOH A . 
B 2 HOH 25  125 92  HOH HOH A . 
B 2 HOH 26  126 3   HOH HOH A . 
B 2 HOH 27  127 101 HOH HOH A . 
B 2 HOH 28  128 97  HOH HOH A . 
B 2 HOH 29  129 82  HOH HOH A . 
B 2 HOH 30  130 68  HOH HOH A . 
B 2 HOH 31  131 25  HOH HOH A . 
B 2 HOH 32  132 76  HOH HOH A . 
B 2 HOH 33  133 17  HOH HOH A . 
B 2 HOH 34  134 8   HOH HOH A . 
B 2 HOH 35  135 87  HOH HOH A . 
B 2 HOH 36  136 47  HOH HOH A . 
B 2 HOH 37  137 5   HOH HOH A . 
B 2 HOH 38  138 32  HOH HOH A . 
B 2 HOH 39  139 29  HOH HOH A . 
B 2 HOH 40  140 9   HOH HOH A . 
B 2 HOH 41  141 41  HOH HOH A . 
B 2 HOH 42  142 93  HOH HOH A . 
B 2 HOH 43  143 16  HOH HOH A . 
B 2 HOH 44  144 11  HOH HOH A . 
B 2 HOH 45  145 106 HOH HOH A . 
B 2 HOH 46  146 45  HOH HOH A . 
B 2 HOH 47  147 28  HOH HOH A . 
B 2 HOH 48  148 10  HOH HOH A . 
B 2 HOH 49  149 2   HOH HOH A . 
B 2 HOH 50  150 61  HOH HOH A . 
B 2 HOH 51  151 102 HOH HOH A . 
B 2 HOH 52  152 75  HOH HOH A . 
B 2 HOH 53  153 6   HOH HOH A . 
B 2 HOH 54  154 15  HOH HOH A . 
B 2 HOH 55  155 7   HOH HOH A . 
B 2 HOH 56  156 59  HOH HOH A . 
B 2 HOH 57  157 36  HOH HOH A . 
B 2 HOH 58  158 81  HOH HOH A . 
B 2 HOH 59  159 83  HOH HOH A . 
B 2 HOH 60  160 57  HOH HOH A . 
B 2 HOH 61  161 91  HOH HOH A . 
B 2 HOH 62  162 26  HOH HOH A . 
B 2 HOH 63  163 42  HOH HOH A . 
B 2 HOH 64  164 24  HOH HOH A . 
B 2 HOH 65  165 23  HOH HOH A . 
B 2 HOH 66  166 65  HOH HOH A . 
B 2 HOH 67  167 44  HOH HOH A . 
B 2 HOH 68  168 31  HOH HOH A . 
B 2 HOH 69  169 77  HOH HOH A . 
B 2 HOH 70  170 99  HOH HOH A . 
B 2 HOH 71  171 53  HOH HOH A . 
B 2 HOH 72  172 96  HOH HOH A . 
B 2 HOH 73  173 90  HOH HOH A . 
B 2 HOH 74  174 88  HOH HOH A . 
B 2 HOH 75  175 89  HOH HOH A . 
B 2 HOH 76  176 35  HOH HOH A . 
B 2 HOH 77  177 34  HOH HOH A . 
B 2 HOH 78  178 66  HOH HOH A . 
B 2 HOH 79  179 56  HOH HOH A . 
B 2 HOH 80  180 79  HOH HOH A . 
B 2 HOH 81  181 94  HOH HOH A . 
B 2 HOH 82  182 21  HOH HOH A . 
B 2 HOH 83  183 20  HOH HOH A . 
B 2 HOH 84  184 27  HOH HOH A . 
B 2 HOH 85  185 55  HOH HOH A . 
B 2 HOH 86  186 74  HOH HOH A . 
B 2 HOH 87  187 84  HOH HOH A . 
B 2 HOH 88  188 46  HOH HOH A . 
B 2 HOH 89  189 60  HOH HOH A . 
B 2 HOH 90  190 58  HOH HOH A . 
B 2 HOH 91  191 62  HOH HOH A . 
B 2 HOH 92  192 100 HOH HOH A . 
B 2 HOH 93  193 105 HOH HOH A . 
B 2 HOH 94  194 95  HOH HOH A . 
B 2 HOH 95  195 52  HOH HOH A . 
B 2 HOH 96  196 103 HOH HOH A . 
B 2 HOH 97  197 50  HOH HOH A . 
B 2 HOH 98  198 63  HOH HOH A . 
B 2 HOH 99  199 51  HOH HOH A . 
B 2 HOH 100 200 40  HOH HOH A . 
B 2 HOH 101 201 38  HOH HOH A . 
B 2 HOH 102 202 70  HOH HOH A . 
B 2 HOH 103 203 64  HOH HOH A . 
B 2 HOH 104 204 104 HOH HOH A . 
B 2 HOH 105 205 39  HOH HOH A . 
B 2 HOH 106 206 86  HOH HOH A . 
# 
loop_
_software.citation_id 
_software.classification 
_software.compiler_name 
_software.compiler_version 
_software.contact_author 
_software.contact_author_email 
_software.date 
_software.description 
_software.dependencies 
_software.hardware 
_software.language 
_software.location 
_software.mods 
_software.name 
_software.os 
_software.os_version 
_software.type 
_software.version 
_software.pdbx_ordinal 
? refinement        ? ? ? ? ? ? ? ? ? ? ? PHENIX      ? ? ? 1.16_3549 1 
? 'data extraction' ? ? ? ? ? ? ? ? ? ? ? PDB_EXTRACT ? ? ? 3.27      2 
? 'model building'  ? ? ? ? ? ? ? ? ? ? ? Coot        ? ? ? .         3 
? phasing           ? ? ? ? ? ? ? ? ? ? ? PHENIX      ? ? ? .         4 
# 
_cell.angle_alpha                  90.000 
_cell.angle_alpha_esd              ? 
_cell.angle_beta                   90.000 
_cell.angle_beta_esd               ? 
_cell.angle_gamma                  90.000 
_cell.angle_gamma_esd              ? 
_cell.entry_id                     7DMS 
_cell.details                      ? 
_cell.formula_units_Z              ? 
_cell.length_a                     29.904 
_cell.length_a_esd                 ? 
_cell.length_b                     47.465 
_cell.length_b_esd                 ? 
_cell.length_c                     67.638 
_cell.length_c_esd                 ? 
_cell.volume                       ? 
_cell.volume_esd                   ? 
_cell.Z_PDB                        4 
_cell.reciprocal_angle_alpha       ? 
_cell.reciprocal_angle_beta        ? 
_cell.reciprocal_angle_gamma       ? 
_cell.reciprocal_angle_alpha_esd   ? 
_cell.reciprocal_angle_beta_esd    ? 
_cell.reciprocal_angle_gamma_esd   ? 
_cell.reciprocal_length_a          ? 
_cell.reciprocal_length_b          ? 
_cell.reciprocal_length_c          ? 
_cell.reciprocal_length_a_esd      ? 
_cell.reciprocal_length_b_esd      ? 
_cell.reciprocal_length_c_esd      ? 
_cell.pdbx_unique_axis             ? 
# 
_symmetry.entry_id                         7DMS 
_symmetry.cell_setting                     ? 
_symmetry.Int_Tables_number                19 
_symmetry.space_group_name_Hall            ? 
_symmetry.space_group_name_H-M             'P 21 21 21' 
_symmetry.pdbx_full_space_group_name_H-M   ? 
# 
_exptl.absorpt_coefficient_mu     ? 
_exptl.absorpt_correction_T_max   ? 
_exptl.absorpt_correction_T_min   ? 
_exptl.absorpt_correction_type    ? 
_exptl.absorpt_process_details    ? 
_exptl.entry_id                   7DMS 
_exptl.crystals_number            1 
_exptl.details                    ? 
_exptl.method                     'X-RAY DIFFRACTION' 
_exptl.method_details             ? 
# 
_exptl_crystal.colour                      ? 
_exptl_crystal.density_diffrn              ? 
_exptl_crystal.density_Matthews            2.21 
_exptl_crystal.density_method              ? 
_exptl_crystal.density_percent_sol         44.33 
_exptl_crystal.description                 ? 
_exptl_crystal.F_000                       ? 
_exptl_crystal.id                          1 
_exptl_crystal.preparation                 ? 
_exptl_crystal.size_max                    ? 
_exptl_crystal.size_mid                    ? 
_exptl_crystal.size_min                    ? 
_exptl_crystal.size_rad                    ? 
_exptl_crystal.colour_lustre               ? 
_exptl_crystal.colour_modifier             ? 
_exptl_crystal.colour_primary              ? 
_exptl_crystal.density_meas                ? 
_exptl_crystal.density_meas_esd            ? 
_exptl_crystal.density_meas_gt             ? 
_exptl_crystal.density_meas_lt             ? 
_exptl_crystal.density_meas_temp           ? 
_exptl_crystal.density_meas_temp_esd       ? 
_exptl_crystal.density_meas_temp_gt        ? 
_exptl_crystal.density_meas_temp_lt        ? 
_exptl_crystal.pdbx_crystal_image_url      ? 
_exptl_crystal.pdbx_crystal_image_format   ? 
_exptl_crystal.pdbx_mosaicity              ? 
_exptl_crystal.pdbx_mosaicity_esd          ? 
# 
_exptl_crystal_grow.apparatus       ? 
_exptl_crystal_grow.atmosphere      ? 
_exptl_crystal_grow.crystal_id      1 
_exptl_crystal_grow.details         ? 
_exptl_crystal_grow.method          COUNTER-DIFFUSION 
_exptl_crystal_grow.method_ref      ? 
_exptl_crystal_grow.pH              5.0 
_exptl_crystal_grow.pressure        ? 
_exptl_crystal_grow.pressure_esd    ? 
_exptl_crystal_grow.seeding         ? 
_exptl_crystal_grow.seeding_ref     ? 
_exptl_crystal_grow.temp            289.15 
_exptl_crystal_grow.temp_details    ? 
_exptl_crystal_grow.temp_esd        ? 
_exptl_crystal_grow.time            ? 
_exptl_crystal_grow.pdbx_details    '0.1M sodium malonate pH 5.0, 12% w/v polyethylene glycol 3350' 
_exptl_crystal_grow.pdbx_pH_range   ? 
# 
_diffrn.ambient_environment              ? 
_diffrn.ambient_temp                     100 
_diffrn.ambient_temp_details             ? 
_diffrn.ambient_temp_esd                 ? 
_diffrn.crystal_id                       1 
_diffrn.crystal_support                  ? 
_diffrn.crystal_treatment                ? 
_diffrn.details                          ? 
_diffrn.id                               1 
_diffrn.ambient_pressure                 ? 
_diffrn.ambient_pressure_esd             ? 
_diffrn.ambient_pressure_gt              ? 
_diffrn.ambient_pressure_lt              ? 
_diffrn.ambient_temp_gt                  ? 
_diffrn.ambient_temp_lt                  ? 
_diffrn.pdbx_serial_crystal_experiment   N 
# 
_diffrn_detector.details                      ? 
_diffrn_detector.detector                     PIXEL 
_diffrn_detector.diffrn_id                    1 
_diffrn_detector.type                         'DECTRIS EIGER X 16M' 
_diffrn_detector.area_resol_mean              ? 
_diffrn_detector.dtime                        ? 
_diffrn_detector.pdbx_frames_total            ? 
_diffrn_detector.pdbx_collection_time_total   ? 
_diffrn_detector.pdbx_collection_date         2018-06-28 
_diffrn_detector.pdbx_frequency               ? 
# 
_diffrn_radiation.collimation                      ? 
_diffrn_radiation.diffrn_id                        1 
_diffrn_radiation.filter_edge                      ? 
_diffrn_radiation.inhomogeneity                    ? 
_diffrn_radiation.monochromator                    ? 
_diffrn_radiation.polarisn_norm                    ? 
_diffrn_radiation.polarisn_ratio                   ? 
_diffrn_radiation.probe                            ? 
_diffrn_radiation.type                             ? 
_diffrn_radiation.xray_symbol                      ? 
_diffrn_radiation.wavelength_id                    1 
_diffrn_radiation.pdbx_monochromatic_or_laue_m_l   M 
_diffrn_radiation.pdbx_wavelength_list             ? 
_diffrn_radiation.pdbx_wavelength                  ? 
_diffrn_radiation.pdbx_diffrn_protocol             'SINGLE WAVELENGTH' 
_diffrn_radiation.pdbx_analyzer                    ? 
_diffrn_radiation.pdbx_scattering_type             x-ray 
# 
_diffrn_radiation_wavelength.id           1 
_diffrn_radiation_wavelength.wavelength   0.979 
_diffrn_radiation_wavelength.wt           1.0 
# 
_diffrn_source.current                     ? 
_diffrn_source.details                     ? 
_diffrn_source.diffrn_id                   1 
_diffrn_source.power                       ? 
_diffrn_source.size                        ? 
_diffrn_source.source                      SYNCHROTRON 
_diffrn_source.target                      ? 
_diffrn_source.type                        'SSRF BEAMLINE BL17U1' 
_diffrn_source.voltage                     ? 
_diffrn_source.take-off_angle              ? 
_diffrn_source.pdbx_wavelength_list        0.979 
_diffrn_source.pdbx_wavelength             ? 
_diffrn_source.pdbx_synchrotron_beamline   BL17U1 
_diffrn_source.pdbx_synchrotron_site       SSRF 
# 
_reflns.B_iso_Wilson_estimate            ? 
_reflns.entry_id                         7DMS 
_reflns.data_reduction_details           ? 
_reflns.data_reduction_method            ? 
_reflns.d_resolution_high                1.96 
_reflns.d_resolution_low                 33.82 
_reflns.details                          ? 
_reflns.limit_h_max                      ? 
_reflns.limit_h_min                      ? 
_reflns.limit_k_max                      ? 
_reflns.limit_k_min                      ? 
_reflns.limit_l_max                      ? 
_reflns.limit_l_min                      ? 
_reflns.number_all                       ? 
_reflns.number_obs                       42737 
_reflns.observed_criterion               ? 
_reflns.observed_criterion_F_max         ? 
_reflns.observed_criterion_F_min         ? 
_reflns.observed_criterion_I_max         ? 
_reflns.observed_criterion_I_min         ? 
_reflns.observed_criterion_sigma_F       ? 
_reflns.observed_criterion_sigma_I       ? 
_reflns.percent_possible_obs             97.1 
_reflns.R_free_details                   ? 
_reflns.Rmerge_F_all                     ? 
_reflns.Rmerge_F_obs                     ? 
_reflns.Friedel_coverage                 ? 
_reflns.number_gt                        ? 
_reflns.threshold_expression             ? 
_reflns.pdbx_redundancy                  6.0 
_reflns.pdbx_Rmerge_I_obs                ? 
_reflns.pdbx_Rmerge_I_all                ? 
_reflns.pdbx_Rsym_value                  ? 
_reflns.pdbx_netI_over_av_sigmaI         ? 
_reflns.pdbx_netI_over_sigmaI            13.3 
_reflns.pdbx_res_netI_over_av_sigmaI_2   ? 
_reflns.pdbx_res_netI_over_sigmaI_2      ? 
_reflns.pdbx_chi_squared                 ? 
_reflns.pdbx_scaling_rejects             ? 
_reflns.pdbx_d_res_high_opt              ? 
_reflns.pdbx_d_res_low_opt               ? 
_reflns.pdbx_d_res_opt_method            ? 
_reflns.phase_calculation_details        ? 
_reflns.pdbx_Rrim_I_all                  ? 
_reflns.pdbx_Rpim_I_all                  ? 
_reflns.pdbx_d_opt                       ? 
_reflns.pdbx_number_measured_all         ? 
_reflns.pdbx_diffrn_id                   1 
_reflns.pdbx_ordinal                     1 
_reflns.pdbx_CC_half                     0.975 
_reflns.pdbx_CC_star                     ? 
_reflns.pdbx_R_split                     ? 
# 
_reflns_shell.d_res_high                  1.96 
_reflns_shell.d_res_low                   2.07 
_reflns_shell.meanI_over_sigI_all         ? 
_reflns_shell.meanI_over_sigI_obs         ? 
_reflns_shell.number_measured_all         ? 
_reflns_shell.number_measured_obs         ? 
_reflns_shell.number_possible             ? 
_reflns_shell.number_unique_all           ? 
_reflns_shell.number_unique_obs           6564 
_reflns_shell.percent_possible_all        ? 
_reflns_shell.percent_possible_obs        ? 
_reflns_shell.Rmerge_F_all                ? 
_reflns_shell.Rmerge_F_obs                ? 
_reflns_shell.Rmerge_I_all                ? 
_reflns_shell.Rmerge_I_obs                ? 
_reflns_shell.meanI_over_sigI_gt          ? 
_reflns_shell.meanI_over_uI_all           ? 
_reflns_shell.meanI_over_uI_gt            ? 
_reflns_shell.number_measured_gt          ? 
_reflns_shell.number_unique_gt            ? 
_reflns_shell.percent_possible_gt         ? 
_reflns_shell.Rmerge_F_gt                 ? 
_reflns_shell.Rmerge_I_gt                 ? 
_reflns_shell.pdbx_redundancy             ? 
_reflns_shell.pdbx_Rsym_value             ? 
_reflns_shell.pdbx_chi_squared            ? 
_reflns_shell.pdbx_netI_over_sigmaI_all   ? 
_reflns_shell.pdbx_netI_over_sigmaI_obs   ? 
_reflns_shell.pdbx_Rrim_I_all             ? 
_reflns_shell.pdbx_Rpim_I_all             ? 
_reflns_shell.pdbx_rejects                ? 
_reflns_shell.pdbx_ordinal                1 
_reflns_shell.pdbx_diffrn_id              1 
_reflns_shell.pdbx_CC_half                0.972 
_reflns_shell.pdbx_CC_star                ? 
_reflns_shell.pdbx_R_split                ? 
# 
_refine.aniso_B[1][1]                            ? 
_refine.aniso_B[1][2]                            ? 
_refine.aniso_B[1][3]                            ? 
_refine.aniso_B[2][2]                            ? 
_refine.aniso_B[2][3]                            ? 
_refine.aniso_B[3][3]                            ? 
_refine.B_iso_max                                77.810 
_refine.B_iso_mean                               14.3741 
_refine.B_iso_min                                0.390 
_refine.correlation_coeff_Fo_to_Fc               ? 
_refine.correlation_coeff_Fo_to_Fc_free          ? 
_refine.details                                  ? 
_refine.diff_density_max                         ? 
_refine.diff_density_max_esd                     ? 
_refine.diff_density_min                         ? 
_refine.diff_density_min_esd                     ? 
_refine.diff_density_rms                         ? 
_refine.diff_density_rms_esd                     ? 
_refine.entry_id                                 7DMS 
_refine.pdbx_refine_id                           'X-RAY DIFFRACTION' 
_refine.ls_abs_structure_details                 ? 
_refine.ls_abs_structure_Flack                   ? 
_refine.ls_abs_structure_Flack_esd               ? 
_refine.ls_abs_structure_Rogers                  ? 
_refine.ls_abs_structure_Rogers_esd              ? 
_refine.ls_d_res_high                            1.9600 
_refine.ls_d_res_low                             27.5430 
_refine.ls_extinction_coef                       ? 
_refine.ls_extinction_coef_esd                   ? 
_refine.ls_extinction_expression                 ? 
_refine.ls_extinction_method                     ? 
_refine.ls_goodness_of_fit_all                   ? 
_refine.ls_goodness_of_fit_all_esd               ? 
_refine.ls_goodness_of_fit_obs                   ? 
_refine.ls_goodness_of_fit_obs_esd               ? 
_refine.ls_hydrogen_treatment                    ? 
_refine.ls_matrix_type                           ? 
_refine.ls_number_constraints                    ? 
_refine.ls_number_parameters                     ? 
_refine.ls_number_reflns_all                     ? 
_refine.ls_number_reflns_obs                     7078 
_refine.ls_number_reflns_R_free                  359 
_refine.ls_number_reflns_R_work                  6719 
_refine.ls_number_restraints                     ? 
_refine.ls_percent_reflns_obs                    96.5100 
_refine.ls_percent_reflns_R_free                 5.0700 
_refine.ls_R_factor_all                          ? 
_refine.ls_R_factor_obs                          0.2057 
_refine.ls_R_factor_R_free                       0.2669 
_refine.ls_R_factor_R_free_error                 ? 
_refine.ls_R_factor_R_free_error_details         ? 
_refine.ls_R_factor_R_work                       0.2025 
_refine.ls_R_Fsqd_factor_obs                     ? 
_refine.ls_R_I_factor_obs                        ? 
_refine.ls_redundancy_reflns_all                 ? 
_refine.ls_redundancy_reflns_obs                 ? 
_refine.ls_restrained_S_all                      ? 
_refine.ls_restrained_S_obs                      ? 
_refine.ls_shift_over_esd_max                    ? 
_refine.ls_shift_over_esd_mean                   ? 
_refine.ls_structure_factor_coef                 ? 
_refine.ls_weighting_details                     ? 
_refine.ls_weighting_scheme                      ? 
_refine.ls_wR_factor_all                         ? 
_refine.ls_wR_factor_obs                         ? 
_refine.ls_wR_factor_R_free                      ? 
_refine.ls_wR_factor_R_work                      ? 
_refine.occupancy_max                            ? 
_refine.occupancy_min                            ? 
_refine.solvent_model_details                    'FLAT BULK SOLVENT MODEL' 
_refine.solvent_model_param_bsol                 ? 
_refine.solvent_model_param_ksol                 ? 
_refine.pdbx_R_complete                          ? 
_refine.ls_R_factor_gt                           ? 
_refine.ls_goodness_of_fit_gt                    ? 
_refine.ls_goodness_of_fit_ref                   ? 
_refine.ls_shift_over_su_max                     ? 
_refine.ls_shift_over_su_max_lt                  ? 
_refine.ls_shift_over_su_mean                    ? 
_refine.ls_shift_over_su_mean_lt                 ? 
_refine.pdbx_ls_sigma_I                          ? 
_refine.pdbx_ls_sigma_F                          1.340 
_refine.pdbx_ls_sigma_Fsqd                       ? 
_refine.pdbx_data_cutoff_high_absF               ? 
_refine.pdbx_data_cutoff_high_rms_absF           ? 
_refine.pdbx_data_cutoff_low_absF                ? 
_refine.pdbx_isotropic_thermal_model             ? 
_refine.pdbx_ls_cross_valid_method               THROUGHOUT 
_refine.pdbx_method_to_determine_struct          SAD 
_refine.pdbx_starting_model                      ? 
_refine.pdbx_stereochemistry_target_values       ML 
_refine.pdbx_R_Free_selection_details            ? 
_refine.pdbx_stereochem_target_val_spec_case     ? 
_refine.pdbx_overall_ESU_R                       ? 
_refine.pdbx_overall_ESU_R_Free                  ? 
_refine.pdbx_solvent_vdw_probe_radii             1.1100 
_refine.pdbx_solvent_ion_probe_radii             ? 
_refine.pdbx_solvent_shrinkage_radii             0.9000 
_refine.pdbx_real_space_R                        ? 
_refine.pdbx_density_correlation                 ? 
_refine.pdbx_pd_number_of_powder_patterns        ? 
_refine.pdbx_pd_number_of_points                 ? 
_refine.pdbx_pd_meas_number_of_points            ? 
_refine.pdbx_pd_proc_ls_prof_R_factor            ? 
_refine.pdbx_pd_proc_ls_prof_wR_factor           ? 
_refine.pdbx_pd_Marquardt_correlation_coeff      ? 
_refine.pdbx_pd_Fsqrd_R_factor                   ? 
_refine.pdbx_pd_ls_matrix_band_width             ? 
_refine.pdbx_overall_phase_error                 27.3700 
_refine.pdbx_overall_SU_R_free_Cruickshank_DPI   ? 
_refine.pdbx_overall_SU_R_free_Blow_DPI          ? 
_refine.pdbx_overall_SU_R_Blow_DPI               ? 
_refine.pdbx_TLS_residual_ADP_flag               ? 
_refine.pdbx_diffrn_id                           1 
_refine.overall_SU_B                             ? 
_refine.overall_SU_ML                            0.2000 
_refine.overall_SU_R_Cruickshank_DPI             ? 
_refine.overall_SU_R_free                        ? 
_refine.overall_FOM_free_R_set                   ? 
_refine.overall_FOM_work_R_set                   ? 
_refine.pdbx_average_fsc_overall                 ? 
_refine.pdbx_average_fsc_work                    ? 
_refine.pdbx_average_fsc_free                    ? 
# 
_refine_hist.pdbx_refine_id                   'X-RAY DIFFRACTION' 
_refine_hist.cycle_id                         final 
_refine_hist.details                          ? 
_refine_hist.d_res_high                       1.9600 
_refine_hist.d_res_low                        27.5430 
_refine_hist.number_atoms_solvent             106 
_refine_hist.number_atoms_total               864 
_refine_hist.number_reflns_all                ? 
_refine_hist.number_reflns_obs                ? 
_refine_hist.number_reflns_R_free             ? 
_refine_hist.number_reflns_R_work             ? 
_refine_hist.R_factor_all                     ? 
_refine_hist.R_factor_obs                     ? 
_refine_hist.R_factor_R_free                  ? 
_refine_hist.R_factor_R_work                  ? 
_refine_hist.pdbx_number_residues_total       94 
_refine_hist.pdbx_B_iso_mean_ligand           ? 
_refine_hist.pdbx_B_iso_mean_solvent          25.56 
_refine_hist.pdbx_number_atoms_protein        758 
_refine_hist.pdbx_number_atoms_nucleic_acid   0 
_refine_hist.pdbx_number_atoms_ligand         0 
_refine_hist.pdbx_number_atoms_lipid          ? 
_refine_hist.pdbx_number_atoms_carb           ? 
_refine_hist.pdbx_pseudo_atom_details         ? 
# 
loop_
_refine_ls_shell.pdbx_refine_id 
_refine_ls_shell.d_res_high 
_refine_ls_shell.d_res_low 
_refine_ls_shell.number_reflns_all 
_refine_ls_shell.number_reflns_obs 
_refine_ls_shell.number_reflns_R_free 
_refine_ls_shell.number_reflns_R_work 
_refine_ls_shell.percent_reflns_obs 
_refine_ls_shell.percent_reflns_R_free 
_refine_ls_shell.R_factor_all 
_refine_ls_shell.R_factor_obs 
_refine_ls_shell.R_factor_R_free 
_refine_ls_shell.R_factor_R_free_error 
_refine_ls_shell.R_factor_R_work 
_refine_ls_shell.redundancy_reflns_all 
_refine_ls_shell.redundancy_reflns_obs 
_refine_ls_shell.wR_factor_all 
_refine_ls_shell.wR_factor_obs 
_refine_ls_shell.wR_factor_R_free 
_refine_ls_shell.wR_factor_R_work 
_refine_ls_shell.pdbx_R_complete 
_refine_ls_shell.pdbx_total_number_of_bins_used 
_refine_ls_shell.pdbx_phase_error 
_refine_ls_shell.pdbx_fsc_work 
_refine_ls_shell.pdbx_fsc_free 
'X-RAY DIFFRACTION' 1.9602 2.2437 . . 122 2234 99.0000 . . . 0.2878 0.0000 0.1875 . . . . . . . . . . . 
'X-RAY DIFFRACTION' 2.2437 2.8264 . . 123 2137 94.0000 . . . 0.2481 0.0000 0.2130 . . . . . . . . . . . 
'X-RAY DIFFRACTION' 2.8264 27.54  . . 114 2348 97.0000 . . . 0.2680 0.0000 0.2041 . . . . . . . . . . . 
# 
_struct.entry_id                     7DMS 
_struct.title                        'A Fe(II)-binding effector of Yersinia pseudotuberculosis' 
_struct.pdbx_model_details           ? 
_struct.pdbx_formula_weight          ? 
_struct.pdbx_formula_weight_method   ? 
_struct.pdbx_model_type_details      ? 
_struct.pdbx_CASP_flag               N 
# 
_struct_keywords.entry_id        7DMS 
_struct_keywords.text            'Fe(II)-binding effector, METAL BINDING PROTEIN' 
_struct_keywords.pdbx_keywords   'METAL BINDING PROTEIN' 
# 
loop_
_struct_asym.id 
_struct_asym.pdbx_blank_PDB_chainid_flag 
_struct_asym.pdbx_modified 
_struct_asym.entity_id 
_struct_asym.details 
A N N 1 ? 
B N N 2 ? 
# 
_struct_ref.id                         1 
_struct_ref.db_name                    UNP 
_struct_ref.db_code                    Q665A4_YERPS 
_struct_ref.pdbx_db_accession          Q665A4 
_struct_ref.pdbx_db_isoform            ? 
_struct_ref.entity_id                  1 
_struct_ref.pdbx_seq_one_letter_code   
;MKTDNAMKKIKLAIDGINQAIDNFNEVQTFTTINQLNHFKEKLMNCEHLIQLNNIPDKSHRNLGISRIIIDQWPFDSELG
CMIINAESEYKSL
;
_struct_ref.pdbx_align_begin           1 
# 
_struct_ref_seq.align_id                      1 
_struct_ref_seq.ref_id                        1 
_struct_ref_seq.pdbx_PDB_id_code              7DMS 
_struct_ref_seq.pdbx_strand_id                A 
_struct_ref_seq.seq_align_beg                 2 
_struct_ref_seq.pdbx_seq_align_beg_ins_code   ? 
_struct_ref_seq.seq_align_end                 94 
_struct_ref_seq.pdbx_seq_align_end_ins_code   ? 
_struct_ref_seq.pdbx_db_accession             Q665A4 
_struct_ref_seq.db_align_beg                  1 
_struct_ref_seq.pdbx_db_align_beg_ins_code    ? 
_struct_ref_seq.db_align_end                  93 
_struct_ref_seq.pdbx_db_align_end_ins_code    ? 
_struct_ref_seq.pdbx_auth_seq_align_beg       1 
_struct_ref_seq.pdbx_auth_seq_align_end       93 
# 
_struct_ref_seq_dif.align_id                     1 
_struct_ref_seq_dif.pdbx_pdb_id_code             7DMS 
_struct_ref_seq_dif.mon_id                       SER 
_struct_ref_seq_dif.pdbx_pdb_strand_id           A 
_struct_ref_seq_dif.seq_num                      1 
_struct_ref_seq_dif.pdbx_pdb_ins_code            ? 
_struct_ref_seq_dif.pdbx_seq_db_name             UNP 
_struct_ref_seq_dif.pdbx_seq_db_accession_code   Q665A4 
_struct_ref_seq_dif.db_mon_id                    ? 
_struct_ref_seq_dif.pdbx_seq_db_seq_num          ? 
_struct_ref_seq_dif.details                      'expression tag' 
_struct_ref_seq_dif.pdbx_auth_seq_num            0 
_struct_ref_seq_dif.pdbx_ordinal                 1 
# 
_pdbx_struct_assembly.id                   1 
_pdbx_struct_assembly.details              author_defined_assembly 
_pdbx_struct_assembly.method_details       ? 
_pdbx_struct_assembly.oligomeric_details   monomeric 
_pdbx_struct_assembly.oligomeric_count     1 
# 
loop_
_pdbx_struct_assembly_prop.biol_id 
_pdbx_struct_assembly_prop.type 
_pdbx_struct_assembly_prop.value 
_pdbx_struct_assembly_prop.details 
1 'ABSA (A^2)' 0    ? 
1 MORE         0    ? 
1 'SSA (A^2)'  5840 ? 
# 
_pdbx_struct_assembly_gen.assembly_id       1 
_pdbx_struct_assembly_gen.oper_expression   1 
_pdbx_struct_assembly_gen.asym_id_list      A,B 
# 
_pdbx_struct_assembly_auth_evidence.id                     1 
_pdbx_struct_assembly_auth_evidence.assembly_id            1 
_pdbx_struct_assembly_auth_evidence.experimental_support   'gel filtration' 
_pdbx_struct_assembly_auth_evidence.details                ? 
# 
_pdbx_struct_oper_list.id                   1 
_pdbx_struct_oper_list.type                 'identity operation' 
_pdbx_struct_oper_list.name                 1_555 
_pdbx_struct_oper_list.symmetry_operation   x,y,z 
_pdbx_struct_oper_list.matrix[1][1]         1.0000000000 
_pdbx_struct_oper_list.matrix[1][2]         0.0000000000 
_pdbx_struct_oper_list.matrix[1][3]         0.0000000000 
_pdbx_struct_oper_list.vector[1]            0.0000000000 
_pdbx_struct_oper_list.matrix[2][1]         0.0000000000 
_pdbx_struct_oper_list.matrix[2][2]         1.0000000000 
_pdbx_struct_oper_list.matrix[2][3]         0.0000000000 
_pdbx_struct_oper_list.vector[2]            0.0000000000 
_pdbx_struct_oper_list.matrix[3][1]         0.0000000000 
_pdbx_struct_oper_list.matrix[3][2]         0.0000000000 
_pdbx_struct_oper_list.matrix[3][3]         1.0000000000 
_pdbx_struct_oper_list.vector[3]            0.0000000000 
# 
loop_
_struct_conf.conf_type_id 
_struct_conf.id 
_struct_conf.pdbx_PDB_helix_id 
_struct_conf.beg_label_comp_id 
_struct_conf.beg_label_asym_id 
_struct_conf.beg_label_seq_id 
_struct_conf.pdbx_beg_PDB_ins_code 
_struct_conf.end_label_comp_id 
_struct_conf.end_label_asym_id 
_struct_conf.end_label_seq_id 
_struct_conf.pdbx_end_PDB_ins_code 
_struct_conf.beg_auth_comp_id 
_struct_conf.beg_auth_asym_id 
_struct_conf.beg_auth_seq_id 
_struct_conf.end_auth_comp_id 
_struct_conf.end_auth_asym_id 
_struct_conf.end_auth_seq_id 
_struct_conf.pdbx_PDB_helix_class 
_struct_conf.details 
_struct_conf.pdbx_PDB_helix_length 
HELX_P HELX_P1 AA1 SER A 1  ? ASN A 24 ? SER A 0  ASN A 23 1 ? 24 
HELX_P HELX_P2 AA2 PHE A 25 ? VAL A 28 ? PHE A 24 VAL A 27 5 ? 4  
HELX_P HELX_P3 AA3 THR A 33 ? LEU A 53 ? THR A 32 LEU A 52 1 ? 21 
HELX_P HELX_P4 AA4 ASP A 58 ? ARG A 62 ? ASP A 57 ARG A 61 5 ? 5  
HELX_P HELX_P5 AA5 GLY A 65 ? TRP A 74 ? GLY A 64 TRP A 73 1 ? 10 
HELX_P HELX_P6 AA6 SER A 78 ? LEU A 94 ? SER A 77 LEU A 93 1 ? 17 
# 
_struct_conf_type.id          HELX_P 
_struct_conf_type.criteria    ? 
_struct_conf_type.reference   ? 
# 
loop_
_struct_conn.id 
_struct_conn.conn_type_id 
_struct_conn.pdbx_leaving_atom_flag 
_struct_conn.pdbx_PDB_id 
_struct_conn.ptnr1_label_asym_id 
_struct_conn.ptnr1_label_comp_id 
_struct_conn.ptnr1_label_seq_id 
_struct_conn.ptnr1_label_atom_id 
_struct_conn.pdbx_ptnr1_label_alt_id 
_struct_conn.pdbx_ptnr1_PDB_ins_code 
_struct_conn.pdbx_ptnr1_standard_comp_id 
_struct_conn.ptnr1_symmetry 
_struct_conn.ptnr2_label_asym_id 
_struct_conn.ptnr2_label_comp_id 
_struct_conn.ptnr2_label_seq_id 
_struct_conn.ptnr2_label_atom_id 
_struct_conn.pdbx_ptnr2_label_alt_id 
_struct_conn.pdbx_ptnr2_PDB_ins_code 
_struct_conn.ptnr1_auth_asym_id 
_struct_conn.ptnr1_auth_comp_id 
_struct_conn.ptnr1_auth_seq_id 
_struct_conn.ptnr2_auth_asym_id 
_struct_conn.ptnr2_auth_comp_id 
_struct_conn.ptnr2_auth_seq_id 
_struct_conn.ptnr2_symmetry 
_struct_conn.pdbx_ptnr3_label_atom_id 
_struct_conn.pdbx_ptnr3_label_seq_id 
_struct_conn.pdbx_ptnr3_label_comp_id 
_struct_conn.pdbx_ptnr3_label_asym_id 
_struct_conn.pdbx_ptnr3_label_alt_id 
_struct_conn.pdbx_ptnr3_PDB_ins_code 
_struct_conn.details 
_struct_conn.pdbx_dist_value 
_struct_conn.pdbx_value_order 
_struct_conn.pdbx_role 
covale1 covale both ? A SER 1  C ? ? ? 1_555 A MSE 2  N ? ? A SER 0  A MSE 1  1_555 ? ? ? ? ? ? ? 1.331 ? ? 
covale2 covale both ? A MSE 2  C ? ? ? 1_555 A LYS 3  N ? ? A MSE 1  A LYS 2  1_555 ? ? ? ? ? ? ? 1.331 ? ? 
covale3 covale both ? A ALA 7  C ? ? ? 1_555 A MSE 8  N ? ? A ALA 6  A MSE 7  1_555 ? ? ? ? ? ? ? 1.336 ? ? 
covale4 covale both ? A MSE 8  C ? ? ? 1_555 A LYS 9  N ? ? A MSE 7  A LYS 8  1_555 ? ? ? ? ? ? ? 1.332 ? ? 
covale5 covale both ? A LEU 44 C ? ? ? 1_555 A MSE 45 N ? ? A LEU 43 A MSE 44 1_555 ? ? ? ? ? ? ? 1.322 ? ? 
covale6 covale both ? A MSE 45 C ? ? ? 1_555 A ASN 46 N ? ? A MSE 44 A ASN 45 1_555 ? ? ? ? ? ? ? 1.331 ? ? 
covale7 covale both ? A CYS 82 C ? ? ? 1_555 A MSE 83 N ? ? A CYS 81 A MSE 82 1_555 ? ? ? ? ? ? ? 1.320 ? ? 
covale8 covale both ? A MSE 83 C ? ? ? 1_555 A ILE 84 N ? ? A MSE 82 A ILE 83 1_555 ? ? ? ? ? ? ? 1.334 ? ? 
# 
_struct_conn_type.id          covale 
_struct_conn_type.criteria    ? 
_struct_conn_type.reference   ? 
# 
loop_
_pdbx_modification_feature.ordinal 
_pdbx_modification_feature.label_comp_id 
_pdbx_modification_feature.label_asym_id 
_pdbx_modification_feature.label_seq_id 
_pdbx_modification_feature.label_alt_id 
_pdbx_modification_feature.modified_residue_label_comp_id 
_pdbx_modification_feature.modified_residue_label_asym_id 
_pdbx_modification_feature.modified_residue_label_seq_id 
_pdbx_modification_feature.modified_residue_label_alt_id 
_pdbx_modification_feature.auth_comp_id 
_pdbx_modification_feature.auth_asym_id 
_pdbx_modification_feature.auth_seq_id 
_pdbx_modification_feature.PDB_ins_code 
_pdbx_modification_feature.symmetry 
_pdbx_modification_feature.modified_residue_auth_comp_id 
_pdbx_modification_feature.modified_residue_auth_asym_id 
_pdbx_modification_feature.modified_residue_auth_seq_id 
_pdbx_modification_feature.modified_residue_PDB_ins_code 
_pdbx_modification_feature.modified_residue_symmetry 
_pdbx_modification_feature.comp_id_linking_atom 
_pdbx_modification_feature.modified_residue_id_linking_atom 
_pdbx_modification_feature.modified_residue_id 
_pdbx_modification_feature.ref_pcm_id 
_pdbx_modification_feature.ref_comp_id 
_pdbx_modification_feature.type 
_pdbx_modification_feature.category 
1 MSE A 2  ? . . . . MSE A 1  ? 1_555 . . . . . . . MET 1 MSE Selenomethionine 'Named protein modification' 
2 MSE A 8  ? . . . . MSE A 7  ? 1_555 . . . . . . . MET 1 MSE Selenomethionine 'Named protein modification' 
3 MSE A 45 ? . . . . MSE A 44 ? 1_555 . . . . . . . MET 1 MSE Selenomethionine 'Named protein modification' 
4 MSE A 83 ? . . . . MSE A 82 ? 1_555 . . . . . . . MET 1 MSE Selenomethionine 'Named protein modification' 
# 
_pdbx_entry_details.entry_id                   7DMS 
_pdbx_entry_details.has_ligand_of_interest     N 
_pdbx_entry_details.compound_details           ? 
_pdbx_entry_details.source_details             ? 
_pdbx_entry_details.nonpolymer_details         ? 
_pdbx_entry_details.sequence_details           ? 
_pdbx_entry_details.has_protein_modification   Y 
# 
loop_
_pdbx_validate_close_contact.id 
_pdbx_validate_close_contact.PDB_model_num 
_pdbx_validate_close_contact.auth_atom_id_1 
_pdbx_validate_close_contact.auth_asym_id_1 
_pdbx_validate_close_contact.auth_comp_id_1 
_pdbx_validate_close_contact.auth_seq_id_1 
_pdbx_validate_close_contact.PDB_ins_code_1 
_pdbx_validate_close_contact.label_alt_id_1 
_pdbx_validate_close_contact.auth_atom_id_2 
_pdbx_validate_close_contact.auth_asym_id_2 
_pdbx_validate_close_contact.auth_comp_id_2 
_pdbx_validate_close_contact.auth_seq_id_2 
_pdbx_validate_close_contact.PDB_ins_code_2 
_pdbx_validate_close_contact.label_alt_id_2 
_pdbx_validate_close_contact.dist 
1 1 O   A HOH 161 ? ? O A HOH 175 ? ? 2.00 
2 1 NZ  A LYS 9   ? ? O A HOH 101 ? ? 2.04 
3 1 O   A HOH 203 ? ? O A HOH 206 ? ? 2.13 
4 1 O   A HOH 106 ? ? O A HOH 169 ? ? 2.13 
5 1 OE2 A GLU 89  ? ? O A HOH 102 ? ? 2.18 
# 
_pdbx_validate_symm_contact.id                1 
_pdbx_validate_symm_contact.PDB_model_num     1 
_pdbx_validate_symm_contact.auth_atom_id_1    O 
_pdbx_validate_symm_contact.auth_asym_id_1    A 
_pdbx_validate_symm_contact.auth_comp_id_1    HOH 
_pdbx_validate_symm_contact.auth_seq_id_1     198 
_pdbx_validate_symm_contact.PDB_ins_code_1    ? 
_pdbx_validate_symm_contact.label_alt_id_1    ? 
_pdbx_validate_symm_contact.site_symmetry_1   1_555 
_pdbx_validate_symm_contact.auth_atom_id_2    O 
_pdbx_validate_symm_contact.auth_asym_id_2    A 
_pdbx_validate_symm_contact.auth_comp_id_2    HOH 
_pdbx_validate_symm_contact.auth_seq_id_2     200 
_pdbx_validate_symm_contact.PDB_ins_code_2    ? 
_pdbx_validate_symm_contact.label_alt_id_2    ? 
_pdbx_validate_symm_contact.site_symmetry_2   1_455 
_pdbx_validate_symm_contact.dist              2.00 
# 
loop_
_pdbx_validate_torsion.id 
_pdbx_validate_torsion.PDB_model_num 
_pdbx_validate_torsion.auth_comp_id 
_pdbx_validate_torsion.auth_asym_id 
_pdbx_validate_torsion.auth_seq_id 
_pdbx_validate_torsion.PDB_ins_code 
_pdbx_validate_torsion.label_alt_id 
_pdbx_validate_torsion.phi 
_pdbx_validate_torsion.psi 
1 1 ASN A 23 ? ? -119.41 57.22 
2 1 ASN A 54 ? ? -141.07 49.90 
# 
loop_
_pdbx_struct_mod_residue.id 
_pdbx_struct_mod_residue.label_asym_id 
_pdbx_struct_mod_residue.label_comp_id 
_pdbx_struct_mod_residue.label_seq_id 
_pdbx_struct_mod_residue.auth_asym_id 
_pdbx_struct_mod_residue.auth_comp_id 
_pdbx_struct_mod_residue.auth_seq_id 
_pdbx_struct_mod_residue.PDB_ins_code 
_pdbx_struct_mod_residue.parent_comp_id 
_pdbx_struct_mod_residue.details 
1 A MSE 2  A MSE 1  ? MET 'modified residue' 
2 A MSE 8  A MSE 7  ? MET 'modified residue' 
3 A MSE 45 A MSE 44 ? MET 'modified residue' 
4 A MSE 83 A MSE 82 ? MET 'modified residue' 
# 
_pdbx_refine_tls.id               1 
_pdbx_refine_tls.pdbx_refine_id   'X-RAY DIFFRACTION' 
_pdbx_refine_tls.details          ? 
_pdbx_refine_tls.method           refined 
_pdbx_refine_tls.origin_x         -0.1658 
_pdbx_refine_tls.origin_y         0.0797 
_pdbx_refine_tls.origin_z         -0.1039 
_pdbx_refine_tls.T[1][1]          0.0054 
_pdbx_refine_tls.T[1][1]_esd      ? 
_pdbx_refine_tls.T[1][2]          0.0000 
_pdbx_refine_tls.T[1][2]_esd      ? 
_pdbx_refine_tls.T[1][3]          -0.0032 
_pdbx_refine_tls.T[1][3]_esd      ? 
_pdbx_refine_tls.T[2][2]          0.0070 
_pdbx_refine_tls.T[2][2]_esd      ? 
_pdbx_refine_tls.T[2][3]          -0.0004 
_pdbx_refine_tls.T[2][3]_esd      ? 
_pdbx_refine_tls.T[3][3]          0.0099 
_pdbx_refine_tls.T[3][3]_esd      ? 
_pdbx_refine_tls.L[1][1]          0.1343 
_pdbx_refine_tls.L[1][1]_esd      ? 
_pdbx_refine_tls.L[1][2]          -0.0484 
_pdbx_refine_tls.L[1][2]_esd      ? 
_pdbx_refine_tls.L[1][3]          0.0598 
_pdbx_refine_tls.L[1][3]_esd      ? 
_pdbx_refine_tls.L[2][2]          0.1967 
_pdbx_refine_tls.L[2][2]_esd      ? 
_pdbx_refine_tls.L[2][3]          0.0380 
_pdbx_refine_tls.L[2][3]_esd      ? 
_pdbx_refine_tls.L[3][3]          0.1955 
_pdbx_refine_tls.L[3][3]_esd      ? 
_pdbx_refine_tls.S[1][1]          0.0216 
_pdbx_refine_tls.S[1][1]_esd      ? 
_pdbx_refine_tls.S[1][2]          0.0193 
_pdbx_refine_tls.S[1][2]_esd      ? 
_pdbx_refine_tls.S[1][3]          0.0331 
_pdbx_refine_tls.S[1][3]_esd      ? 
_pdbx_refine_tls.S[2][1]          -0.0338 
_pdbx_refine_tls.S[2][1]_esd      ? 
_pdbx_refine_tls.S[2][2]          -0.0155 
_pdbx_refine_tls.S[2][2]_esd      ? 
_pdbx_refine_tls.S[2][3]          0.0115 
_pdbx_refine_tls.S[2][3]_esd      ? 
_pdbx_refine_tls.S[3][1]          -0.0271 
_pdbx_refine_tls.S[3][1]_esd      ? 
_pdbx_refine_tls.S[3][2]          -0.0191 
_pdbx_refine_tls.S[3][2]_esd      ? 
_pdbx_refine_tls.S[3][3]          -0.0347 
_pdbx_refine_tls.S[3][3]_esd      ? 
# 
_pdbx_refine_tls_group.id                  1 
_pdbx_refine_tls_group.pdbx_refine_id      'X-RAY DIFFRACTION' 
_pdbx_refine_tls_group.refine_tls_id       1 
_pdbx_refine_tls_group.beg_label_asym_id   ? 
_pdbx_refine_tls_group.beg_label_seq_id    ? 
_pdbx_refine_tls_group.beg_auth_asym_id    ? 
_pdbx_refine_tls_group.beg_auth_seq_id     ? 
_pdbx_refine_tls_group.beg_PDB_ins_code    ? 
_pdbx_refine_tls_group.end_label_asym_id   ? 
_pdbx_refine_tls_group.end_label_seq_id    ? 
_pdbx_refine_tls_group.end_auth_asym_id    ? 
_pdbx_refine_tls_group.end_auth_seq_id     ? 
_pdbx_refine_tls_group.end_PDB_ins_code    ? 
_pdbx_refine_tls_group.selection           ? 
_pdbx_refine_tls_group.selection_details   all 
# 
loop_
_chem_comp_atom.comp_id 
_chem_comp_atom.atom_id 
_chem_comp_atom.type_symbol 
_chem_comp_atom.pdbx_aromatic_flag 
_chem_comp_atom.pdbx_stereo_config 
_chem_comp_atom.pdbx_ordinal 
ALA N    N  N N 1   
ALA CA   C  N S 2   
ALA C    C  N N 3   
ALA O    O  N N 4   
ALA CB   C  N N 5   
ALA OXT  O  N N 6   
ALA H    H  N N 7   
ALA H2   H  N N 8   
ALA HA   H  N N 9   
ALA HB1  H  N N 10  
ALA HB2  H  N N 11  
ALA HB3  H  N N 12  
ALA HXT  H  N N 13  
ARG N    N  N N 14  
ARG CA   C  N S 15  
ARG C    C  N N 16  
ARG O    O  N N 17  
ARG CB   C  N N 18  
ARG CG   C  N N 19  
ARG CD   C  N N 20  
ARG NE   N  N N 21  
ARG CZ   C  N N 22  
ARG NH1  N  N N 23  
ARG NH2  N  N N 24  
ARG OXT  O  N N 25  
ARG H    H  N N 26  
ARG H2   H  N N 27  
ARG HA   H  N N 28  
ARG HB2  H  N N 29  
ARG HB3  H  N N 30  
ARG HG2  H  N N 31  
ARG HG3  H  N N 32  
ARG HD2  H  N N 33  
ARG HD3  H  N N 34  
ARG HE   H  N N 35  
ARG HH11 H  N N 36  
ARG HH12 H  N N 37  
ARG HH21 H  N N 38  
ARG HH22 H  N N 39  
ARG HXT  H  N N 40  
ASN N    N  N N 41  
ASN CA   C  N S 42  
ASN C    C  N N 43  
ASN O    O  N N 44  
ASN CB   C  N N 45  
ASN CG   C  N N 46  
ASN OD1  O  N N 47  
ASN ND2  N  N N 48  
ASN OXT  O  N N 49  
ASN H    H  N N 50  
ASN H2   H  N N 51  
ASN HA   H  N N 52  
ASN HB2  H  N N 53  
ASN HB3  H  N N 54  
ASN HD21 H  N N 55  
ASN HD22 H  N N 56  
ASN HXT  H  N N 57  
ASP N    N  N N 58  
ASP CA   C  N S 59  
ASP C    C  N N 60  
ASP O    O  N N 61  
ASP CB   C  N N 62  
ASP CG   C  N N 63  
ASP OD1  O  N N 64  
ASP OD2  O  N N 65  
ASP OXT  O  N N 66  
ASP H    H  N N 67  
ASP H2   H  N N 68  
ASP HA   H  N N 69  
ASP HB2  H  N N 70  
ASP HB3  H  N N 71  
ASP HD2  H  N N 72  
ASP HXT  H  N N 73  
CYS N    N  N N 74  
CYS CA   C  N R 75  
CYS C    C  N N 76  
CYS O    O  N N 77  
CYS CB   C  N N 78  
CYS SG   S  N N 79  
CYS OXT  O  N N 80  
CYS H    H  N N 81  
CYS H2   H  N N 82  
CYS HA   H  N N 83  
CYS HB2  H  N N 84  
CYS HB3  H  N N 85  
CYS HG   H  N N 86  
CYS HXT  H  N N 87  
GLN N    N  N N 88  
GLN CA   C  N S 89  
GLN C    C  N N 90  
GLN O    O  N N 91  
GLN CB   C  N N 92  
GLN CG   C  N N 93  
GLN CD   C  N N 94  
GLN OE1  O  N N 95  
GLN NE2  N  N N 96  
GLN OXT  O  N N 97  
GLN H    H  N N 98  
GLN H2   H  N N 99  
GLN HA   H  N N 100 
GLN HB2  H  N N 101 
GLN HB3  H  N N 102 
GLN HG2  H  N N 103 
GLN HG3  H  N N 104 
GLN HE21 H  N N 105 
GLN HE22 H  N N 106 
GLN HXT  H  N N 107 
GLU N    N  N N 108 
GLU CA   C  N S 109 
GLU C    C  N N 110 
GLU O    O  N N 111 
GLU CB   C  N N 112 
GLU CG   C  N N 113 
GLU CD   C  N N 114 
GLU OE1  O  N N 115 
GLU OE2  O  N N 116 
GLU OXT  O  N N 117 
GLU H    H  N N 118 
GLU H2   H  N N 119 
GLU HA   H  N N 120 
GLU HB2  H  N N 121 
GLU HB3  H  N N 122 
GLU HG2  H  N N 123 
GLU HG3  H  N N 124 
GLU HE2  H  N N 125 
GLU HXT  H  N N 126 
GLY N    N  N N 127 
GLY CA   C  N N 128 
GLY C    C  N N 129 
GLY O    O  N N 130 
GLY OXT  O  N N 131 
GLY H    H  N N 132 
GLY H2   H  N N 133 
GLY HA2  H  N N 134 
GLY HA3  H  N N 135 
GLY HXT  H  N N 136 
HIS N    N  N N 137 
HIS CA   C  N S 138 
HIS C    C  N N 139 
HIS O    O  N N 140 
HIS CB   C  N N 141 
HIS CG   C  Y N 142 
HIS ND1  N  Y N 143 
HIS CD2  C  Y N 144 
HIS CE1  C  Y N 145 
HIS NE2  N  Y N 146 
HIS OXT  O  N N 147 
HIS H    H  N N 148 
HIS H2   H  N N 149 
HIS HA   H  N N 150 
HIS HB2  H  N N 151 
HIS HB3  H  N N 152 
HIS HD1  H  N N 153 
HIS HD2  H  N N 154 
HIS HE1  H  N N 155 
HIS HE2  H  N N 156 
HIS HXT  H  N N 157 
HOH O    O  N N 158 
HOH H1   H  N N 159 
HOH H2   H  N N 160 
ILE N    N  N N 161 
ILE CA   C  N S 162 
ILE C    C  N N 163 
ILE O    O  N N 164 
ILE CB   C  N S 165 
ILE CG1  C  N N 166 
ILE CG2  C  N N 167 
ILE CD1  C  N N 168 
ILE OXT  O  N N 169 
ILE H    H  N N 170 
ILE H2   H  N N 171 
ILE HA   H  N N 172 
ILE HB   H  N N 173 
ILE HG12 H  N N 174 
ILE HG13 H  N N 175 
ILE HG21 H  N N 176 
ILE HG22 H  N N 177 
ILE HG23 H  N N 178 
ILE HD11 H  N N 179 
ILE HD12 H  N N 180 
ILE HD13 H  N N 181 
ILE HXT  H  N N 182 
LEU N    N  N N 183 
LEU CA   C  N S 184 
LEU C    C  N N 185 
LEU O    O  N N 186 
LEU CB   C  N N 187 
LEU CG   C  N N 188 
LEU CD1  C  N N 189 
LEU CD2  C  N N 190 
LEU OXT  O  N N 191 
LEU H    H  N N 192 
LEU H2   H  N N 193 
LEU HA   H  N N 194 
LEU HB2  H  N N 195 
LEU HB3  H  N N 196 
LEU HG   H  N N 197 
LEU HD11 H  N N 198 
LEU HD12 H  N N 199 
LEU HD13 H  N N 200 
LEU HD21 H  N N 201 
LEU HD22 H  N N 202 
LEU HD23 H  N N 203 
LEU HXT  H  N N 204 
LYS N    N  N N 205 
LYS CA   C  N S 206 
LYS C    C  N N 207 
LYS O    O  N N 208 
LYS CB   C  N N 209 
LYS CG   C  N N 210 
LYS CD   C  N N 211 
LYS CE   C  N N 212 
LYS NZ   N  N N 213 
LYS OXT  O  N N 214 
LYS H    H  N N 215 
LYS H2   H  N N 216 
LYS HA   H  N N 217 
LYS HB2  H  N N 218 
LYS HB3  H  N N 219 
LYS HG2  H  N N 220 
LYS HG3  H  N N 221 
LYS HD2  H  N N 222 
LYS HD3  H  N N 223 
LYS HE2  H  N N 224 
LYS HE3  H  N N 225 
LYS HZ1  H  N N 226 
LYS HZ2  H  N N 227 
LYS HZ3  H  N N 228 
LYS HXT  H  N N 229 
MSE N    N  N N 230 
MSE CA   C  N S 231 
MSE C    C  N N 232 
MSE O    O  N N 233 
MSE OXT  O  N N 234 
MSE CB   C  N N 235 
MSE CG   C  N N 236 
MSE SE   SE N N 237 
MSE CE   C  N N 238 
MSE H    H  N N 239 
MSE H2   H  N N 240 
MSE HA   H  N N 241 
MSE HXT  H  N N 242 
MSE HB2  H  N N 243 
MSE HB3  H  N N 244 
MSE HG2  H  N N 245 
MSE HG3  H  N N 246 
MSE HE1  H  N N 247 
MSE HE2  H  N N 248 
MSE HE3  H  N N 249 
PHE N    N  N N 250 
PHE CA   C  N S 251 
PHE C    C  N N 252 
PHE O    O  N N 253 
PHE CB   C  N N 254 
PHE CG   C  Y N 255 
PHE CD1  C  Y N 256 
PHE CD2  C  Y N 257 
PHE CE1  C  Y N 258 
PHE CE2  C  Y N 259 
PHE CZ   C  Y N 260 
PHE OXT  O  N N 261 
PHE H    H  N N 262 
PHE H2   H  N N 263 
PHE HA   H  N N 264 
PHE HB2  H  N N 265 
PHE HB3  H  N N 266 
PHE HD1  H  N N 267 
PHE HD2  H  N N 268 
PHE HE1  H  N N 269 
PHE HE2  H  N N 270 
PHE HZ   H  N N 271 
PHE HXT  H  N N 272 
PRO N    N  N N 273 
PRO CA   C  N S 274 
PRO C    C  N N 275 
PRO O    O  N N 276 
PRO CB   C  N N 277 
PRO CG   C  N N 278 
PRO CD   C  N N 279 
PRO OXT  O  N N 280 
PRO H    H  N N 281 
PRO HA   H  N N 282 
PRO HB2  H  N N 283 
PRO HB3  H  N N 284 
PRO HG2  H  N N 285 
PRO HG3  H  N N 286 
PRO HD2  H  N N 287 
PRO HD3  H  N N 288 
PRO HXT  H  N N 289 
SER N    N  N N 290 
SER CA   C  N S 291 
SER C    C  N N 292 
SER O    O  N N 293 
SER CB   C  N N 294 
SER OG   O  N N 295 
SER OXT  O  N N 296 
SER H    H  N N 297 
SER H2   H  N N 298 
SER HA   H  N N 299 
SER HB2  H  N N 300 
SER HB3  H  N N 301 
SER HG   H  N N 302 
SER HXT  H  N N 303 
THR N    N  N N 304 
THR CA   C  N S 305 
THR C    C  N N 306 
THR O    O  N N 307 
THR CB   C  N R 308 
THR OG1  O  N N 309 
THR CG2  C  N N 310 
THR OXT  O  N N 311 
THR H    H  N N 312 
THR H2   H  N N 313 
THR HA   H  N N 314 
THR HB   H  N N 315 
THR HG1  H  N N 316 
THR HG21 H  N N 317 
THR HG22 H  N N 318 
THR HG23 H  N N 319 
THR HXT  H  N N 320 
TRP N    N  N N 321 
TRP CA   C  N S 322 
TRP C    C  N N 323 
TRP O    O  N N 324 
TRP CB   C  N N 325 
TRP CG   C  Y N 326 
TRP CD1  C  Y N 327 
TRP CD2  C  Y N 328 
TRP NE1  N  Y N 329 
TRP CE2  C  Y N 330 
TRP CE3  C  Y N 331 
TRP CZ2  C  Y N 332 
TRP CZ3  C  Y N 333 
TRP CH2  C  Y N 334 
TRP OXT  O  N N 335 
TRP H    H  N N 336 
TRP H2   H  N N 337 
TRP HA   H  N N 338 
TRP HB2  H  N N 339 
TRP HB3  H  N N 340 
TRP HD1  H  N N 341 
TRP HE1  H  N N 342 
TRP HE3  H  N N 343 
TRP HZ2  H  N N 344 
TRP HZ3  H  N N 345 
TRP HH2  H  N N 346 
TRP HXT  H  N N 347 
TYR N    N  N N 348 
TYR CA   C  N S 349 
TYR C    C  N N 350 
TYR O    O  N N 351 
TYR CB   C  N N 352 
TYR CG   C  Y N 353 
TYR CD1  C  Y N 354 
TYR CD2  C  Y N 355 
TYR CE1  C  Y N 356 
TYR CE2  C  Y N 357 
TYR CZ   C  Y N 358 
TYR OH   O  N N 359 
TYR OXT  O  N N 360 
TYR H    H  N N 361 
TYR H2   H  N N 362 
TYR HA   H  N N 363 
TYR HB2  H  N N 364 
TYR HB3  H  N N 365 
TYR HD1  H  N N 366 
TYR HD2  H  N N 367 
TYR HE1  H  N N 368 
TYR HE2  H  N N 369 
TYR HH   H  N N 370 
TYR HXT  H  N N 371 
VAL N    N  N N 372 
VAL CA   C  N S 373 
VAL C    C  N N 374 
VAL O    O  N N 375 
VAL CB   C  N N 376 
VAL CG1  C  N N 377 
VAL CG2  C  N N 378 
VAL OXT  O  N N 379 
VAL H    H  N N 380 
VAL H2   H  N N 381 
VAL HA   H  N N 382 
VAL HB   H  N N 383 
VAL HG11 H  N N 384 
VAL HG12 H  N N 385 
VAL HG13 H  N N 386 
VAL HG21 H  N N 387 
VAL HG22 H  N N 388 
VAL HG23 H  N N 389 
VAL HXT  H  N N 390 
# 
loop_
_chem_comp_bond.comp_id 
_chem_comp_bond.atom_id_1 
_chem_comp_bond.atom_id_2 
_chem_comp_bond.value_order 
_chem_comp_bond.pdbx_aromatic_flag 
_chem_comp_bond.pdbx_stereo_config 
_chem_comp_bond.pdbx_ordinal 
ALA N   CA   sing N N 1   
ALA N   H    sing N N 2   
ALA N   H2   sing N N 3   
ALA CA  C    sing N N 4   
ALA CA  CB   sing N N 5   
ALA CA  HA   sing N N 6   
ALA C   O    doub N N 7   
ALA C   OXT  sing N N 8   
ALA CB  HB1  sing N N 9   
ALA CB  HB2  sing N N 10  
ALA CB  HB3  sing N N 11  
ALA OXT HXT  sing N N 12  
ARG N   CA   sing N N 13  
ARG N   H    sing N N 14  
ARG N   H2   sing N N 15  
ARG CA  C    sing N N 16  
ARG CA  CB   sing N N 17  
ARG CA  HA   sing N N 18  
ARG C   O    doub N N 19  
ARG C   OXT  sing N N 20  
ARG CB  CG   sing N N 21  
ARG CB  HB2  sing N N 22  
ARG CB  HB3  sing N N 23  
ARG CG  CD   sing N N 24  
ARG CG  HG2  sing N N 25  
ARG CG  HG3  sing N N 26  
ARG CD  NE   sing N N 27  
ARG CD  HD2  sing N N 28  
ARG CD  HD3  sing N N 29  
ARG NE  CZ   sing N N 30  
ARG NE  HE   sing N N 31  
ARG CZ  NH1  sing N N 32  
ARG CZ  NH2  doub N N 33  
ARG NH1 HH11 sing N N 34  
ARG NH1 HH12 sing N N 35  
ARG NH2 HH21 sing N N 36  
ARG NH2 HH22 sing N N 37  
ARG OXT HXT  sing N N 38  
ASN N   CA   sing N N 39  
ASN N   H    sing N N 40  
ASN N   H2   sing N N 41  
ASN CA  C    sing N N 42  
ASN CA  CB   sing N N 43  
ASN CA  HA   sing N N 44  
ASN C   O    doub N N 45  
ASN C   OXT  sing N N 46  
ASN CB  CG   sing N N 47  
ASN CB  HB2  sing N N 48  
ASN CB  HB3  sing N N 49  
ASN CG  OD1  doub N N 50  
ASN CG  ND2  sing N N 51  
ASN ND2 HD21 sing N N 52  
ASN ND2 HD22 sing N N 53  
ASN OXT HXT  sing N N 54  
ASP N   CA   sing N N 55  
ASP N   H    sing N N 56  
ASP N   H2   sing N N 57  
ASP CA  C    sing N N 58  
ASP CA  CB   sing N N 59  
ASP CA  HA   sing N N 60  
ASP C   O    doub N N 61  
ASP C   OXT  sing N N 62  
ASP CB  CG   sing N N 63  
ASP CB  HB2  sing N N 64  
ASP CB  HB3  sing N N 65  
ASP CG  OD1  doub N N 66  
ASP CG  OD2  sing N N 67  
ASP OD2 HD2  sing N N 68  
ASP OXT HXT  sing N N 69  
CYS N   CA   sing N N 70  
CYS N   H    sing N N 71  
CYS N   H2   sing N N 72  
CYS CA  C    sing N N 73  
CYS CA  CB   sing N N 74  
CYS CA  HA   sing N N 75  
CYS C   O    doub N N 76  
CYS C   OXT  sing N N 77  
CYS CB  SG   sing N N 78  
CYS CB  HB2  sing N N 79  
CYS CB  HB3  sing N N 80  
CYS SG  HG   sing N N 81  
CYS OXT HXT  sing N N 82  
GLN N   CA   sing N N 83  
GLN N   H    sing N N 84  
GLN N   H2   sing N N 85  
GLN CA  C    sing N N 86  
GLN CA  CB   sing N N 87  
GLN CA  HA   sing N N 88  
GLN C   O    doub N N 89  
GLN C   OXT  sing N N 90  
GLN CB  CG   sing N N 91  
GLN CB  HB2  sing N N 92  
GLN CB  HB3  sing N N 93  
GLN CG  CD   sing N N 94  
GLN CG  HG2  sing N N 95  
GLN CG  HG3  sing N N 96  
GLN CD  OE1  doub N N 97  
GLN CD  NE2  sing N N 98  
GLN NE2 HE21 sing N N 99  
GLN NE2 HE22 sing N N 100 
GLN OXT HXT  sing N N 101 
GLU N   CA   sing N N 102 
GLU N   H    sing N N 103 
GLU N   H2   sing N N 104 
GLU CA  C    sing N N 105 
GLU CA  CB   sing N N 106 
GLU CA  HA   sing N N 107 
GLU C   O    doub N N 108 
GLU C   OXT  sing N N 109 
GLU CB  CG   sing N N 110 
GLU CB  HB2  sing N N 111 
GLU CB  HB3  sing N N 112 
GLU CG  CD   sing N N 113 
GLU CG  HG2  sing N N 114 
GLU CG  HG3  sing N N 115 
GLU CD  OE1  doub N N 116 
GLU CD  OE2  sing N N 117 
GLU OE2 HE2  sing N N 118 
GLU OXT HXT  sing N N 119 
GLY N   CA   sing N N 120 
GLY N   H    sing N N 121 
GLY N   H2   sing N N 122 
GLY CA  C    sing N N 123 
GLY CA  HA2  sing N N 124 
GLY CA  HA3  sing N N 125 
GLY C   O    doub N N 126 
GLY C   OXT  sing N N 127 
GLY OXT HXT  sing N N 128 
HIS N   CA   sing N N 129 
HIS N   H    sing N N 130 
HIS N   H2   sing N N 131 
HIS CA  C    sing N N 132 
HIS CA  CB   sing N N 133 
HIS CA  HA   sing N N 134 
HIS C   O    doub N N 135 
HIS C   OXT  sing N N 136 
HIS CB  CG   sing N N 137 
HIS CB  HB2  sing N N 138 
HIS CB  HB3  sing N N 139 
HIS CG  ND1  sing Y N 140 
HIS CG  CD2  doub Y N 141 
HIS ND1 CE1  doub Y N 142 
HIS ND1 HD1  sing N N 143 
HIS CD2 NE2  sing Y N 144 
HIS CD2 HD2  sing N N 145 
HIS CE1 NE2  sing Y N 146 
HIS CE1 HE1  sing N N 147 
HIS NE2 HE2  sing N N 148 
HIS OXT HXT  sing N N 149 
HOH O   H1   sing N N 150 
HOH O   H2   sing N N 151 
ILE N   CA   sing N N 152 
ILE N   H    sing N N 153 
ILE N   H2   sing N N 154 
ILE CA  C    sing N N 155 
ILE CA  CB   sing N N 156 
ILE CA  HA   sing N N 157 
ILE C   O    doub N N 158 
ILE C   OXT  sing N N 159 
ILE CB  CG1  sing N N 160 
ILE CB  CG2  sing N N 161 
ILE CB  HB   sing N N 162 
ILE CG1 CD1  sing N N 163 
ILE CG1 HG12 sing N N 164 
ILE CG1 HG13 sing N N 165 
ILE CG2 HG21 sing N N 166 
ILE CG2 HG22 sing N N 167 
ILE CG2 HG23 sing N N 168 
ILE CD1 HD11 sing N N 169 
ILE CD1 HD12 sing N N 170 
ILE CD1 HD13 sing N N 171 
ILE OXT HXT  sing N N 172 
LEU N   CA   sing N N 173 
LEU N   H    sing N N 174 
LEU N   H2   sing N N 175 
LEU CA  C    sing N N 176 
LEU CA  CB   sing N N 177 
LEU CA  HA   sing N N 178 
LEU C   O    doub N N 179 
LEU C   OXT  sing N N 180 
LEU CB  CG   sing N N 181 
LEU CB  HB2  sing N N 182 
LEU CB  HB3  sing N N 183 
LEU CG  CD1  sing N N 184 
LEU CG  CD2  sing N N 185 
LEU CG  HG   sing N N 186 
LEU CD1 HD11 sing N N 187 
LEU CD1 HD12 sing N N 188 
LEU CD1 HD13 sing N N 189 
LEU CD2 HD21 sing N N 190 
LEU CD2 HD22 sing N N 191 
LEU CD2 HD23 sing N N 192 
LEU OXT HXT  sing N N 193 
LYS N   CA   sing N N 194 
LYS N   H    sing N N 195 
LYS N   H2   sing N N 196 
LYS CA  C    sing N N 197 
LYS CA  CB   sing N N 198 
LYS CA  HA   sing N N 199 
LYS C   O    doub N N 200 
LYS C   OXT  sing N N 201 
LYS CB  CG   sing N N 202 
LYS CB  HB2  sing N N 203 
LYS CB  HB3  sing N N 204 
LYS CG  CD   sing N N 205 
LYS CG  HG2  sing N N 206 
LYS CG  HG3  sing N N 207 
LYS CD  CE   sing N N 208 
LYS CD  HD2  sing N N 209 
LYS CD  HD3  sing N N 210 
LYS CE  NZ   sing N N 211 
LYS CE  HE2  sing N N 212 
LYS CE  HE3  sing N N 213 
LYS NZ  HZ1  sing N N 214 
LYS NZ  HZ2  sing N N 215 
LYS NZ  HZ3  sing N N 216 
LYS OXT HXT  sing N N 217 
MSE N   CA   sing N N 218 
MSE N   H    sing N N 219 
MSE N   H2   sing N N 220 
MSE CA  C    sing N N 221 
MSE CA  CB   sing N N 222 
MSE CA  HA   sing N N 223 
MSE C   O    doub N N 224 
MSE C   OXT  sing N N 225 
MSE OXT HXT  sing N N 226 
MSE CB  CG   sing N N 227 
MSE CB  HB2  sing N N 228 
MSE CB  HB3  sing N N 229 
MSE CG  SE   sing N N 230 
MSE CG  HG2  sing N N 231 
MSE CG  HG3  sing N N 232 
MSE SE  CE   sing N N 233 
MSE CE  HE1  sing N N 234 
MSE CE  HE2  sing N N 235 
MSE CE  HE3  sing N N 236 
PHE N   CA   sing N N 237 
PHE N   H    sing N N 238 
PHE N   H2   sing N N 239 
PHE CA  C    sing N N 240 
PHE CA  CB   sing N N 241 
PHE CA  HA   sing N N 242 
PHE C   O    doub N N 243 
PHE C   OXT  sing N N 244 
PHE CB  CG   sing N N 245 
PHE CB  HB2  sing N N 246 
PHE CB  HB3  sing N N 247 
PHE CG  CD1  doub Y N 248 
PHE CG  CD2  sing Y N 249 
PHE CD1 CE1  sing Y N 250 
PHE CD1 HD1  sing N N 251 
PHE CD2 CE2  doub Y N 252 
PHE CD2 HD2  sing N N 253 
PHE CE1 CZ   doub Y N 254 
PHE CE1 HE1  sing N N 255 
PHE CE2 CZ   sing Y N 256 
PHE CE2 HE2  sing N N 257 
PHE CZ  HZ   sing N N 258 
PHE OXT HXT  sing N N 259 
PRO N   CA   sing N N 260 
PRO N   CD   sing N N 261 
PRO N   H    sing N N 262 
PRO CA  C    sing N N 263 
PRO CA  CB   sing N N 264 
PRO CA  HA   sing N N 265 
PRO C   O    doub N N 266 
PRO C   OXT  sing N N 267 
PRO CB  CG   sing N N 268 
PRO CB  HB2  sing N N 269 
PRO CB  HB3  sing N N 270 
PRO CG  CD   sing N N 271 
PRO CG  HG2  sing N N 272 
PRO CG  HG3  sing N N 273 
PRO CD  HD2  sing N N 274 
PRO CD  HD3  sing N N 275 
PRO OXT HXT  sing N N 276 
SER N   CA   sing N N 277 
SER N   H    sing N N 278 
SER N   H2   sing N N 279 
SER CA  C    sing N N 280 
SER CA  CB   sing N N 281 
SER CA  HA   sing N N 282 
SER C   O    doub N N 283 
SER C   OXT  sing N N 284 
SER CB  OG   sing N N 285 
SER CB  HB2  sing N N 286 
SER CB  HB3  sing N N 287 
SER OG  HG   sing N N 288 
SER OXT HXT  sing N N 289 
THR N   CA   sing N N 290 
THR N   H    sing N N 291 
THR N   H2   sing N N 292 
THR CA  C    sing N N 293 
THR CA  CB   sing N N 294 
THR CA  HA   sing N N 295 
THR C   O    doub N N 296 
THR C   OXT  sing N N 297 
THR CB  OG1  sing N N 298 
THR CB  CG2  sing N N 299 
THR CB  HB   sing N N 300 
THR OG1 HG1  sing N N 301 
THR CG2 HG21 sing N N 302 
THR CG2 HG22 sing N N 303 
THR CG2 HG23 sing N N 304 
THR OXT HXT  sing N N 305 
TRP N   CA   sing N N 306 
TRP N   H    sing N N 307 
TRP N   H2   sing N N 308 
TRP CA  C    sing N N 309 
TRP CA  CB   sing N N 310 
TRP CA  HA   sing N N 311 
TRP C   O    doub N N 312 
TRP C   OXT  sing N N 313 
TRP CB  CG   sing N N 314 
TRP CB  HB2  sing N N 315 
TRP CB  HB3  sing N N 316 
TRP CG  CD1  doub Y N 317 
TRP CG  CD2  sing Y N 318 
TRP CD1 NE1  sing Y N 319 
TRP CD1 HD1  sing N N 320 
TRP CD2 CE2  doub Y N 321 
TRP CD2 CE3  sing Y N 322 
TRP NE1 CE2  sing Y N 323 
TRP NE1 HE1  sing N N 324 
TRP CE2 CZ2  sing Y N 325 
TRP CE3 CZ3  doub Y N 326 
TRP CE3 HE3  sing N N 327 
TRP CZ2 CH2  doub Y N 328 
TRP CZ2 HZ2  sing N N 329 
TRP CZ3 CH2  sing Y N 330 
TRP CZ3 HZ3  sing N N 331 
TRP CH2 HH2  sing N N 332 
TRP OXT HXT  sing N N 333 
TYR N   CA   sing N N 334 
TYR N   H    sing N N 335 
TYR N   H2   sing N N 336 
TYR CA  C    sing N N 337 
TYR CA  CB   sing N N 338 
TYR CA  HA   sing N N 339 
TYR C   O    doub N N 340 
TYR C   OXT  sing N N 341 
TYR CB  CG   sing N N 342 
TYR CB  HB2  sing N N 343 
TYR CB  HB3  sing N N 344 
TYR CG  CD1  doub Y N 345 
TYR CG  CD2  sing Y N 346 
TYR CD1 CE1  sing Y N 347 
TYR CD1 HD1  sing N N 348 
TYR CD2 CE2  doub Y N 349 
TYR CD2 HD2  sing N N 350 
TYR CE1 CZ   doub Y N 351 
TYR CE1 HE1  sing N N 352 
TYR CE2 CZ   sing Y N 353 
TYR CE2 HE2  sing N N 354 
TYR CZ  OH   sing N N 355 
TYR OH  HH   sing N N 356 
TYR OXT HXT  sing N N 357 
VAL N   CA   sing N N 358 
VAL N   H    sing N N 359 
VAL N   H2   sing N N 360 
VAL CA  C    sing N N 361 
VAL CA  CB   sing N N 362 
VAL CA  HA   sing N N 363 
VAL C   O    doub N N 364 
VAL C   OXT  sing N N 365 
VAL CB  CG1  sing N N 366 
VAL CB  CG2  sing N N 367 
VAL CB  HB   sing N N 368 
VAL CG1 HG11 sing N N 369 
VAL CG1 HG12 sing N N 370 
VAL CG1 HG13 sing N N 371 
VAL CG2 HG21 sing N N 372 
VAL CG2 HG22 sing N N 373 
VAL CG2 HG23 sing N N 374 
VAL OXT HXT  sing N N 375 
# 
_atom_sites.entry_id                    7DMS 
_atom_sites.Cartn_transf_matrix[1][1]   ? 
_atom_sites.Cartn_transf_matrix[1][2]   ? 
_atom_sites.Cartn_transf_matrix[1][3]   ? 
_atom_sites.Cartn_transf_matrix[2][1]   ? 
_atom_sites.Cartn_transf_matrix[2][2]   ? 
_atom_sites.Cartn_transf_matrix[2][3]   ? 
_atom_sites.Cartn_transf_matrix[3][1]   ? 
_atom_sites.Cartn_transf_matrix[3][2]   ? 
_atom_sites.Cartn_transf_matrix[3][3]   ? 
_atom_sites.Cartn_transf_vector[1]      ? 
_atom_sites.Cartn_transf_vector[2]      ? 
_atom_sites.Cartn_transf_vector[3]      ? 
_atom_sites.fract_transf_matrix[1][1]   -0.00266688 
_atom_sites.fract_transf_matrix[1][2]   -0.03167629 
_atom_sites.fract_transf_matrix[1][3]   -0.01037949 
_atom_sites.fract_transf_matrix[2][1]   0.02034258 
_atom_sites.fract_transf_matrix[2][2]   -0.00317629 
_atom_sites.fract_transf_matrix[2][3]   0.00446667 
_atom_sites.fract_transf_matrix[3][1]   -0.00366115 
_atom_sites.fract_transf_matrix[3][2]   -0.00418113 
_atom_sites.fract_transf_matrix[3][3]   0.01370074 
_atom_sites.fract_transf_vector[1]      0.372780 
_atom_sites.fract_transf_vector[2]      -0.169668 
_atom_sites.fract_transf_vector[3]      0.694806 
_atom_sites.solution_primary            ? 
_atom_sites.solution_secondary          ? 
_atom_sites.solution_hydrogens          ? 
_atom_sites.special_details             ? 
# 
loop_
_atom_type.symbol 
C  
N  
O  
S  
SE 
# 
loop_
_atom_site.group_PDB 
_atom_site.id 
_atom_site.type_symbol 
_atom_site.label_atom_id 
_atom_site.label_alt_id 
_atom_site.label_comp_id 
_atom_site.label_asym_id 
_atom_site.label_entity_id 
_atom_site.label_seq_id 
_atom_site.pdbx_PDB_ins_code 
_atom_site.Cartn_x 
_atom_site.Cartn_y 
_atom_site.Cartn_z 
_atom_site.occupancy 
_atom_site.B_iso_or_equiv 
_atom_site.pdbx_formal_charge 
_atom_site.auth_seq_id 
_atom_site.auth_comp_id 
_atom_site.auth_asym_id 
_atom_site.auth_atom_id 
_atom_site.pdbx_PDB_model_num 
ATOM   1   N  N   . SER A 1 1  ? 8.360   11.556  -13.387 1.00 14.00 ? 0   SER A N   1 
ATOM   2   C  CA  . SER A 1 1  ? 9.695   11.004  -13.575 1.00 12.75 ? 0   SER A CA  1 
ATOM   3   C  C   . SER A 1 1  ? 9.696   9.477   -13.580 1.00 11.39 ? 0   SER A C   1 
ATOM   4   O  O   . SER A 1 1  ? 8.702   8.853   -13.234 1.00 14.71 ? 0   SER A O   1 
ATOM   5   C  CB  . SER A 1 1  ? 10.620  11.523  -12.480 1.00 13.12 ? 0   SER A CB  1 
ATOM   6   O  OG  . SER A 1 1  ? 10.417  10.800  -11.284 1.00 10.37 ? 0   SER A OG  1 
HETATM 7   N  N   . MSE A 1 2  ? 10.818  8.880   -13.975 1.00 9.39  ? 1   MSE A N   1 
HETATM 8   C  CA  . MSE A 1 2  ? 10.971  7.433   -13.910 1.00 13.60 ? 1   MSE A CA  1 
HETATM 9   C  C   . MSE A 1 2  ? 10.729  6.909   -12.492 1.00 16.02 ? 1   MSE A C   1 
HETATM 10  O  O   . MSE A 1 2  ? 10.079  5.888   -12.303 1.00 10.39 ? 1   MSE A O   1 
HETATM 11  C  CB  . MSE A 1 2  ? 12.364  7.008   -14.370 1.00 21.99 ? 1   MSE A CB  1 
HETATM 12  C  CG  . MSE A 1 2  ? 12.643  7.209   -15.859 1.00 53.49 ? 1   MSE A CG  1 
HETATM 13  SE SE  . MSE A 1 2  ? 11.360  6.449   -17.164 1.00 77.81 ? 1   MSE A SE  1 
HETATM 14  C  CE  . MSE A 1 2  ? 10.007  7.858   -17.242 1.00 74.11 ? 1   MSE A CE  1 
ATOM   15  N  N   . LYS A 1 3  ? 11.251  7.612   -11.490 1.00 9.25  ? 2   LYS A N   1 
ATOM   16  C  CA  . LYS A 1 3  ? 11.060  7.146   -10.118 1.00 12.23 ? 2   LYS A CA  1 
ATOM   17  C  C   . LYS A 1 3  ? 9.592   7.208   -9.705  1.00 8.30  ? 2   LYS A C   1 
ATOM   18  O  O   . LYS A 1 3  ? 9.079   6.258   -9.106  1.00 10.87 ? 2   LYS A O   1 
ATOM   19  C  CB  . LYS A 1 3  ? 11.926  7.950   -9.149  1.00 13.01 ? 2   LYS A CB  1 
ATOM   20  C  CG  . LYS A 1 3  ? 13.404  7.546   -9.176  1.00 25.11 ? 2   LYS A CG  1 
ATOM   21  C  CD  . LYS A 1 3  ? 14.219  8.282   -8.131  1.00 31.59 ? 2   LYS A CD  1 
ATOM   22  C  CE  . LYS A 1 3  ? 13.615  9.638   -7.789  1.00 33.60 ? 2   LYS A CE  1 
ATOM   23  N  NZ  . LYS A 1 3  ? 14.011  10.081  -6.422  1.00 40.88 ? 2   LYS A NZ  1 
ATOM   24  N  N   . THR A 1 4  ? 8.897   8.310   -10.012 1.00 10.96 ? 3   THR A N   1 
ATOM   25  C  CA  . THR A 1 4  ? 7.490   8.401   -9.622  1.00 9.32  ? 3   THR A CA  1 
ATOM   26  C  C   . THR A 1 4  ? 6.626   7.478   -10.462 1.00 8.51  ? 3   THR A C   1 
ATOM   27  O  O   . THR A 1 4  ? 5.572   7.029   -9.997  1.00 12.24 ? 3   THR A O   1 
ATOM   28  C  CB  . THR A 1 4  ? 6.953   9.836   -9.728  1.00 8.34  ? 3   THR A CB  1 
ATOM   29  O  OG1 . THR A 1 4  ? 7.120   10.333  -11.062 1.00 15.17 ? 3   THR A OG1 1 
ATOM   30  C  CG2 . THR A 1 4  ? 7.632   10.760  -8.716  1.00 8.37  ? 3   THR A CG2 1 
ATOM   31  N  N   . ASP A 1 5  ? 7.051   7.173   -11.690 1.00 10.13 ? 4   ASP A N   1 
ATOM   32  C  CA  . ASP A 1 5  ? 6.324   6.188   -12.487 1.00 12.14 ? 4   ASP A CA  1 
ATOM   33  C  C   . ASP A 1 5  ? 6.410   4.805   -11.854 1.00 15.07 ? 4   ASP A C   1 
ATOM   34  O  O   . ASP A 1 5  ? 5.409   4.081   -11.787 1.00 8.11  ? 4   ASP A O   1 
ATOM   35  C  CB  . ASP A 1 5  ? 6.863   6.163   -13.919 1.00 23.59 ? 4   ASP A CB  1 
ATOM   36  C  CG  . ASP A 1 5  ? 6.394   7.355   -14.748 1.00 33.94 ? 4   ASP A CG  1 
ATOM   37  O  OD1 . ASP A 1 5  ? 5.466   8.069   -14.314 1.00 34.32 ? 4   ASP A OD1 1 
ATOM   38  O  OD2 . ASP A 1 5  ? 6.963   7.577   -15.841 1.00 42.91 ? 4   ASP A OD2 1 
ATOM   39  N  N   . ASN A 1 6  ? 7.594   4.418   -11.381 1.00 12.87 ? 5   ASN A N   1 
ATOM   40  C  CA  A ASN A 1 6  ? 7.712   3.121   -10.727 0.55 11.81 ? 5   ASN A CA  1 
ATOM   41  C  CA  B ASN A 1 6  ? 7.722   3.125   -10.718 0.45 11.79 ? 5   ASN A CA  1 
ATOM   42  C  C   . ASN A 1 6  ? 6.877   3.064   -9.451  1.00 10.99 ? 5   ASN A C   1 
ATOM   43  O  O   . ASN A 1 6  ? 6.333   2.009   -9.114  1.00 8.70  ? 5   ASN A O   1 
ATOM   44  C  CB  A ASN A 1 6  ? 9.178   2.815   -10.435 0.55 11.13 ? 5   ASN A CB  1 
ATOM   45  C  CB  B ASN A 1 6  ? 9.189   2.844   -10.404 0.45 11.38 ? 5   ASN A CB  1 
ATOM   46  C  CG  A ASN A 1 6  ? 9.974   2.550   -11.699 0.55 15.19 ? 5   ASN A CG  1 
ATOM   47  C  CG  B ASN A 1 6  ? 9.508   1.365   -10.376 0.45 10.61 ? 5   ASN A CG  1 
ATOM   48  O  OD1 A ASN A 1 6  ? 9.409   2.218   -12.740 0.55 16.99 ? 5   ASN A OD1 1 
ATOM   49  O  OD1 B ASN A 1 6  ? 9.431   0.679   -11.397 0.45 18.72 ? 5   ASN A OD1 1 
ATOM   50  N  ND2 A ASN A 1 6  ? 11.292  2.698   -11.614 0.55 24.87 ? 5   ASN A ND2 1 
ATOM   51  N  ND2 B ASN A 1 6  ? 9.864   0.863   -9.207  0.45 6.62  ? 5   ASN A ND2 1 
ATOM   52  N  N   . ALA A 1 7  ? 6.751   4.184   -8.742  1.00 3.68  ? 6   ALA A N   1 
ATOM   53  C  CA  . ALA A 1 7  ? 5.939   4.207   -7.532  1.00 5.25  ? 6   ALA A CA  1 
ATOM   54  C  C   . ALA A 1 7  ? 4.463   4.052   -7.866  1.00 3.38  ? 6   ALA A C   1 
ATOM   55  O  O   . ALA A 1 7  ? 3.763   3.246   -7.243  1.00 4.92  ? 6   ALA A O   1 
ATOM   56  C  CB  . ALA A 1 7  ? 6.172   5.500   -6.773  1.00 5.56  ? 6   ALA A CB  1 
HETATM 57  N  N   . MSE A 1 8  ? 3.967   4.840   -8.824  1.00 4.74  ? 7   MSE A N   1 
HETATM 58  C  CA  . MSE A 1 8  ? 2.586   4.710   -9.314  1.00 6.69  ? 7   MSE A CA  1 
HETATM 59  C  C   . MSE A 1 8  ? 2.225   3.286   -9.696  1.00 1.50  ? 7   MSE A C   1 
HETATM 60  O  O   . MSE A 1 8  ? 1.137   2.815   -9.371  1.00 5.44  ? 7   MSE A O   1 
HETATM 61  C  CB  . MSE A 1 8  ? 2.323   5.634   -10.518 1.00 9.11  ? 7   MSE A CB  1 
HETATM 62  C  CG  . MSE A 1 8  ? 2.190   7.120   -10.205 1.00 25.08 ? 7   MSE A CG  1 
HETATM 63  SE SE  . MSE A 1 8  ? 0.782   7.611   -8.892  1.00 41.99 ? 7   MSE A SE  1 
HETATM 64  C  CE  . MSE A 1 8  ? -0.873  7.484   -9.985  1.00 46.70 ? 7   MSE A CE  1 
ATOM   65  N  N   . LYS A 1 9  ? 3.117   2.617   -10.424 1.00 1.72  ? 8   LYS A N   1 
ATOM   66  C  CA  . LYS A 1 9  ? 2.850   1.243   -10.842 1.00 5.43  ? 8   LYS A CA  1 
ATOM   67  C  C   . LYS A 1 9  ? 2.687   0.330   -9.638  1.00 3.54  ? 8   LYS A C   1 
ATOM   68  O  O   . LYS A 1 9  ? 1.740   -0.462  -9.562  1.00 1.23  ? 8   LYS A O   1 
ATOM   69  C  CB  . LYS A 1 9  ? 3.979   0.738   -11.737 1.00 5.80  ? 8   LYS A CB  1 
ATOM   70  C  CG  . LYS A 1 9  ? 4.027   1.447   -13.065 1.00 14.98 ? 8   LYS A CG  1 
ATOM   71  C  CD  . LYS A 1 9  ? 4.959   0.746   -14.022 1.00 8.61  ? 8   LYS A CD  1 
ATOM   72  C  CE  . LYS A 1 9  ? 5.176   1.588   -15.257 1.00 20.41 ? 8   LYS A CE  1 
ATOM   73  N  NZ  . LYS A 1 9  ? 4.077   1.418   -16.233 1.00 31.31 ? 8   LYS A NZ  1 
ATOM   74  N  N   . LYS A 1 10 ? 3.618   0.423   -8.690  1.00 6.05  ? 9   LYS A N   1 
ATOM   75  C  CA  . LYS A 1 10 ? 3.552   -0.403  -7.491  1.00 5.37  ? 9   LYS A CA  1 
ATOM   76  C  C   . LYS A 1 10 ? 2.333   -0.060  -6.636  1.00 0.97  ? 9   LYS A C   1 
ATOM   77  O  O   . LYS A 1 10 ? 1.743   -0.941  -6.008  1.00 1.59  ? 9   LYS A O   1 
ATOM   78  C  CB  . LYS A 1 10 ? 4.837   -0.228  -6.681  1.00 4.94  ? 9   LYS A CB  1 
ATOM   79  C  CG  . LYS A 1 10 ? 6.090   -0.752  -7.394  1.00 12.44 ? 9   LYS A CG  1 
ATOM   80  C  CD  . LYS A 1 10 ? 5.906   -2.192  -7.766  1.00 29.99 ? 9   LYS A CD  1 
ATOM   81  C  CE  . LYS A 1 10 ? 5.864   -3.023  -6.508  1.00 40.39 ? 9   LYS A CE  1 
ATOM   82  N  NZ  . LYS A 1 10 ? 5.296   -4.373  -6.733  1.00 41.65 ? 9   LYS A NZ  1 
ATOM   83  N  N   . ILE A 1 11 ? 1.969   1.210   -6.553  1.00 1.05  ? 10  ILE A N   1 
ATOM   84  C  CA  . ILE A 1 11 ? 0.798   1.567   -5.754  1.00 1.02  ? 10  ILE A CA  1 
ATOM   85  C  C   . ILE A 1 11 ? -0.478  1.023   -6.390  1.00 2.95  ? 10  ILE A C   1 
ATOM   86  O  O   . ILE A 1 11 ? -1.354  0.506   -5.689  1.00 2.92  ? 10  ILE A O   1 
ATOM   87  C  CB  . ILE A 1 11 ? 0.733   3.087   -5.540  1.00 1.26  ? 10  ILE A CB  1 
ATOM   88  C  CG1 . ILE A 1 11 ? 1.920   3.545   -4.711  1.00 1.73  ? 10  ILE A CG1 1 
ATOM   89  C  CG2 . ILE A 1 11 ? -0.550  3.471   -4.812  1.00 12.11 ? 10  ILE A CG2 1 
ATOM   90  C  CD1 . ILE A 1 11 ? 1.985   5.055   -4.553  1.00 8.64  ? 10  ILE A CD1 1 
ATOM   91  N  N   . LYS A 1 12 ? -0.604  1.105   -7.716  1.00 4.84  ? 11  LYS A N   1 
ATOM   92  C  CA  . LYS A 1 12 ? -1.794  0.547   -8.371  1.00 5.17  ? 11  LYS A CA  1 
ATOM   93  C  C   . LYS A 1 12 ? -1.855  -0.964  -8.226  1.00 7.56  ? 11  LYS A C   1 
ATOM   94  O  O   . LYS A 1 12 ? -2.940  -1.534  -8.077  1.00 2.99  ? 11  LYS A O   1 
ATOM   95  C  CB  . LYS A 1 12 ? -1.837  0.928   -9.852  1.00 5.12  ? 11  LYS A CB  1 
ATOM   96  C  CG  . LYS A 1 12 ? -2.672  -0.018  -10.716 1.00 10.54 ? 11  LYS A CG  1 
ATOM   97  C  CD  . LYS A 1 12 ? -3.610  0.736   -11.635 1.00 26.64 ? 11  LYS A CD  1 
ATOM   98  C  CE  . LYS A 1 12 ? -3.971  -0.089  -12.866 1.00 21.10 ? 11  LYS A CE  1 
ATOM   99  N  NZ  . LYS A 1 12 ? -4.128  -1.539  -12.581 1.00 21.74 ? 11  LYS A NZ  1 
ATOM   100 N  N   . LEU A 1 13 ? -0.705  -1.633  -8.290  1.00 1.08  ? 12  LEU A N   1 
ATOM   101 C  CA  . LEU A 1 13 ? -0.647  -3.062  -8.005  1.00 0.99  ? 12  LEU A CA  1 
ATOM   102 C  C   . LEU A 1 13 ? -1.196  -3.375  -6.618  1.00 7.99  ? 12  LEU A C   1 
ATOM   103 O  O   . LEU A 1 13 ? -1.999  -4.298  -6.448  1.00 2.72  ? 12  LEU A O   1 
ATOM   104 C  CB  . LEU A 1 13 ? 0.802   -3.540  -8.105  1.00 8.78  ? 12  LEU A CB  1 
ATOM   105 C  CG  . LEU A 1 13 ? 1.299   -4.035  -9.456  1.00 16.81 ? 12  LEU A CG  1 
ATOM   106 C  CD1 . LEU A 1 13 ? 2.807   -4.246  -9.423  1.00 17.65 ? 12  LEU A CD1 1 
ATOM   107 C  CD2 . LEU A 1 13 ? 0.580   -5.325  -9.819  1.00 11.26 ? 12  LEU A CD2 1 
ATOM   108 N  N   . ALA A 1 14 ? -0.761  -2.615  -5.613  1.00 2.26  ? 13  ALA A N   1 
ATOM   109 C  CA  . ALA A 1 14 ? -1.216  -2.818  -4.242  1.00 0.72  ? 13  ALA A CA  1 
ATOM   110 C  C   . ALA A 1 14 ? -2.716  -2.570  -4.096  1.00 0.78  ? 13  ALA A C   1 
ATOM   111 O  O   . ALA A 1 14 ? -3.429  -3.374  -3.482  1.00 1.97  ? 13  ALA A O   1 
ATOM   112 C  CB  . ALA A 1 14 ? -0.435  -1.897  -3.300  1.00 3.01  ? 13  ALA A CB  1 
ATOM   113 N  N   . ILE A 1 15 ? -3.215  -1.453  -4.629  1.00 3.85  ? 14  ILE A N   1 
ATOM   114 C  CA  . ILE A 1 15 ? -4.656  -1.190  -4.545  1.00 0.96  ? 14  ILE A CA  1 
ATOM   115 C  C   . ILE A 1 15 ? -5.448  -2.291  -5.251  1.00 2.09  ? 14  ILE A C   1 
ATOM   116 O  O   . ILE A 1 15 ? -6.469  -2.760  -4.738  1.00 3.63  ? 14  ILE A O   1 
ATOM   117 C  CB  . ILE A 1 15 ? -4.970  0.207   -5.104  1.00 3.26  ? 14  ILE A CB  1 
ATOM   118 C  CG1 . ILE A 1 15 ? -4.449  1.289   -4.143  1.00 1.06  ? 14  ILE A CG1 1 
ATOM   119 C  CG2 . ILE A 1 15 ? -6.474  0.393   -5.394  1.00 4.61  ? 14  ILE A CG2 1 
ATOM   120 C  CD1 . ILE A 1 15 ? -4.477  2.694   -4.766  1.00 1.19  ? 14  ILE A CD1 1 
ATOM   121 N  N   . ASP A 1 16 ? -5.011  -2.707  -6.446  1.00 1.06  ? 15  ASP A N   1 
ATOM   122 C  CA  . ASP A 1 16 ? -5.681  -3.817  -7.129  1.00 1.14  ? 15  ASP A CA  1 
ATOM   123 C  C   . ASP A 1 16 ? -5.704  -5.081  -6.259  1.00 1.08  ? 15  ASP A C   1 
ATOM   124 O  O   . ASP A 1 16 ? -6.711  -5.804  -6.217  1.00 1.87  ? 15  ASP A O   1 
ATOM   125 C  CB  . ASP A 1 16 ? -5.002  -4.105  -8.467  1.00 9.41  ? 15  ASP A CB  1 
ATOM   126 C  CG  . ASP A 1 16 ? -5.468  -3.179  -9.591  1.00 20.63 ? 15  ASP A CG  1 
ATOM   127 O  OD1 . ASP A 1 16 ? -6.514  -2.504  -9.442  1.00 24.02 ? 15  ASP A OD1 1 
ATOM   128 O  OD2 . ASP A 1 16 ? -4.779  -3.130  -10.638 1.00 19.90 ? 15  ASP A OD2 1 
ATOM   129 N  N   . GLY A 1 17 ? -4.612  -5.361  -5.552  1.00 3.37  ? 16  GLY A N   1 
ATOM   130 C  CA  . GLY A 1 17 ? -4.594  -6.524  -4.674  1.00 3.79  ? 16  GLY A CA  1 
ATOM   131 C  C   . GLY A 1 17 ? -5.546  -6.399  -3.498  1.00 1.01  ? 16  GLY A C   1 
ATOM   132 O  O   . GLY A 1 17 ? -6.191  -7.374  -3.104  1.00 1.86  ? 16  GLY A O   1 
ATOM   133 N  N   . ILE A 1 18 ? -5.634  -5.204  -2.910  1.00 2.85  ? 17  ILE A N   1 
ATOM   134 C  CA  . ILE A 1 18 ? -6.595  -4.963  -1.835  1.00 1.36  ? 17  ILE A CA  1 
ATOM   135 C  C   . ILE A 1 18 ? -8.015  -5.154  -2.352  1.00 1.05  ? 17  ILE A C   1 
ATOM   136 O  O   . ILE A 1 18 ? -8.858  -5.771  -1.693  1.00 3.15  ? 17  ILE A O   1 
ATOM   137 C  CB  . ILE A 1 18 ? -6.399  -3.549  -1.265  1.00 0.87  ? 17  ILE A CB  1 
ATOM   138 C  CG1 . ILE A 1 18 ? -5.171  -3.467  -0.371  1.00 0.75  ? 17  ILE A CG1 1 
ATOM   139 C  CG2 . ILE A 1 18 ? -7.639  -3.109  -0.499  1.00 7.05  ? 17  ILE A CG2 1 
ATOM   140 C  CD1 . ILE A 1 18 ? -4.810  -2.039  -0.038  1.00 4.88  ? 17  ILE A CD1 1 
ATOM   141 N  N   . ASN A 1 19 ? -8.294  -4.626  -3.543  1.00 1.12  ? 18  ASN A N   1 
ATOM   142 C  CA  . ASN A 1 19 ? -9.604  -4.805  -4.161  1.00 2.34  ? 18  ASN A CA  1 
ATOM   143 C  C   . ASN A 1 19 ? -9.923  -6.281  -4.349  1.00 2.75  ? 18  ASN A C   1 
ATOM   144 O  O   . ASN A 1 19 ? -11.064 -6.714  -4.138  1.00 7.28  ? 18  ASN A O   1 
ATOM   145 C  CB  . ASN A 1 19 ? -9.649  -4.081  -5.506  1.00 1.36  ? 18  ASN A CB  1 
ATOM   146 C  CG  . ASN A 1 19 ? -9.731  -2.581  -5.358  1.00 2.45  ? 18  ASN A CG  1 
ATOM   147 O  OD1 . ASN A 1 19 ? -10.011 -2.076  -4.287  1.00 4.50  ? 18  ASN A OD1 1 
ATOM   148 N  ND2 . ASN A 1 19 ? -9.515  -1.862  -6.456  1.00 7.62  ? 18  ASN A ND2 1 
ATOM   149 N  N   . GLN A 1 20 ? -8.929  -7.072  -4.754  1.00 4.19  ? 19  GLN A N   1 
ATOM   150 C  CA  . GLN A 1 20 ? -9.156  -8.500  -4.920  1.00 2.14  ? 19  GLN A CA  1 
ATOM   151 C  C   . GLN A 1 20 ? -9.418  -9.172  -3.584  1.00 5.39  ? 19  GLN A C   1 
ATOM   152 O  O   . GLN A 1 20 ? -10.197 -10.135 -3.505  1.00 4.34  ? 19  GLN A O   1 
ATOM   153 C  CB  . GLN A 1 20 ? -7.953  -9.137  -5.625  1.00 12.20 ? 19  GLN A CB  1 
ATOM   154 C  CG  . GLN A 1 20 ? -8.031  -10.644 -5.889  1.00 28.35 ? 19  GLN A CG  1 
ATOM   155 C  CD  . GLN A 1 20 ? -9.174  -11.082 -6.798  1.00 45.67 ? 19  GLN A CD  1 
ATOM   156 O  OE1 . GLN A 1 20 ? -10.311 -10.630 -6.674  1.00 53.59 ? 19  GLN A OE1 1 
ATOM   157 N  NE2 . GLN A 1 20 ? -8.862  -11.975 -7.729  1.00 51.03 ? 19  GLN A NE2 1 
ATOM   158 N  N   . ALA A 1 21 ? -8.789  -8.670  -2.518  1.00 2.13  ? 20  ALA A N   1 
ATOM   159 C  CA  . ALA A 1 21 ? -9.022  -9.224  -1.191  1.00 2.94  ? 20  ALA A CA  1 
ATOM   160 C  C   . ALA A 1 21 ? -10.402 -8.834  -0.660  1.00 3.52  ? 20  ALA A C   1 
ATOM   161 O  O   . ALA A 1 21 ? -11.082 -9.655  -0.037  1.00 8.51  ? 20  ALA A O   1 
ATOM   162 C  CB  . ALA A 1 21 ? -7.926  -8.762  -0.229  1.00 9.23  ? 20  ALA A CB  1 
ATOM   163 N  N   . ILE A 1 22 ? -10.824 -7.584  -0.873  1.00 1.29  ? 21  ILE A N   1 
ATOM   164 C  CA  . ILE A 1 22 ? -12.178 -7.177  -0.491  1.00 1.41  ? 21  ILE A CA  1 
ATOM   165 C  C   . ILE A 1 22 ? -13.216 -8.031  -1.211  1.00 16.98 ? 21  ILE A C   1 
ATOM   166 O  O   . ILE A 1 22 ? -14.246 -8.409  -0.633  1.00 12.16 ? 21  ILE A O   1 
ATOM   167 C  CB  . ILE A 1 22 ? -12.393 -5.681  -0.791  1.00 1.42  ? 21  ILE A CB  1 
ATOM   168 C  CG1 . ILE A 1 22 ? -11.720 -4.801  0.256   1.00 5.28  ? 21  ILE A CG1 1 
ATOM   169 C  CG2 . ILE A 1 22 ? -13.896 -5.355  -0.910  1.00 12.06 ? 21  ILE A CG2 1 
ATOM   170 C  CD1 . ILE A 1 22 ? -11.599 -3.342  -0.178  1.00 6.11  ? 21  ILE A CD1 1 
ATOM   171 N  N   . ASP A 1 23 ? -12.975 -8.333  -2.485  1.00 9.84  ? 22  ASP A N   1 
ATOM   172 C  CA  . ASP A 1 23 ? -13.928 -9.126  -3.251  1.00 13.59 ? 22  ASP A CA  1 
ATOM   173 C  C   . ASP A 1 23 ? -13.826 -10.611 -2.929  1.00 17.75 ? 22  ASP A C   1 
ATOM   174 O  O   . ASP A 1 23 ? -14.799 -11.343 -3.126  1.00 21.45 ? 22  ASP A O   1 
ATOM   175 C  CB  . ASP A 1 23 ? -13.732 -8.880  -4.753  1.00 16.14 ? 22  ASP A CB  1 
ATOM   176 C  CG  . ASP A 1 23 ? -14.833 -9.513  -5.616  1.00 21.39 ? 22  ASP A CG  1 
ATOM   177 O  OD1 . ASP A 1 23 ? -14.513 -9.992  -6.726  1.00 17.81 ? 22  ASP A OD1 1 
ATOM   178 O  OD2 . ASP A 1 23 ? -16.011 -9.532  -5.194  1.00 13.87 ? 22  ASP A OD2 1 
ATOM   179 N  N   . ASN A 1 24 ? -12.687 -11.067 -2.422  1.00 11.53 ? 23  ASN A N   1 
ATOM   180 C  CA  . ASN A 1 24 ? -12.554 -12.447 -1.985  1.00 8.75  ? 23  ASN A CA  1 
ATOM   181 C  C   . ASN A 1 24 ? -12.218 -12.489 -0.501  1.00 12.50 ? 23  ASN A C   1 
ATOM   182 O  O   . ASN A 1 24 ? -11.206 -13.070 -0.108  1.00 13.20 ? 23  ASN A O   1 
ATOM   183 C  CB  . ASN A 1 24 ? -11.472 -13.170 -2.792  1.00 14.94 ? 23  ASN A CB  1 
ATOM   184 C  CG  . ASN A 1 24 ? -12.016 -13.806 -4.049  1.00 32.65 ? 23  ASN A CG  1 
ATOM   185 O  OD1 . ASN A 1 24 ? -11.927 -15.020 -4.237  1.00 46.05 ? 23  ASN A OD1 1 
ATOM   186 N  ND2 . ASN A 1 24 ? -12.584 -12.988 -4.922  1.00 34.92 ? 23  ASN A ND2 1 
ATOM   187 N  N   . PHE A 1 25 ? -13.064 -11.890 0.336   1.00 6.10  ? 24  PHE A N   1 
ATOM   188 C  CA  . PHE A 1 25 ? -12.671 -11.655 1.724   1.00 1.66  ? 24  PHE A CA  1 
ATOM   189 C  C   . PHE A 1 25 ? -12.498 -12.957 2.497   1.00 9.00  ? 24  PHE A C   1 
ATOM   190 O  O   . PHE A 1 25 ? -11.735 -13.009 3.470   1.00 9.03  ? 24  PHE A O   1 
ATOM   191 C  CB  . PHE A 1 25 ? -13.701 -10.742 2.390   1.00 3.57  ? 24  PHE A CB  1 
ATOM   192 C  CG  . PHE A 1 25 ? -13.362 -10.365 3.799   1.00 4.36  ? 24  PHE A CG  1 
ATOM   193 C  CD1 . PHE A 1 25 ? -12.237 -9.605  4.079   1.00 8.51  ? 24  PHE A CD1 1 
ATOM   194 C  CD2 . PHE A 1 25 ? -14.173 -10.764 4.848   1.00 2.04  ? 24  PHE A CD2 1 
ATOM   195 C  CE1 . PHE A 1 25 ? -11.924 -9.255  5.378   1.00 8.36  ? 24  PHE A CE1 1 
ATOM   196 C  CE2 . PHE A 1 25 ? -13.861 -10.415 6.150   1.00 5.42  ? 24  PHE A CE2 1 
ATOM   197 C  CZ  . PHE A 1 25 ? -12.732 -9.668  6.416   1.00 5.76  ? 24  PHE A CZ  1 
ATOM   198 N  N   . ASN A 1 26 ? -13.185 -14.021 2.076   1.00 10.30 ? 25  ASN A N   1 
ATOM   199 C  CA  . ASN A 1 26 ? -12.994 -15.325 2.703   1.00 16.50 ? 25  ASN A CA  1 
ATOM   200 C  C   . ASN A 1 26 ? -11.522 -15.716 2.761   1.00 18.08 ? 25  ASN A C   1 
ATOM   201 O  O   . ASN A 1 26 ? -11.086 -16.361 3.721   1.00 14.94 ? 25  ASN A O   1 
ATOM   202 C  CB  . ASN A 1 26 ? -13.804 -16.373 1.942   1.00 21.24 ? 25  ASN A CB  1 
ATOM   203 C  CG  . ASN A 1 26 ? -13.802 -16.132 0.436   1.00 32.45 ? 25  ASN A CG  1 
ATOM   204 O  OD1 . ASN A 1 26 ? -14.479 -15.218 -0.066  1.00 15.37 ? 25  ASN A OD1 1 
ATOM   205 N  ND2 . ASN A 1 26 ? -13.054 -16.956 -0.294  1.00 42.94 ? 25  ASN A ND2 1 
ATOM   206 N  N   . GLU A 1 27 ? -10.740 -15.300 1.763   1.00 15.86 ? 26  GLU A N   1 
ATOM   207 C  CA  . GLU A 1 27 ? -9.340  -15.694 1.666   1.00 17.64 ? 26  GLU A CA  1 
ATOM   208 C  C   . GLU A 1 27 ? -8.481  -15.069 2.763   1.00 20.23 ? 26  GLU A C   1 
ATOM   209 O  O   . GLU A 1 27 ? -7.418  -15.606 3.085   1.00 16.00 ? 26  GLU A O   1 
ATOM   210 C  CB  . GLU A 1 27 ? -8.776  -15.300 0.295   1.00 27.63 ? 26  GLU A CB  1 
ATOM   211 C  CG  . GLU A 1 27 ? -9.680  -15.536 -0.915  1.00 42.42 ? 26  GLU A CG  1 
ATOM   212 C  CD  . GLU A 1 27 ? -8.919  -15.575 -2.243  1.00 48.31 ? 26  GLU A CD  1 
ATOM   213 O  OE1 . GLU A 1 27 ? -9.454  -16.127 -3.230  1.00 48.50 ? 26  GLU A OE1 1 
ATOM   214 O  OE2 . GLU A 1 27 ? -7.796  -15.037 -2.301  1.00 46.85 ? 26  GLU A OE2 1 
ATOM   215 N  N   . VAL A 1 28 ? -8.906  -13.943 3.344   1.00 4.63  ? 27  VAL A N   1 
ATOM   216 C  CA  . VAL A 1 28 ? -7.999  -13.173 4.196   1.00 6.45  ? 27  VAL A CA  1 
ATOM   217 C  C   . VAL A 1 28 ? -8.615  -12.864 5.551   1.00 9.10  ? 27  VAL A C   1 
ATOM   218 O  O   . VAL A 1 28 ? -8.012  -12.160 6.363   1.00 4.29  ? 27  VAL A O   1 
ATOM   219 C  CB  . VAL A 1 28 ? -7.564  -11.866 3.498   1.00 10.39 ? 27  VAL A CB  1 
ATOM   220 C  CG1 . VAL A 1 28 ? -6.871  -12.155 2.175   1.00 10.77 ? 27  VAL A CG1 1 
ATOM   221 C  CG2 . VAL A 1 28 ? -8.763  -10.925 3.266   1.00 6.36  ? 27  VAL A CG2 1 
ATOM   222 N  N   . GLN A 1 29 ? -9.806  -13.394 5.825   1.00 11.47 ? 28  GLN A N   1 
ATOM   223 C  CA  . GLN A 1 29 ? -10.509 -12.969 7.031   1.00 7.37  ? 28  GLN A CA  1 
ATOM   224 C  C   . GLN A 1 29 ? -9.799  -13.376 8.310   1.00 10.69 ? 28  GLN A C   1 
ATOM   225 O  O   . GLN A 1 29 ? -10.053 -12.771 9.357   1.00 11.10 ? 28  GLN A O   1 
ATOM   226 C  CB  . GLN A 1 29 ? -11.933 -13.529 7.058   1.00 11.55 ? 28  GLN A CB  1 
ATOM   227 C  CG  . GLN A 1 29 ? -11.999 -15.002 7.338   1.00 12.91 ? 28  GLN A CG  1 
ATOM   228 C  CD  . GLN A 1 29 ? -13.429 -15.498 7.448   1.00 20.27 ? 28  GLN A CD  1 
ATOM   229 O  OE1 . GLN A 1 29 ? -14.073 -15.338 8.485   1.00 29.20 ? 28  GLN A OE1 1 
ATOM   230 N  NE2 . GLN A 1 29 ? -13.937 -16.082 6.373   1.00 15.60 ? 28  GLN A NE2 1 
ATOM   231 N  N   . THR A 1 30 ? -8.913  -14.372 8.265   1.00 12.18 ? 29  THR A N   1 
ATOM   232 C  CA  . THR A 1 30 ? -8.243  -14.765 9.499   1.00 14.30 ? 29  THR A CA  1 
ATOM   233 C  C   . THR A 1 30 ? -7.209  -13.747 9.969   1.00 22.18 ? 29  THR A C   1 
ATOM   234 O  O   . THR A 1 30 ? -6.757  -13.846 11.113  1.00 22.60 ? 29  THR A O   1 
ATOM   235 C  CB  . THR A 1 30 ? -7.567  -16.129 9.341   1.00 12.75 ? 29  THR A CB  1 
ATOM   236 O  OG1 . THR A 1 30 ? -6.526  -16.041 8.362   1.00 11.85 ? 29  THR A OG1 1 
ATOM   237 C  CG2 . THR A 1 30 ? -8.577  -17.189 8.898   1.00 15.99 ? 29  THR A CG2 1 
ATOM   238 N  N   . PHE A 1 31 ? -6.824  -12.767 9.148   1.00 12.67 ? 30  PHE A N   1 
ATOM   239 C  CA  . PHE A 1 31 ? -5.806  -11.828 9.605   1.00 7.65  ? 30  PHE A CA  1 
ATOM   240 C  C   . PHE A 1 31 ? -6.093  -10.356 9.326   1.00 9.76  ? 30  PHE A C   1 
ATOM   241 O  O   . PHE A 1 31 ? -5.358  -9.508  9.838   1.00 13.40 ? 30  PHE A O   1 
ATOM   242 C  CB  . PHE A 1 31 ? -4.429  -12.198 9.023   1.00 12.27 ? 30  PHE A CB  1 
ATOM   243 C  CG  . PHE A 1 31 ? -4.351  -12.134 7.532   1.00 6.82  ? 30  PHE A CG  1 
ATOM   244 C  CD1 . PHE A 1 31 ? -4.091  -10.930 6.886   1.00 7.25  ? 30  PHE A CD1 1 
ATOM   245 C  CD2 . PHE A 1 31 ? -4.515  -13.272 6.768   1.00 9.66  ? 30  PHE A CD2 1 
ATOM   246 C  CE1 . PHE A 1 31 ? -4.016  -10.867 5.503   1.00 10.85 ? 30  PHE A CE1 1 
ATOM   247 C  CE2 . PHE A 1 31 ? -4.434  -13.210 5.384   1.00 11.64 ? 30  PHE A CE2 1 
ATOM   248 C  CZ  . PHE A 1 31 ? -4.185  -12.004 4.754   1.00 5.27  ? 30  PHE A CZ  1 
ATOM   249 N  N   . THR A 1 32 ? -7.131  -10.016 8.569   1.00 11.03 ? 31  THR A N   1 
ATOM   250 C  CA  . THR A 1 32 ? -7.453  -8.614  8.339   1.00 5.90  ? 31  THR A CA  1 
ATOM   251 C  C   . THR A 1 32 ? -8.969  -8.449  8.314   1.00 8.76  ? 31  THR A C   1 
ATOM   252 O  O   . THR A 1 32 ? -9.735  -9.400  8.514   1.00 5.41  ? 31  THR A O   1 
ATOM   253 C  CB  . THR A 1 32 ? -6.772  -8.079  7.056   1.00 6.29  ? 31  THR A CB  1 
ATOM   254 O  OG1 . THR A 1 32 ? -6.861  -6.640  7.008   1.00 3.86  ? 31  THR A OG1 1 
ATOM   255 C  CG2 . THR A 1 32 ? -7.406  -8.662  5.790   1.00 2.18  ? 31  THR A CG2 1 
ATOM   256 N  N   . THR A 1 33 ? -9.403  -7.212  8.132   1.00 10.44 ? 32  THR A N   1 
ATOM   257 C  CA  . THR A 1 33 ? -10.815 -6.869  8.151   1.00 10.94 ? 32  THR A CA  1 
ATOM   258 C  C   . THR A 1 33 ? -11.071 -5.927  6.993   1.00 8.74  ? 32  THR A C   1 
ATOM   259 O  O   . THR A 1 33 ? -10.141 -5.327  6.448   1.00 4.10  ? 32  THR A O   1 
ATOM   260 C  CB  . THR A 1 33 ? -11.228 -6.195  9.463   1.00 11.96 ? 32  THR A CB  1 
ATOM   261 O  OG1 . THR A 1 33 ? -10.610 -4.910  9.539   1.00 10.14 ? 32  THR A OG1 1 
ATOM   262 C  CG2 . THR A 1 33 ? -10.801 -7.015  10.656  1.00 11.30 ? 32  THR A CG2 1 
ATOM   263 N  N   . ILE A 1 34 ? -12.342 -5.802  6.608   1.00 6.77  ? 33  ILE A N   1 
ATOM   264 C  CA  . ILE A 1 34 ? -12.684 -4.855  5.548   1.00 6.03  ? 33  ILE A CA  1 
ATOM   265 C  C   . ILE A 1 34 ? -12.310 -3.438  5.968   1.00 8.64  ? 33  ILE A C   1 
ATOM   266 O  O   . ILE A 1 34 ? -11.847 -2.627  5.151   1.00 7.36  ? 33  ILE A O   1 
ATOM   267 C  CB  . ILE A 1 34 ? -14.179 -4.972  5.181   1.00 6.86  ? 33  ILE A CB  1 
ATOM   268 C  CG1 . ILE A 1 34 ? -14.458 -6.303  4.486   1.00 10.12 ? 33  ILE A CG1 1 
ATOM   269 C  CG2 . ILE A 1 34 ? -14.619 -3.821  4.282   1.00 14.33 ? 33  ILE A CG2 1 
ATOM   270 C  CD1 . ILE A 1 34 ? -13.841 -6.402  3.092   1.00 6.86  ? 33  ILE A CD1 1 
ATOM   271 N  N   . ASN A 1 35 ? -12.506 -3.119  7.248   1.00 3.57  ? 34  ASN A N   1 
ATOM   272 C  CA  . ASN A 1 35 ? -12.168 -1.790  7.736   1.00 8.62  ? 34  ASN A CA  1 
ATOM   273 C  C   . ASN A 1 35 ? -10.675 -1.514  7.611   1.00 6.78  ? 34  ASN A C   1 
ATOM   274 O  O   . ASN A 1 35 ? -10.276 -0.414  7.223   1.00 6.18  ? 34  ASN A O   1 
ATOM   275 C  CB  . ASN A 1 35 ? -12.625 -1.629  9.184   1.00 5.70  ? 34  ASN A CB  1 
ATOM   276 C  CG  . ASN A 1 35 ? -14.091 -1.272  9.287   1.00 17.90 ? 34  ASN A CG  1 
ATOM   277 O  OD1 . ASN A 1 35 ? -14.725 -0.918  8.291   1.00 26.94 ? 34  ASN A OD1 1 
ATOM   278 N  ND2 . ASN A 1 35 ? -14.644 -1.370  10.492  1.00 25.87 ? 34  ASN A ND2 1 
ATOM   279 N  N   . GLN A 1 36 ? -9.833  -2.504  7.924   1.00 2.67  ? 35  GLN A N   1 
ATOM   280 C  CA  . GLN A 1 36 ? -8.393  -2.292  7.787   1.00 1.17  ? 35  GLN A CA  1 
ATOM   281 C  C   . GLN A 1 36 ? -7.995  -2.175  6.319   1.00 2.58  ? 35  GLN A C   1 
ATOM   282 O  O   . GLN A 1 36 ? -7.229  -1.280  5.945   1.00 3.70  ? 35  GLN A O   1 
ATOM   283 C  CB  . GLN A 1 36 ? -7.624  -3.422  8.458   1.00 1.62  ? 35  GLN A CB  1 
ATOM   284 C  CG  . GLN A 1 36 ? -6.117  -3.204  8.484   1.00 5.16  ? 35  GLN A CG  1 
ATOM   285 C  CD  . GLN A 1 36 ? -5.400  -4.334  9.191   1.00 10.87 ? 35  GLN A CD  1 
ATOM   286 O  OE1 . GLN A 1 36 ? -5.293  -5.442  8.660   1.00 9.33  ? 35  GLN A OE1 1 
ATOM   287 N  NE2 . GLN A 1 36 ? -4.921  -4.069  10.401  1.00 8.26  ? 35  GLN A NE2 1 
ATOM   288 N  N   . LEU A 1 37 ? -8.501  -3.081  5.472   1.00 7.31  ? 36  LEU A N   1 
ATOM   289 C  CA  . LEU A 1 37 ? -8.193  -3.022  4.045   1.00 1.09  ? 36  LEU A CA  1 
ATOM   290 C  C   . LEU A 1 37 ? -8.548  -1.659  3.462   1.00 3.03  ? 36  LEU A C   1 
ATOM   291 O  O   . LEU A 1 37 ? -7.791  -1.106  2.657   1.00 2.58  ? 36  LEU A O   1 
ATOM   292 C  CB  . LEU A 1 37 ? -8.917  -4.153  3.291   1.00 0.96  ? 36  LEU A CB  1 
ATOM   293 C  CG  . LEU A 1 37 ? -8.427  -5.581  3.542   1.00 0.93  ? 36  LEU A CG  1 
ATOM   294 C  CD1 . LEU A 1 37 ? -9.328  -6.618  2.886   1.00 4.52  ? 36  LEU A CD1 1 
ATOM   295 C  CD2 . LEU A 1 37 ? -7.023  -5.734  3.024   1.00 5.41  ? 36  LEU A CD2 1 
ATOM   296 N  N   . ASN A 1 38 ? -9.701  -1.103  3.844   1.00 4.08  ? 37  ASN A N   1 
ATOM   297 C  CA  . ASN A 1 38 ? -10.102 0.206   3.335   1.00 11.06 ? 37  ASN A CA  1 
ATOM   298 C  C   . ASN A 1 38 ? -9.237  1.320   3.903   1.00 3.05  ? 37  ASN A C   1 
ATOM   299 O  O   . ASN A 1 38 ? -9.027  2.334   3.231   1.00 5.75  ? 37  ASN A O   1 
ATOM   300 C  CB  . ASN A 1 38 ? -11.572 0.476   3.666   1.00 15.74 ? 37  ASN A CB  1 
ATOM   301 C  CG  . ASN A 1 38 ? -12.513 -0.214  2.716   1.00 18.83 ? 37  ASN A CG  1 
ATOM   302 O  OD1 . ASN A 1 38 ? -12.281 -0.260  1.508   1.00 15.55 ? 37  ASN A OD1 1 
ATOM   303 N  ND2 . ASN A 1 38 ? -13.591 -0.749  3.258   1.00 19.72 ? 37  ASN A ND2 1 
ATOM   304 N  N   . HIS A 1 39 ? -8.782  1.172   5.149   1.00 4.96  ? 38  HIS A N   1 
ATOM   305 C  CA  . HIS A 1 39 ? -7.799  2.090   5.708   1.00 3.70  ? 38  HIS A CA  1 
ATOM   306 C  C   . HIS A 1 39 ? -6.541  2.106   4.856   1.00 1.47  ? 38  HIS A C   1 
ATOM   307 O  O   . HIS A 1 39 ? -6.017  3.176   4.513   1.00 5.26  ? 38  HIS A O   1 
ATOM   308 C  CB  . HIS A 1 39 ? -7.433  1.662   7.131   1.00 13.61 ? 38  HIS A CB  1 
ATOM   309 C  CG  . HIS A 1 39 ? -8.433  2.028   8.177   1.00 33.38 ? 38  HIS A CG  1 
ATOM   310 N  ND1 . HIS A 1 39 ? -9.572  2.758   7.905   1.00 40.02 ? 38  HIS A ND1 1 
ATOM   311 C  CD2 . HIS A 1 39 ? -8.480  1.738   9.499   1.00 39.84 ? 38  HIS A CD2 1 
ATOM   312 C  CE1 . HIS A 1 39 ? -10.263 2.918   9.019   1.00 43.16 ? 38  HIS A CE1 1 
ATOM   313 N  NE2 . HIS A 1 39 ? -9.626  2.304   10.001  1.00 39.00 ? 38  HIS A NE2 1 
ATOM   314 N  N   . PHE A 1 40 ? -6.019  0.918   4.540   1.00 0.76  ? 39  PHE A N   1 
ATOM   315 C  CA  . PHE A 1 40 ? -4.796  0.831   3.742   1.00 1.46  ? 39  PHE A CA  1 
ATOM   316 C  C   . PHE A 1 40 ? -5.010  1.452   2.375   1.00 2.25  ? 39  PHE A C   1 
ATOM   317 O  O   . PHE A 1 40 ? -4.174  2.224   1.894   1.00 5.84  ? 39  PHE A O   1 
ATOM   318 C  CB  . PHE A 1 40 ? -4.332  -0.623  3.580   1.00 1.55  ? 39  PHE A CB  1 
ATOM   319 C  CG  . PHE A 1 40 ? -3.801  -1.256  4.848   1.00 3.20  ? 39  PHE A CG  1 
ATOM   320 C  CD1 . PHE A 1 40 ? -3.702  -0.540  6.022   1.00 5.63  ? 39  PHE A CD1 1 
ATOM   321 C  CD2 . PHE A 1 40 ? -3.435  -2.593  4.857   1.00 6.44  ? 39  PHE A CD2 1 
ATOM   322 C  CE1 . PHE A 1 40 ? -3.236  -1.142  7.175   1.00 7.56  ? 39  PHE A CE1 1 
ATOM   323 C  CE2 . PHE A 1 40 ? -2.968  -3.200  6.005   1.00 5.14  ? 39  PHE A CE2 1 
ATOM   324 C  CZ  . PHE A 1 40 ? -2.872  -2.475  7.165   1.00 3.61  ? 39  PHE A CZ  1 
ATOM   325 N  N   . LYS A 1 41 ? -6.129  1.101   1.725   1.00 1.70  ? 40  LYS A N   1 
ATOM   326 C  CA  . LYS A 1 41 ? -6.438  1.633   0.404   1.00 0.95  ? 40  LYS A CA  1 
ATOM   327 C  C   . LYS A 1 41 ? -6.499  3.158   0.413   1.00 5.27  ? 40  LYS A C   1 
ATOM   328 O  O   . LYS A 1 41 ? -5.934  3.814   -0.469  1.00 11.77 ? 40  LYS A O   1 
ATOM   329 C  CB  . LYS A 1 41 ? -7.764  1.043   -0.086  1.00 1.59  ? 40  LYS A CB  1 
ATOM   330 C  CG  . LYS A 1 41 ? -8.077  1.343   -1.527  1.00 6.13  ? 40  LYS A CG  1 
ATOM   331 C  CD  . LYS A 1 41 ? -9.308  0.550   -1.981  1.00 6.71  ? 40  LYS A CD  1 
ATOM   332 C  CE  . LYS A 1 41 ? -10.030 1.254   -3.126  1.00 10.44 ? 40  LYS A CE  1 
ATOM   333 N  NZ  . LYS A 1 41 ? -11.205 0.452   -3.606  1.00 4.82  ? 40  LYS A NZ  1 
ATOM   334 N  N   . GLU A 1 42 ? -7.205  3.742   1.391   1.00 4.47  ? 41  GLU A N   1 
ATOM   335 C  CA  . GLU A 1 42 ? -7.258  5.200   1.513   1.00 7.86  ? 41  GLU A CA  1 
ATOM   336 C  C   . GLU A 1 42 ? -5.865  5.811   1.550   1.00 4.83  ? 41  GLU A C   1 
ATOM   337 O  O   . GLU A 1 42 ? -5.584  6.808   0.870   1.00 3.18  ? 41  GLU A O   1 
ATOM   338 C  CB  . GLU A 1 42 ? -8.028  5.604   2.769   1.00 20.08 ? 41  GLU A CB  1 
ATOM   339 C  CG  . GLU A 1 42 ? -9.524  5.428   2.655   1.00 35.37 ? 41  GLU A CG  1 
ATOM   340 C  CD  . GLU A 1 42 ? -10.206 5.369   4.008   1.00 54.63 ? 41  GLU A CD  1 
ATOM   341 O  OE1 . GLU A 1 42 ? -11.003 4.430   4.236   1.00 57.59 ? 41  GLU A OE1 1 
ATOM   342 O  OE2 . GLU A 1 42 ? -9.940  6.260   4.844   1.00 62.33 ? 41  GLU A OE2 1 
ATOM   343 N  N   . LYS A 1 43 ? -4.978  5.236   2.349   1.00 2.39  ? 42  LYS A N   1 
ATOM   344 C  CA  . LYS A 1 43 ? -3.639  5.810   2.454   1.00 8.29  ? 42  LYS A CA  1 
ATOM   345 C  C   . LYS A 1 43 ? -2.873  5.693   1.141   1.00 8.37  ? 42  LYS A C   1 
ATOM   346 O  O   . LYS A 1 43 ? -2.186  6.640   0.735   1.00 8.72  ? 42  LYS A O   1 
ATOM   347 C  CB  . LYS A 1 43 ? -2.885  5.141   3.603   1.00 11.33 ? 42  LYS A CB  1 
ATOM   348 C  CG  . LYS A 1 43 ? -3.569  5.379   4.921   1.00 12.89 ? 42  LYS A CG  1 
ATOM   349 C  CD  . LYS A 1 43 ? -2.877  4.664   6.052   1.00 23.44 ? 42  LYS A CD  1 
ATOM   350 C  CE  . LYS A 1 43 ? -3.204  5.325   7.378   1.00 32.91 ? 42  LYS A CE  1 
ATOM   351 N  NZ  . LYS A 1 43 ? -2.623  6.697   7.461   1.00 30.81 ? 42  LYS A NZ  1 
ATOM   352 N  N   . LEU A 1 44 ? -2.973  4.547   0.460   1.00 1.27  ? 43  LEU A N   1 
ATOM   353 C  CA  . LEU A 1 44 ? -2.282  4.395   -0.820  1.00 2.09  ? 43  LEU A CA  1 
ATOM   354 C  C   . LEU A 1 44 ? -2.848  5.344   -1.863  1.00 2.23  ? 43  LEU A C   1 
ATOM   355 O  O   . LEU A 1 44 ? -2.125  5.833   -2.738  1.00 3.73  ? 43  LEU A O   1 
ATOM   356 C  CB  . LEU A 1 44 ? -2.401  2.956   -1.326  1.00 0.90  ? 43  LEU A CB  1 
ATOM   357 C  CG  . LEU A 1 44 ? -1.758  1.945   -0.391  1.00 1.58  ? 43  LEU A CG  1 
ATOM   358 C  CD1 . LEU A 1 44 ? -2.091  0.541   -0.863  1.00 2.79  ? 43  LEU A CD1 1 
ATOM   359 C  CD2 . LEU A 1 44 ? -0.279  2.211   -0.425  1.00 4.83  ? 43  LEU A CD2 1 
HETATM 360 N  N   . MSE A 1 45 ? -4.151  5.560   -1.820  1.00 1.20  ? 44  MSE A N   1 
HETATM 361 C  CA  . MSE A 1 45 ? -4.833  6.433   -2.754  1.00 1.69  ? 44  MSE A CA  1 
HETATM 362 C  C   . MSE A 1 45 ? -4.403  7.876   -2.519  1.00 7.93  ? 44  MSE A C   1 
HETATM 363 O  O   . MSE A 1 45 ? -4.297  8.671   -3.446  1.00 6.69  ? 44  MSE A O   1 
HETATM 364 C  CB  . MSE A 1 45 ? -6.338  6.266   -2.552  1.00 6.28  ? 44  MSE A CB  1 
HETATM 365 C  CG  . MSE A 1 45 ? -6.939  5.093   -3.323  1.00 18.89 ? 44  MSE A CG  1 
HETATM 366 SE SE  . MSE A 1 45 ? -8.869  5.201   -3.208  1.00 35.89 ? 44  MSE A SE  1 
HETATM 367 C  CE  . MSE A 1 45 ? -9.015  4.859   -1.310  1.00 42.42 ? 44  MSE A CE  1 
ATOM   368 N  N   . ASN A 1 46 ? -4.150  8.214   -1.257  1.00 3.76  ? 45  ASN A N   1 
ATOM   369 C  CA  . ASN A 1 46 ? -3.649  9.548   -0.959  1.00 3.64  ? 45  ASN A CA  1 
ATOM   370 C  C   . ASN A 1 46 ? -2.218  9.734   -1.451  1.00 7.12  ? 45  ASN A C   1 
ATOM   371 O  O   . ASN A 1 46 ? -1.852  10.837  -1.870  1.00 6.13  ? 45  ASN A O   1 
ATOM   372 C  CB  . ASN A 1 46 ? -3.733  9.818   0.536   1.00 8.04  ? 45  ASN A CB  1 
ATOM   373 C  CG  . ASN A 1 46 ? -3.376  11.251  0.878   1.00 15.01 ? 45  ASN A CG  1 
ATOM   374 O  OD1 . ASN A 1 46 ? -2.380  11.523  1.558   1.00 11.99 ? 45  ASN A OD1 1 
ATOM   375 N  ND2 . ASN A 1 46 ? -4.180  12.179  0.392   1.00 11.82 ? 45  ASN A ND2 1 
ATOM   376 N  N   . CYS A 1 47 ? -1.401  8.671   -1.415  1.00 3.95  ? 46  CYS A N   1 
ATOM   377 C  CA  . CYS A 1 47 ? -0.065  8.720   -2.005  1.00 3.86  ? 46  CYS A CA  1 
ATOM   378 C  C   . CYS A 1 47 ? -0.131  9.029   -3.498  1.00 9.44  ? 46  CYS A C   1 
ATOM   379 O  O   . CYS A 1 47 ? 0.626   9.866   -4.004  1.00 8.05  ? 46  CYS A O   1 
ATOM   380 C  CB  . CYS A 1 47 ? 0.657   7.389   -1.782  1.00 5.05  ? 46  CYS A CB  1 
ATOM   381 S  SG  . CYS A 1 47 ? 1.003   7.027   -0.033  1.00 11.49 ? 46  CYS A SG  1 
ATOM   382 N  N   . GLU A 1 48 ? -1.014  8.336   -4.223  1.00 1.51  ? 47  GLU A N   1 
ATOM   383 C  CA  . GLU A 1 48 ? -1.216  8.623   -5.645  1.00 3.74  ? 47  GLU A CA  1 
ATOM   384 C  C   . GLU A 1 48 ? -1.551  10.087  -5.866  1.00 1.83  ? 47  GLU A C   1 
ATOM   385 O  O   . GLU A 1 48 ? -0.990  10.750  -6.747  1.00 9.77  ? 47  GLU A O   1 
ATOM   386 C  CB  . GLU A 1 48 ? -2.349  7.764   -6.210  1.00 8.82  ? 47  GLU A CB  1 
ATOM   387 C  CG  . GLU A 1 48 ? -2.085  6.274   -6.241  1.00 18.37 ? 47  GLU A CG  1 
ATOM   388 C  CD  . GLU A 1 48 ? -3.173  5.529   -7.003  1.00 29.56 ? 47  GLU A CD  1 
ATOM   389 O  OE1 . GLU A 1 48 ? -4.274  6.099   -7.163  1.00 30.11 ? 47  GLU A OE1 1 
ATOM   390 O  OE2 . GLU A 1 48 ? -2.928  4.391   -7.455  1.00 28.99 ? 47  GLU A OE2 1 
ATOM   391 N  N   . HIS A 1 49 ? -2.478  10.610  -5.069  1.00 5.29  ? 48  HIS A N   1 
ATOM   392 C  CA  . HIS A 1 49 ? -2.911  11.990  -5.260  1.00 10.89 ? 48  HIS A CA  1 
ATOM   393 C  C   . HIS A 1 49 ? -1.776  12.983  -5.010  1.00 11.12 ? 48  HIS A C   1 
ATOM   394 O  O   . HIS A 1 49 ? -1.611  13.944  -5.770  1.00 8.78  ? 48  HIS A O   1 
ATOM   395 C  CB  . HIS A 1 49 ? -4.116  12.273  -4.370  1.00 13.81 ? 48  HIS A CB  1 
ATOM   396 C  CG  . HIS A 1 49 ? -5.320  11.453  -4.725  1.00 22.88 ? 48  HIS A CG  1 
ATOM   397 N  ND1 . HIS A 1 49 ? -6.289  11.111  -3.805  1.00 29.60 ? 48  HIS A ND1 1 
ATOM   398 C  CD2 . HIS A 1 49 ? -5.708  10.898  -5.900  1.00 30.06 ? 48  HIS A CD2 1 
ATOM   399 C  CE1 . HIS A 1 49 ? -7.224  10.388  -4.398  1.00 30.57 ? 48  HIS A CE1 1 
ATOM   400 N  NE2 . HIS A 1 49 ? -6.895  10.244  -5.669  1.00 26.48 ? 48  HIS A NE2 1 
ATOM   401 N  N   . LEU A 1 50 ? -0.980  12.776  -3.959  1.00 3.50  ? 49  LEU A N   1 
ATOM   402 C  CA  . LEU A 1 50 ? 0.125   13.711  -3.709  1.00 2.07  ? 49  LEU A CA  1 
ATOM   403 C  C   . LEU A 1 50 ? 1.182   13.665  -4.806  1.00 3.85  ? 49  LEU A C   1 
ATOM   404 O  O   . LEU A 1 50 ? 1.776   14.701  -5.130  1.00 4.68  ? 49  LEU A O   1 
ATOM   405 C  CB  . LEU A 1 50 ? 0.767   13.448  -2.349  1.00 5.96  ? 49  LEU A CB  1 
ATOM   406 C  CG  . LEU A 1 50 ? -0.177  13.673  -1.171  1.00 7.30  ? 49  LEU A CG  1 
ATOM   407 C  CD1 . LEU A 1 50 ? 0.416   13.165  0.126   1.00 14.29 ? 49  LEU A CD1 1 
ATOM   408 C  CD2 . LEU A 1 50 ? -0.530  15.154  -1.069  1.00 15.19 ? 49  LEU A CD2 1 
ATOM   409 N  N   . ILE A 1 51 ? 1.440   12.487  -5.383  1.00 10.41 ? 50  ILE A N   1 
ATOM   410 C  CA  . ILE A 1 51 ? 2.342   12.394  -6.529  1.00 6.82  ? 50  ILE A CA  1 
ATOM   411 C  C   . ILE A 1 51 ? 1.763   13.125  -7.730  1.00 13.00 ? 50  ILE A C   1 
ATOM   412 O  O   . ILE A 1 51 ? 2.479   13.833  -8.447  1.00 7.77  ? 50  ILE A O   1 
ATOM   413 C  CB  . ILE A 1 51 ? 2.629   10.922  -6.867  1.00 5.84  ? 50  ILE A CB  1 
ATOM   414 C  CG1 . ILE A 1 51 ? 3.489   10.282  -5.771  1.00 4.00  ? 50  ILE A CG1 1 
ATOM   415 C  CG2 . ILE A 1 51 ? 3.317   10.818  -8.221  1.00 4.12  ? 50  ILE A CG2 1 
ATOM   416 C  CD1 . ILE A 1 51 ? 3.480   8.766   -5.819  1.00 8.85  ? 50  ILE A CD1 1 
ATOM   417 N  N   . GLN A 1 52 ? 0.459   12.960  -7.975  1.00 3.14  ? 51  GLN A N   1 
ATOM   418 C  CA  . GLN A 1 52 ? -0.165  13.625  -9.112  1.00 2.55  ? 51  GLN A CA  1 
ATOM   419 C  C   . GLN A 1 52 ? -0.196  15.136  -8.948  1.00 4.49  ? 51  GLN A C   1 
ATOM   420 O  O   . GLN A 1 52 ? -0.249  15.859  -9.954  1.00 6.55  ? 51  GLN A O   1 
ATOM   421 C  CB  . GLN A 1 52 ? -1.580  13.085  -9.324  1.00 5.84  ? 51  GLN A CB  1 
ATOM   422 C  CG  . GLN A 1 52 ? -1.660  11.587  -9.577  1.00 10.66 ? 51  GLN A CG  1 
ATOM   423 C  CD  . GLN A 1 52 ? -3.089  11.100  -9.746  1.00 20.34 ? 51  GLN A CD  1 
ATOM   424 O  OE1 . GLN A 1 52 ? -4.017  11.610  -9.108  1.00 25.70 ? 51  GLN A OE1 1 
ATOM   425 N  NE2 . GLN A 1 52 ? -3.274  10.105  -10.607 1.00 25.25 ? 51  GLN A NE2 1 
ATOM   426 N  N   . LEU A 1 53 ? -0.153  15.627  -7.715  1.00 6.09  ? 52  LEU A N   1 
ATOM   427 C  CA  . LEU A 1 53 ? -0.154  17.052  -7.428  1.00 10.95 ? 52  LEU A CA  1 
ATOM   428 C  C   . LEU A 1 53 ? 1.240   17.632  -7.307  1.00 17.69 ? 52  LEU A C   1 
ATOM   429 O  O   . LEU A 1 53 ? 1.372   18.829  -7.038  1.00 13.61 ? 52  LEU A O   1 
ATOM   430 C  CB  . LEU A 1 53 ? -0.915  17.323  -6.128  1.00 13.14 ? 52  LEU A CB  1 
ATOM   431 C  CG  . LEU A 1 53 ? -2.397  17.645  -6.299  1.00 16.29 ? 52  LEU A CG  1 
ATOM   432 C  CD1 . LEU A 1 53 ? -3.134  17.429  -4.991  1.00 16.26 ? 52  LEU A CD1 1 
ATOM   433 C  CD2 . LEU A 1 53 ? -2.551  19.076  -6.777  1.00 23.15 ? 52  LEU A CD2 1 
ATOM   434 N  N   . ASN A 1 54 ? 2.270   16.809  -7.474  1.00 8.92  ? 53  ASN A N   1 
ATOM   435 C  CA  . ASN A 1 54 ? 3.650   17.209  -7.213  1.00 20.30 ? 53  ASN A CA  1 
ATOM   436 C  C   . ASN A 1 54 ? 3.769   17.827  -5.826  1.00 20.20 ? 53  ASN A C   1 
ATOM   437 O  O   . ASN A 1 54 ? 4.274   18.935  -5.646  1.00 21.25 ? 53  ASN A O   1 
ATOM   438 C  CB  . ASN A 1 54 ? 4.157   18.169  -8.287  1.00 31.64 ? 53  ASN A CB  1 
ATOM   439 C  CG  . ASN A 1 54 ? 5.589   17.899  -8.664  1.00 45.35 ? 53  ASN A CG  1 
ATOM   440 O  OD1 . ASN A 1 54 ? 6.508   18.157  -7.882  1.00 51.14 ? 53  ASN A OD1 1 
ATOM   441 N  ND2 . ASN A 1 54 ? 5.795   17.368  -9.864  1.00 47.97 ? 53  ASN A ND2 1 
ATOM   442 N  N   . ASN A 1 55 ? 3.267   17.107  -4.831  1.00 11.71 ? 54  ASN A N   1 
ATOM   443 C  CA  . ASN A 1 55 ? 3.273   17.604  -3.463  1.00 11.42 ? 54  ASN A CA  1 
ATOM   444 C  C   . ASN A 1 55 ? 3.586   16.465  -2.507  1.00 4.97  ? 54  ASN A C   1 
ATOM   445 O  O   . ASN A 1 55 ? 2.911   16.253  -1.499  1.00 7.61  ? 54  ASN A O   1 
ATOM   446 C  CB  . ASN A 1 55 ? 1.949   18.272  -3.115  1.00 17.03 ? 54  ASN A CB  1 
ATOM   447 C  CG  . ASN A 1 55 ? 2.055   19.153  -1.885  1.00 24.76 ? 54  ASN A CG  1 
ATOM   448 O  OD1 . ASN A 1 55 ? 3.154   19.523  -1.459  1.00 22.97 ? 54  ASN A OD1 1 
ATOM   449 N  ND2 . ASN A 1 55 ? 0.916   19.479  -1.299  1.00 25.89 ? 54  ASN A ND2 1 
ATOM   450 N  N   . ILE A 1 56 ? 4.650   15.735  -2.812  1.00 8.97  ? 55  ILE A N   1 
ATOM   451 C  CA  . ILE A 1 56 ? 5.074   14.600  -2.006  1.00 15.22 ? 55  ILE A CA  1 
ATOM   452 C  C   . ILE A 1 56 ? 5.770   15.153  -0.768  1.00 18.26 ? 55  ILE A C   1 
ATOM   453 O  O   . ILE A 1 56 ? 6.525   16.130  -0.876  1.00 22.97 ? 55  ILE A O   1 
ATOM   454 C  CB  . ILE A 1 56 ? 5.992   13.673  -2.824  1.00 29.87 ? 55  ILE A CB  1 
ATOM   455 C  CG1 . ILE A 1 56 ? 6.640   12.620  -1.942  1.00 36.49 ? 55  ILE A CG1 1 
ATOM   456 C  CG2 . ILE A 1 56 ? 7.100   14.448  -3.477  1.00 29.40 ? 55  ILE A CG2 1 
ATOM   457 C  CD1 . ILE A 1 56 ? 7.272   11.510  -2.734  1.00 33.18 ? 55  ILE A CD1 1 
ATOM   458 N  N   . PRO A 1 57 ? 5.541   14.591  0.415   1.00 9.93  ? 56  PRO A N   1 
ATOM   459 C  CA  . PRO A 1 57 ? 6.267   15.045  1.606   1.00 17.79 ? 56  PRO A CA  1 
ATOM   460 C  C   . PRO A 1 57 ? 7.754   14.733  1.505   1.00 18.38 ? 56  PRO A C   1 
ATOM   461 O  O   . PRO A 1 57 ? 8.204   13.960  0.660   1.00 11.87 ? 56  PRO A O   1 
ATOM   462 C  CB  . PRO A 1 57 ? 5.610   14.272  2.752   1.00 21.36 ? 56  PRO A CB  1 
ATOM   463 C  CG  . PRO A 1 57 ? 4.810   13.194  2.109   1.00 22.85 ? 56  PRO A CG  1 
ATOM   464 C  CD  . PRO A 1 57 ? 4.466   13.640  0.738   1.00 17.55 ? 56  PRO A CD  1 
ATOM   465 N  N   . ASP A 1 58 ? 8.533   15.364  2.383   1.00 18.76 ? 57  ASP A N   1 
ATOM   466 C  CA  . ASP A 1 58 ? 9.958   15.072  2.394   1.00 19.79 ? 57  ASP A CA  1 
ATOM   467 C  C   . ASP A 1 58 ? 10.186  13.639  2.868   1.00 13.47 ? 57  ASP A C   1 
ATOM   468 O  O   . ASP A 1 58 ? 9.279   12.963  3.365   1.00 12.50 ? 57  ASP A O   1 
ATOM   469 C  CB  . ASP A 1 58 ? 10.719  16.085  3.256   1.00 21.94 ? 57  ASP A CB  1 
ATOM   470 C  CG  . ASP A 1 58 ? 10.145  16.223  4.654   1.00 34.13 ? 57  ASP A CG  1 
ATOM   471 O  OD1 . ASP A 1 58 ? 9.251   15.434  5.024   1.00 42.81 ? 57  ASP A OD1 1 
ATOM   472 O  OD2 . ASP A 1 58 ? 10.582  17.133  5.390   1.00 35.75 ? 57  ASP A OD2 1 
ATOM   473 N  N   . LYS A 1 59 ? 11.420  13.165  2.689   1.00 12.50 ? 58  LYS A N   1 
ATOM   474 C  CA  . LYS A 1 59 ? 11.703  11.758  2.948   1.00 12.12 ? 58  LYS A CA  1 
ATOM   475 C  C   . LYS A 1 59 ? 11.436  11.355  4.390   1.00 11.04 ? 58  LYS A C   1 
ATOM   476 O  O   . LYS A 1 59 ? 11.259  10.164  4.660   1.00 14.99 ? 58  LYS A O   1 
ATOM   477 C  CB  . LYS A 1 59 ? 13.150  11.434  2.586   1.00 23.15 ? 58  LYS A CB  1 
ATOM   478 C  CG  . LYS A 1 59 ? 13.417  11.394  1.091   1.00 31.18 ? 58  LYS A CG  1 
ATOM   479 C  CD  . LYS A 1 59 ? 14.879  11.104  0.804   1.00 40.03 ? 58  LYS A CD  1 
ATOM   480 C  CE  . LYS A 1 59 ? 15.091  10.729  -0.655  1.00 41.62 ? 58  LYS A CE  1 
ATOM   481 N  NZ  . LYS A 1 59 ? 14.318  9.516   -1.030  1.00 45.51 ? 58  LYS A NZ  1 
ATOM   482 N  N   . SER A 1 60 ? 11.398  12.300  5.326   1.00 9.89  ? 59  SER A N   1 
ATOM   483 C  CA  . SER A 1 60 ? 11.153  11.945  6.716   1.00 9.64  ? 59  SER A CA  1 
ATOM   484 C  C   . SER A 1 60 ? 9.682   11.839  7.079   1.00 16.15 ? 59  SER A C   1 
ATOM   485 O  O   . SER A 1 60 ? 9.374   11.430  8.201   1.00 22.94 ? 59  SER A O   1 
ATOM   486 C  CB  . SER A 1 60 ? 11.827  12.953  7.654   1.00 12.22 ? 59  SER A CB  1 
ATOM   487 O  OG  . SER A 1 60 ? 13.224  12.885  7.511   1.00 21.88 ? 59  SER A OG  1 
ATOM   488 N  N   . HIS A 1 61 ? 8.761   12.170  6.178   1.00 13.27 ? 60  HIS A N   1 
ATOM   489 C  CA  . HIS A 1 61 ? 7.350   12.107  6.541   1.00 13.30 ? 60  HIS A CA  1 
ATOM   490 C  C   . HIS A 1 61 ? 6.564   11.259  5.549   1.00 10.54 ? 60  HIS A C   1 
ATOM   491 O  O   . HIS A 1 61 ? 5.426   11.576  5.195   1.00 21.88 ? 60  HIS A O   1 
ATOM   492 C  CB  . HIS A 1 61 ? 6.755   13.505  6.659   1.00 18.48 ? 60  HIS A CB  1 
ATOM   493 C  CG  . HIS A 1 61 ? 7.500   14.392  7.604   1.00 14.97 ? 60  HIS A CG  1 
ATOM   494 N  ND1 . HIS A 1 61 ? 8.696   14.994  7.273   1.00 24.99 ? 60  HIS A ND1 1 
ATOM   495 C  CD2 . HIS A 1 61 ? 7.231   14.768  8.877   1.00 22.65 ? 60  HIS A CD2 1 
ATOM   496 C  CE1 . HIS A 1 61 ? 9.129   15.705  8.299   1.00 18.52 ? 60  HIS A CE1 1 
ATOM   497 N  NE2 . HIS A 1 61 ? 8.257   15.587  9.284   1.00 20.77 ? 60  HIS A NE2 1 
ATOM   498 N  N   . ARG A 1 62 ? 7.156   10.150  5.116   1.00 14.48 ? 61  ARG A N   1 
ATOM   499 C  CA  . ARG A 1 62 ? 6.535   9.214   4.192   1.00 7.66  ? 61  ARG A CA  1 
ATOM   500 C  C   . ARG A 1 62 ? 6.050   7.947   4.873   1.00 15.81 ? 61  ARG A C   1 
ATOM   501 O  O   . ARG A 1 62 ? 5.723   6.973   4.187   1.00 19.61 ? 61  ARG A O   1 
ATOM   502 C  CB  . ARG A 1 62 ? 7.520   8.833   3.092   1.00 4.80  ? 61  ARG A CB  1 
ATOM   503 C  CG  . ARG A 1 62 ? 8.228   10.004  2.465   1.00 14.38 ? 61  ARG A CG  1 
ATOM   504 C  CD  . ARG A 1 62 ? 7.883   10.099  1.016   1.00 11.58 ? 61  ARG A CD  1 
ATOM   505 N  NE  . ARG A 1 62 ? 8.548   11.231  0.386   1.00 11.82 ? 61  ARG A NE  1 
ATOM   506 C  CZ  . ARG A 1 62 ? 9.647   11.153  -0.349  1.00 17.36 ? 61  ARG A CZ  1 
ATOM   507 N  NH1 . ARG A 1 62 ? 10.214  9.976   -0.578  1.00 19.67 ? 61  ARG A NH1 1 
ATOM   508 N  NH2 . ARG A 1 62 ? 10.163  12.261  -0.873  1.00 15.00 ? 61  ARG A NH2 1 
ATOM   509 N  N   . ASN A 1 63 ? 6.023   7.909   6.193   1.00 16.96 ? 62  ASN A N   1 
ATOM   510 C  CA  . ASN A 1 63 ? 5.566   6.700   6.857   1.00 15.03 ? 62  ASN A CA  1 
ATOM   511 C  C   . ASN A 1 63 ? 4.046   6.646   6.828   1.00 20.25 ? 62  ASN A C   1 
ATOM   512 O  O   . ASN A 1 63 ? 3.371   7.536   7.357   1.00 24.69 ? 62  ASN A O   1 
ATOM   513 C  CB  . ASN A 1 63 ? 6.098   6.619   8.283   1.00 19.76 ? 62  ASN A CB  1 
ATOM   514 C  CG  . ASN A 1 63 ? 6.416   5.197   8.689   1.00 26.96 ? 62  ASN A CG  1 
ATOM   515 O  OD1 . ASN A 1 63 ? 5.544   4.330   8.653   1.00 18.45 ? 62  ASN A OD1 1 
ATOM   516 N  ND2 . ASN A 1 63 ? 7.679   4.933   9.022   1.00 29.44 ? 62  ASN A ND2 1 
ATOM   517 N  N   . LEU A 1 64 ? 3.512   5.625   6.169   1.00 9.82  ? 63  LEU A N   1 
ATOM   518 C  CA  . LEU A 1 64 ? 2.087   5.352   6.217   1.00 12.45 ? 63  LEU A CA  1 
ATOM   519 C  C   . LEU A 1 64 ? 1.706   4.514   7.420   1.00 11.48 ? 63  LEU A C   1 
ATOM   520 O  O   . LEU A 1 64 ? 0.523   4.453   7.775   1.00 10.90 ? 63  LEU A O   1 
ATOM   521 C  CB  . LEU A 1 64 ? 1.650   4.623   4.948   1.00 9.11  ? 63  LEU A CB  1 
ATOM   522 C  CG  . LEU A 1 64 ? 2.130   5.361   3.704   1.00 18.87 ? 63  LEU A CG  1 
ATOM   523 C  CD1 . LEU A 1 64 ? 1.863   4.528   2.468   1.00 25.79 ? 63  LEU A CD1 1 
ATOM   524 C  CD2 . LEU A 1 64 ? 1.418   6.689   3.631   1.00 16.27 ? 63  LEU A CD2 1 
ATOM   525 N  N   . GLY A 1 65 ? 2.680   3.850   8.039   1.00 7.32  ? 64  GLY A N   1 
ATOM   526 C  CA  . GLY A 1 65 ? 2.403   2.938   9.131   1.00 14.05 ? 64  GLY A CA  1 
ATOM   527 C  C   . GLY A 1 65 ? 1.839   1.610   8.694   1.00 14.18 ? 64  GLY A C   1 
ATOM   528 O  O   . GLY A 1 65 ? 1.749   0.689   9.516   1.00 7.69  ? 64  GLY A O   1 
ATOM   529 N  N   . ILE A 1 66 ? 1.499   1.466   7.415   1.00 10.53 ? 65  ILE A N   1 
ATOM   530 C  CA  . ILE A 1 66 ? 0.881   0.240   6.926   1.00 5.59  ? 65  ILE A CA  1 
ATOM   531 C  C   . ILE A 1 66 ? 1.866   -0.918  6.986   1.00 2.78  ? 65  ILE A C   1 
ATOM   532 O  O   . ILE A 1 66 ? 1.510   -2.033  7.391   1.00 4.55  ? 65  ILE A O   1 
ATOM   533 C  CB  . ILE A 1 66 ? 0.369   0.462   5.489   1.00 16.93 ? 65  ILE A CB  1 
ATOM   534 C  CG1 . ILE A 1 66 ? -0.703  1.556   5.452   1.00 16.58 ? 65  ILE A CG1 1 
ATOM   535 C  CG2 . ILE A 1 66 ? -0.202  -0.805  4.943   1.00 25.64 ? 65  ILE A CG2 1 
ATOM   536 C  CD1 . ILE A 1 66 ? -1.403  1.625   4.120   1.00 22.13 ? 65  ILE A CD1 1 
ATOM   537 N  N   . SER A 1 67 ? 3.108   -0.684  6.552   1.00 0.43  ? 66  SER A N   1 
ATOM   538 C  CA  . SER A 1 67 ? 4.104   -1.760  6.517   1.00 0.42  ? 66  SER A CA  1 
ATOM   539 C  C   . SER A 1 67 ? 4.327   -2.357  7.898   1.00 11.83 ? 66  SER A C   1 
ATOM   540 O  O   . SER A 1 67 ? 4.452   -3.583  8.044   1.00 5.08  ? 66  SER A O   1 
ATOM   541 C  CB  . SER A 1 67 ? 5.430   -1.252  5.944   1.00 11.92 ? 66  SER A CB  1 
ATOM   542 O  OG  . SER A 1 67 ? 5.294   -0.862  4.585   1.00 16.94 ? 66  SER A OG  1 
ATOM   543 N  N   . ARG A 1 68 ? 4.407   -1.505  8.922   1.00 8.78  ? 67  ARG A N   1 
ATOM   544 C  CA  . ARG A 1 68 ? 4.647   -1.994  10.275  1.00 6.95  ? 67  ARG A CA  1 
ATOM   545 C  C   . ARG A 1 68 ? 3.502   -2.883  10.753  1.00 1.01  ? 67  ARG A C   1 
ATOM   546 O  O   . ARG A 1 68 ? 3.729   -3.914  11.398  1.00 6.64  ? 67  ARG A O   1 
ATOM   547 C  CB  . ARG A 1 68 ? 4.842   -0.814  11.226  1.00 8.29  ? 67  ARG A CB  1 
ATOM   548 C  CG  . ARG A 1 68 ? 5.375   -1.225  12.566  1.00 14.61 ? 67  ARG A CG  1 
ATOM   549 C  CD  . ARG A 1 68 ? 6.836   -1.649  12.443  1.00 18.69 ? 67  ARG A CD  1 
ATOM   550 N  NE  . ARG A 1 68 ? 7.036   -3.024  12.877  1.00 24.82 ? 67  ARG A NE  1 
ATOM   551 C  CZ  . ARG A 1 68 ? 8.202   -3.514  13.283  1.00 17.20 ? 67  ARG A CZ  1 
ATOM   552 N  NH1 . ARG A 1 68 ? 9.282   -2.740  13.304  1.00 15.53 ? 67  ARG A NH1 1 
ATOM   553 N  NH2 . ARG A 1 68 ? 8.283   -4.780  13.659  1.00 14.92 ? 67  ARG A NH2 1 
ATOM   554 N  N   . ILE A 1 69 ? 2.265   -2.501  10.452  1.00 1.81  ? 68  ILE A N   1 
ATOM   555 C  CA  . ILE A 1 69 ? 1.128   -3.321  10.860  1.00 5.54  ? 68  ILE A CA  1 
ATOM   556 C  C   . ILE A 1 69 ? 1.171   -4.674  10.169  1.00 5.98  ? 68  ILE A C   1 
ATOM   557 O  O   . ILE A 1 69 ? 0.942   -5.719  10.791  1.00 2.50  ? 68  ILE A O   1 
ATOM   558 C  CB  . ILE A 1 69 ? -0.189  -2.583  10.578  1.00 6.86  ? 68  ILE A CB  1 
ATOM   559 C  CG1 . ILE A 1 69 ? -0.346  -1.390  11.518  1.00 17.90 ? 68  ILE A CG1 1 
ATOM   560 C  CG2 . ILE A 1 69 ? -1.364  -3.546  10.701  1.00 9.62  ? 68  ILE A CG2 1 
ATOM   561 C  CD1 . ILE A 1 69 ? -1.537  -0.510  11.191  1.00 14.46 ? 68  ILE A CD1 1 
ATOM   562 N  N   . ILE A 1 70 ? 1.473   -4.684  8.875   1.00 0.44  ? 69  ILE A N   1 
ATOM   563 C  CA  . ILE A 1 70 ? 1.504   -5.935  8.128   1.00 0.43  ? 69  ILE A CA  1 
ATOM   564 C  C   . ILE A 1 70 ? 2.632   -6.828  8.628   1.00 1.50  ? 69  ILE A C   1 
ATOM   565 O  O   . ILE A 1 70 ? 2.444   -8.030  8.854   1.00 8.52  ? 69  ILE A O   1 
ATOM   566 C  CB  . ILE A 1 70 ? 1.638   -5.638  6.627   1.00 2.92  ? 69  ILE A CB  1 
ATOM   567 C  CG1 . ILE A 1 70 ? 0.288   -5.162  6.074   1.00 1.07  ? 69  ILE A CG1 1 
ATOM   568 C  CG2 . ILE A 1 70 ? 2.237   -6.848  5.875   1.00 0.82  ? 69  ILE A CG2 1 
ATOM   569 C  CD1 . ILE A 1 70 ? 0.421   -4.411  4.783   1.00 5.57  ? 69  ILE A CD1 1 
ATOM   570 N  N   . ILE A 1 71 ? 3.822   -6.258  8.802   1.00 2.39  ? 70  ILE A N   1 
ATOM   571 C  CA  . ILE A 1 71 ? 4.938   -7.032  9.342   1.00 4.75  ? 70  ILE A CA  1 
ATOM   572 C  C   . ILE A 1 71 ? 4.562   -7.641  10.688  1.00 6.30  ? 70  ILE A C   1 
ATOM   573 O  O   . ILE A 1 71 ? 4.824   -8.820  10.945  1.00 5.46  ? 70  ILE A O   1 
ATOM   574 C  CB  . ILE A 1 71 ? 6.189   -6.146  9.456   1.00 3.26  ? 70  ILE A CB  1 
ATOM   575 C  CG1 . ILE A 1 71 ? 6.732   -5.816  8.069   1.00 5.83  ? 70  ILE A CG1 1 
ATOM   576 C  CG2 . ILE A 1 71 ? 7.258   -6.848  10.269  1.00 5.07  ? 70  ILE A CG2 1 
ATOM   577 C  CD1 . ILE A 1 71 ? 7.622   -4.616  8.079   1.00 6.56  ? 70  ILE A CD1 1 
ATOM   578 N  N   . ASP A 1 72 ? 3.888   -6.868  11.538  1.00 6.01  ? 71  ASP A N   1 
ATOM   579 C  CA  . ASP A 1 72 ? 3.587   -7.316  12.894  1.00 9.66  ? 71  ASP A CA  1 
ATOM   580 C  C   . ASP A 1 72 ? 2.384   -8.248  12.962  1.00 13.49 ? 71  ASP A C   1 
ATOM   581 O  O   . ASP A 1 72 ? 2.297   -9.056  13.887  1.00 13.51 ? 71  ASP A O   1 
ATOM   582 C  CB  . ASP A 1 72 ? 3.325   -6.116  13.808  1.00 8.55  ? 71  ASP A CB  1 
ATOM   583 C  CG  . ASP A 1 72 ? 4.599   -5.374  14.186  1.00 15.25 ? 71  ASP A CG  1 
ATOM   584 O  OD1 . ASP A 1 72 ? 5.695   -5.924  13.950  1.00 15.36 ? 71  ASP A OD1 1 
ATOM   585 O  OD2 . ASP A 1 72 ? 4.501   -4.239  14.707  1.00 13.61 ? 71  ASP A OD2 1 
ATOM   586 N  N   . GLN A 1 73 ? 1.438   -8.149  12.024  1.00 4.46  ? 72  GLN A N   1 
ATOM   587 C  CA  . GLN A 1 73 ? 0.146   -8.798  12.205  1.00 5.33  ? 72  GLN A CA  1 
ATOM   588 C  C   . GLN A 1 73 ? -0.252  -9.769  11.102  1.00 12.21 ? 72  GLN A C   1 
ATOM   589 O  O   . GLN A 1 73 ? -1.157  -10.577 11.324  1.00 7.73  ? 72  GLN A O   1 
ATOM   590 C  CB  . GLN A 1 73 ? -0.970  -7.745  12.323  1.00 9.81  ? 72  GLN A CB  1 
ATOM   591 C  CG  . GLN A 1 73 ? -0.973  -6.951  13.614  1.00 18.87 ? 72  GLN A CG  1 
ATOM   592 C  CD  . GLN A 1 73 ? -2.189  -6.043  13.710  1.00 21.12 ? 72  GLN A CD  1 
ATOM   593 O  OE1 . GLN A 1 73 ? -3.087  -6.113  12.876  1.00 34.94 ? 72  GLN A OE1 1 
ATOM   594 N  NE2 . GLN A 1 73 ? -2.206  -5.173  14.707  1.00 26.93 ? 72  GLN A NE2 1 
ATOM   595 N  N   . TRP A 1 74 ? 0.340   -9.692  9.945   1.00 7.39  ? 73  TRP A N   1 
ATOM   596 C  CA  . TRP A 1 74 ? -0.081  -10.497 8.816   1.00 2.99  ? 73  TRP A CA  1 
ATOM   597 C  C   . TRP A 1 74 ? 0.856   -11.678 8.627   1.00 7.06  ? 73  TRP A C   1 
ATOM   598 O  O   . TRP A 1 74 ? 2.034   -11.593 8.969   1.00 5.05  ? 73  TRP A O   1 
ATOM   599 C  CB  . TRP A 1 74 ? -0.085  -9.675  7.524   1.00 2.49  ? 73  TRP A CB  1 
ATOM   600 C  CG  . TRP A 1 74 ? -1.241  -8.737  7.391   1.00 6.82  ? 73  TRP A CG  1 
ATOM   601 C  CD1 . TRP A 1 74 ? -1.989  -8.204  8.403   1.00 8.90  ? 73  TRP A CD1 1 
ATOM   602 C  CD2 . TRP A 1 74 ? -1.762  -8.190  6.174   1.00 0.55  ? 73  TRP A CD2 1 
ATOM   603 N  NE1 . TRP A 1 74 ? -2.949  -7.363  7.884   1.00 4.92  ? 73  TRP A NE1 1 
ATOM   604 C  CE2 . TRP A 1 74 ? -2.825  -7.335  6.521   1.00 3.13  ? 73  TRP A CE2 1 
ATOM   605 C  CE3 . TRP A 1 74 ? -1.432  -8.340  4.827   1.00 0.54  ? 73  TRP A CE3 1 
ATOM   606 C  CZ2 . TRP A 1 74 ? -3.568  -6.644  5.562   1.00 6.32  ? 73  TRP A CZ2 1 
ATOM   607 C  CZ3 . TRP A 1 74 ? -2.154  -7.667  3.891   1.00 0.56  ? 73  TRP A CZ3 1 
ATOM   608 C  CH2 . TRP A 1 74 ? -3.212  -6.819  4.255   1.00 0.59  ? 73  TRP A CH2 1 
ATOM   609 N  N   . PRO A 1 75 ? 0.381   -12.777 8.048   1.00 10.41 ? 74  PRO A N   1 
ATOM   610 C  CA  . PRO A 1 75 ? 1.278   -13.913 7.783   1.00 12.72 ? 74  PRO A CA  1 
ATOM   611 C  C   . PRO A 1 75 ? 2.413   -13.512 6.852   1.00 15.85 ? 74  PRO A C   1 
ATOM   612 O  O   . PRO A 1 75 ? 2.229   -12.717 5.929   1.00 13.42 ? 74  PRO A O   1 
ATOM   613 C  CB  . PRO A 1 75 ? 0.354   -14.950 7.134   1.00 23.26 ? 74  PRO A CB  1 
ATOM   614 C  CG  . PRO A 1 75 ? -0.834  -14.180 6.657   1.00 20.36 ? 74  PRO A CG  1 
ATOM   615 C  CD  . PRO A 1 75 ? -0.994  -13.023 7.587   1.00 2.84  ? 74  PRO A CD  1 
ATOM   616 N  N   . PHE A 1 76 ? 3.608   -14.062 7.102   1.00 13.20 ? 75  PHE A N   1 
ATOM   617 C  CA  . PHE A 1 76 ? 4.757   -13.626 6.311   1.00 15.86 ? 75  PHE A CA  1 
ATOM   618 C  C   . PHE A 1 76 ? 4.605   -13.993 4.840   1.00 13.89 ? 75  PHE A C   1 
ATOM   619 O  O   . PHE A 1 76 ? 5.083   -13.262 3.963   1.00 20.86 ? 75  PHE A O   1 
ATOM   620 C  CB  . PHE A 1 76 ? 6.070   -14.210 6.840   1.00 17.90 ? 75  PHE A CB  1 
ATOM   621 C  CG  . PHE A 1 76 ? 7.228   -13.919 5.935   1.00 32.00 ? 75  PHE A CG  1 
ATOM   622 C  CD1 . PHE A 1 76 ? 7.866   -12.689 5.987   1.00 33.98 ? 75  PHE A CD1 1 
ATOM   623 C  CD2 . PHE A 1 76 ? 7.623   -14.837 4.971   1.00 36.89 ? 75  PHE A CD2 1 
ATOM   624 C  CE1 . PHE A 1 76 ? 8.901   -12.394 5.124   1.00 38.97 ? 75  PHE A CE1 1 
ATOM   625 C  CE2 . PHE A 1 76 ? 8.653   -14.544 4.102   1.00 44.20 ? 75  PHE A CE2 1 
ATOM   626 C  CZ  . PHE A 1 76 ? 9.295   -13.319 4.180   1.00 42.22 ? 75  PHE A CZ  1 
ATOM   627 N  N   . ASP A 1 77 ? 3.958   -15.110 4.550   1.00 13.48 ? 76  ASP A N   1 
ATOM   628 C  CA  . ASP A 1 77 ? 3.802   -15.564 3.176   1.00 14.96 ? 76  ASP A CA  1 
ATOM   629 C  C   . ASP A 1 77 ? 2.705   -14.829 2.415   1.00 14.74 ? 76  ASP A C   1 
ATOM   630 O  O   . ASP A 1 77 ? 2.429   -15.194 1.270   1.00 12.79 ? 76  ASP A O   1 
ATOM   631 C  CB  . ASP A 1 77 ? 3.503   -17.062 3.157   1.00 23.69 ? 76  ASP A CB  1 
ATOM   632 C  CG  . ASP A 1 77 ? 2.166   -17.394 3.783   1.00 43.50 ? 76  ASP A CG  1 
ATOM   633 O  OD1 . ASP A 1 77 ? 1.412   -18.192 3.185   1.00 52.12 ? 76  ASP A OD1 1 
ATOM   634 O  OD2 . ASP A 1 77 ? 1.854   -16.840 4.858   1.00 50.07 ? 76  ASP A OD2 1 
ATOM   635 N  N   . SER A 1 78 ? 2.074   -13.815 3.006   1.00 10.66 ? 77  SER A N   1 
ATOM   636 C  CA  . SER A 1 78 ? 0.930   -13.181 2.359   1.00 14.91 ? 77  SER A CA  1 
ATOM   637 C  C   . SER A 1 78 ? 1.408   -12.423 1.131   1.00 4.68  ? 77  SER A C   1 
ATOM   638 O  O   . SER A 1 78 ? 2.190   -11.474 1.240   1.00 6.66  ? 77  SER A O   1 
ATOM   639 C  CB  . SER A 1 78 ? 0.206   -12.249 3.327   1.00 18.29 ? 77  SER A CB  1 
ATOM   640 O  OG  . SER A 1 78 ? -0.711  -11.418 2.643   1.00 11.33 ? 77  SER A OG  1 
ATOM   641 N  N   . GLU A 1 79 ? 0.962   -12.852 -0.050  1.00 5.27  ? 78  GLU A N   1 
ATOM   642 C  CA  . GLU A 1 79 ? 1.328   -12.124 -1.260  1.00 11.97 ? 78  GLU A CA  1 
ATOM   643 C  C   . GLU A 1 79 ? 0.769   -10.702 -1.235  1.00 11.36 ? 78  GLU A C   1 
ATOM   644 O  O   . GLU A 1 79 ? 1.408   -9.768  -1.741  1.00 5.32  ? 78  GLU A O   1 
ATOM   645 C  CB  . GLU A 1 79 ? 0.860   -12.908 -2.493  1.00 19.22 ? 78  GLU A CB  1 
ATOM   646 C  CG  . GLU A 1 79 ? 0.695   -12.095 -3.760  1.00 27.09 ? 78  GLU A CG  1 
ATOM   647 C  CD  . GLU A 1 79 ? 2.015   -11.631 -4.342  1.00 35.41 ? 78  GLU A CD  1 
ATOM   648 O  OE1 . GLU A 1 79 ? 1.989   -10.870 -5.334  1.00 39.28 ? 78  GLU A OE1 1 
ATOM   649 O  OE2 . GLU A 1 79 ? 3.080   -12.025 -3.818  1.00 38.45 ? 78  GLU A OE2 1 
ATOM   650 N  N   . LEU A 1 80 ? -0.378  -10.506 -0.583  1.00 10.64 ? 79  LEU A N   1 
ATOM   651 C  CA  . LEU A 1 80 ? -0.952  -9.167  -0.475  1.00 10.36 ? 79  LEU A CA  1 
ATOM   652 C  C   . LEU A 1 80 ? -0.078  -8.262  0.380   1.00 6.03  ? 79  LEU A C   1 
ATOM   653 O  O   . LEU A 1 80 ? 0.205   -7.121  -0.005  1.00 0.93  ? 79  LEU A O   1 
ATOM   654 C  CB  . LEU A 1 80 ? -2.370  -9.242  0.086   1.00 7.17  ? 79  LEU A CB  1 
ATOM   655 C  CG  . LEU A 1 80 ? -3.039  -7.901  0.409   1.00 4.12  ? 79  LEU A CG  1 
ATOM   656 C  CD1 . LEU A 1 80 ? -3.130  -6.988  -0.797  1.00 3.88  ? 79  LEU A CD1 1 
ATOM   657 C  CD2 . LEU A 1 80 ? -4.414  -8.120  1.000   1.00 5.33  ? 79  LEU A CD2 1 
ATOM   658 N  N   . GLY A 1 81 ? 0.376   -8.755  1.541   1.00 0.51  ? 80  GLY A N   1 
ATOM   659 C  CA  . GLY A 1 81 ? 1.257   -7.951  2.371   1.00 0.66  ? 80  GLY A CA  1 
ATOM   660 C  C   . GLY A 1 81 ? 2.523   -7.537  1.636   1.00 5.68  ? 80  GLY A C   1 
ATOM   661 O  O   . GLY A 1 81 ? 3.003   -6.420  1.799   1.00 3.26  ? 80  GLY A O   1 
ATOM   662 N  N   . CYS A 1 82 ? 3.064   -8.437  0.811   1.00 6.23  ? 81  CYS A N   1 
ATOM   663 C  CA  . CYS A 1 82 ? 4.241   -8.136  -0.007  1.00 8.09  ? 81  CYS A CA  1 
ATOM   664 C  C   . CYS A 1 82 ? 3.983   -6.969  -0.957  1.00 5.42  ? 81  CYS A C   1 
ATOM   665 O  O   . CYS A 1 82 ? 4.785   -6.032  -1.061  1.00 5.50  ? 81  CYS A O   1 
ATOM   666 C  CB  . CYS A 1 82 ? 4.622   -9.392  -0.795  1.00 13.72 ? 81  CYS A CB  1 
ATOM   667 S  SG  . CYS A 1 82 ? 6.124   -9.265  -1.774  1.00 26.61 ? 81  CYS A SG  1 
HETATM 668 N  N   . MSE A 1 83 ? 2.882   -7.031  -1.683  1.00 0.47  ? 82  MSE A N   1 
HETATM 669 C  CA  . MSE A 1 83 ? 2.495   -6.017  -2.649  1.00 1.85  ? 82  MSE A CA  1 
HETATM 670 C  C   . MSE A 1 83 ? 2.393   -4.654  -1.986  1.00 2.23  ? 82  MSE A C   1 
HETATM 671 O  O   . MSE A 1 83 ? 2.886   -3.651  -2.494  1.00 0.48  ? 82  MSE A O   1 
HETATM 672 C  CB  . MSE A 1 83 ? 1.163   -6.445  -3.236  1.00 9.99  ? 82  MSE A CB  1 
HETATM 673 C  CG  . MSE A 1 83 ? 1.281   -7.277  -4.488  1.00 24.52 ? 82  MSE A CG  1 
HETATM 674 SE SE  . MSE A 1 83 ? -0.504  -7.581  -5.200  1.00 43.60 ? 82  MSE A SE  1 
HETATM 675 C  CE  . MSE A 1 83 ? -1.183  -8.890  -3.945  1.00 26.56 ? 82  MSE A CE  1 
ATOM   676 N  N   . ILE A 1 84 ? 1.771   -4.631  -0.806  1.00 2.58  ? 83  ILE A N   1 
ATOM   677 C  CA  . ILE A 1 84 ? 1.579   -3.370  -0.102  1.00 1.08  ? 83  ILE A CA  1 
ATOM   678 C  C   . ILE A 1 84 ? 2.913   -2.827  0.404   1.00 5.24  ? 83  ILE A C   1 
ATOM   679 O  O   . ILE A 1 84 ? 3.201   -1.628  0.284   1.00 2.61  ? 83  ILE A O   1 
ATOM   680 C  CB  . ILE A 1 84 ? 0.574   -3.567  1.045   1.00 0.45  ? 83  ILE A CB  1 
ATOM   681 C  CG1 . ILE A 1 84 ? -0.806  -3.903  0.467   1.00 0.50  ? 83  ILE A CG1 1 
ATOM   682 C  CG2 . ILE A 1 84 ? 0.526   -2.321  1.898   1.00 0.43  ? 83  ILE A CG2 1 
ATOM   683 C  CD1 . ILE A 1 84 ? -1.854  -4.304  1.531   1.00 8.97  ? 83  ILE A CD1 1 
ATOM   684 N  N   . ILE A 1 85 ? 3.738   -3.695  0.987   1.00 0.39  ? 84  ILE A N   1 
ATOM   685 C  CA  . ILE A 1 85 ? 5.056   -3.271  1.471   1.00 0.71  ? 84  ILE A CA  1 
ATOM   686 C  C   . ILE A 1 85 ? 5.916   -2.754  0.317   1.00 3.24  ? 84  ILE A C   1 
ATOM   687 O  O   . ILE A 1 85 ? 6.650   -1.765  0.455   1.00 4.59  ? 84  ILE A O   1 
ATOM   688 C  CB  . ILE A 1 85 ? 5.718   -4.436  2.227   1.00 2.31  ? 84  ILE A CB  1 
ATOM   689 C  CG1 . ILE A 1 85 ? 5.004   -4.633  3.571   1.00 7.25  ? 84  ILE A CG1 1 
ATOM   690 C  CG2 . ILE A 1 85 ? 7.234   -4.223  2.415   1.00 4.53  ? 84  ILE A CG2 1 
ATOM   691 C  CD1 . ILE A 1 85 ? 5.463   -5.854  4.337   1.00 14.43 ? 84  ILE A CD1 1 
ATOM   692 N  N   . ASN A 1 86 ? 5.813   -3.385  -0.846  1.00 2.99  ? 85  ASN A N   1 
ATOM   693 C  CA  . ASN A 1 86 ? 6.528   -2.883  -2.019  1.00 1.14  ? 85  ASN A CA  1 
ATOM   694 C  C   . ASN A 1 86 ? 6.100   -1.468  -2.378  1.00 5.48  ? 85  ASN A C   1 
ATOM   695 O  O   . ASN A 1 86 ? 6.936   -0.638  -2.757  1.00 3.63  ? 85  ASN A O   1 
ATOM   696 C  CB  . ASN A 1 86 ? 6.301   -3.810  -3.201  1.00 2.49  ? 85  ASN A CB  1 
ATOM   697 C  CG  . ASN A 1 86 ? 7.070   -5.098  -3.084  1.00 8.10  ? 85  ASN A CG  1 
ATOM   698 O  OD1 . ASN A 1 86 ? 7.961   -5.225  -2.250  1.00 17.69 ? 85  ASN A OD1 1 
ATOM   699 N  ND2 . ASN A 1 86 ? 6.705   -6.080  -3.903  1.00 13.73 ? 85  ASN A ND2 1 
ATOM   700 N  N   . ALA A 1 87 ? 4.800   -1.177  -2.278  1.00 0.58  ? 86  ALA A N   1 
ATOM   701 C  CA  . ALA A 1 87 ? 4.295   0.150   -2.615  1.00 0.68  ? 86  ALA A CA  1 
ATOM   702 C  C   . ALA A 1 87 ? 4.732   1.196   -1.591  1.00 6.63  ? 86  ALA A C   1 
ATOM   703 O  O   . ALA A 1 87 ? 5.225   2.271   -1.961  1.00 0.78  ? 86  ALA A O   1 
ATOM   704 C  CB  . ALA A 1 87 ? 2.764   0.108   -2.735  1.00 5.12  ? 86  ALA A CB  1 
ATOM   705 N  N   . GLU A 1 88 ? 4.546   0.913   -0.295  1.00 4.10  ? 87  GLU A N   1 
ATOM   706 C  CA  . GLU A 1 88 ? 4.972   1.861   0.736   1.00 0.59  ? 87  GLU A CA  1 
ATOM   707 C  C   . GLU A 1 88 ? 6.479   2.097   0.692   1.00 2.33  ? 87  GLU A C   1 
ATOM   708 O  O   . GLU A 1 88 ? 6.952   3.216   0.916   1.00 6.27  ? 87  GLU A O   1 
ATOM   709 C  CB  . GLU A 1 88 ? 4.559   1.361   2.117   1.00 5.90  ? 87  GLU A CB  1 
ATOM   710 C  CG  . GLU A 1 88 ? 5.090   2.228   3.274   1.00 16.94 ? 87  GLU A CG  1 
ATOM   711 C  CD  . GLU A 1 88 ? 4.313   2.051   4.581   1.00 23.98 ? 87  GLU A CD  1 
ATOM   712 O  OE1 . GLU A 1 88 ? 4.574   2.806   5.546   1.00 22.44 ? 87  GLU A OE1 1 
ATOM   713 O  OE2 . GLU A 1 88 ? 3.445   1.155   4.644   1.00 22.47 ? 87  GLU A OE2 1 
ATOM   714 N  N   . SER A 1 89 ? 7.249   1.062   0.389   1.00 2.27  ? 88  SER A N   1 
ATOM   715 C  CA  . SER A 1 89 ? 8.700   1.215   0.343   1.00 5.15  ? 88  SER A CA  1 
ATOM   716 C  C   . SER A 1 89 ? 9.148   2.007   -0.884  1.00 5.50  ? 88  SER A C   1 
ATOM   717 O  O   . SER A 1 89 ? 10.095  2.804   -0.812  1.00 4.69  ? 88  SER A O   1 
ATOM   718 C  CB  . SER A 1 89 ? 9.350   -0.160  0.369   1.00 9.35  ? 88  SER A CB  1 
ATOM   719 O  OG  . SER A 1 89 ? 9.254   -0.791  -0.887  1.00 10.82 ? 88  SER A OG  1 
ATOM   720 N  N   . GLU A 1 90 ? 8.461   1.838   -2.011  1.00 8.11  ? 89  GLU A N   1 
ATOM   721 C  CA  . GLU A 1 90 ? 8.797   2.655   -3.172  1.00 3.79  ? 89  GLU A CA  1 
ATOM   722 C  C   . GLU A 1 90 ? 8.457   4.115   -2.931  1.00 1.47  ? 89  GLU A C   1 
ATOM   723 O  O   . GLU A 1 90 ? 9.225   5.010   -3.300  1.00 8.70  ? 89  GLU A O   1 
ATOM   724 C  CB  . GLU A 1 90 ? 8.089   2.133   -4.412  1.00 12.93 ? 89  GLU A CB  1 
ATOM   725 C  CG  . GLU A 1 90 ? 8.642   2.713   -5.697  1.00 17.09 ? 89  GLU A CG  1 
ATOM   726 C  CD  . GLU A 1 90 ? 9.866   1.956   -6.184  1.00 35.80 ? 89  GLU A CD  1 
ATOM   727 O  OE1 . GLU A 1 90 ? 10.051  0.793   -5.764  1.00 37.50 ? 89  GLU A OE1 1 
ATOM   728 O  OE2 . GLU A 1 90 ? 10.644  2.519   -6.983  1.00 35.92 ? 89  GLU A OE2 1 
ATOM   729 N  N   . TYR A 1 91 ? 7.323   4.375   -2.286  1.00 1.00  ? 90  TYR A N   1 
ATOM   730 C  CA  . TYR A 1 91 ? 6.971   5.741   -1.907  1.00 3.32  ? 90  TYR A CA  1 
ATOM   731 C  C   . TYR A 1 91 ? 8.030   6.357   -0.999  1.00 5.14  ? 90  TYR A C   1 
ATOM   732 O  O   . TYR A 1 91 ? 8.447   7.504   -1.195  1.00 8.69  ? 90  TYR A O   1 
ATOM   733 C  CB  . TYR A 1 91 ? 5.614   5.727   -1.212  1.00 4.62  ? 90  TYR A CB  1 
ATOM   734 C  CG  . TYR A 1 91 ? 5.030   7.064   -0.852  1.00 8.22  ? 90  TYR A CG  1 
ATOM   735 C  CD1 . TYR A 1 91 ? 4.627   7.960   -1.838  1.00 17.82 ? 90  TYR A CD1 1 
ATOM   736 C  CD2 . TYR A 1 91 ? 4.807   7.395   0.470   1.00 6.13  ? 90  TYR A CD2 1 
ATOM   737 C  CE1 . TYR A 1 91 ? 4.047   9.171   -1.502  1.00 9.80  ? 90  TYR A CE1 1 
ATOM   738 C  CE2 . TYR A 1 91 ? 4.228   8.585   0.821   1.00 12.03 ? 90  TYR A CE2 1 
ATOM   739 C  CZ  . TYR A 1 91 ? 3.856   9.471   -0.165  1.00 11.50 ? 90  TYR A CZ  1 
ATOM   740 O  OH  . TYR A 1 91 ? 3.276   10.649  0.190   1.00 18.61 ? 90  TYR A OH  1 
ATOM   741 N  N   . LYS A 1 92 ? 8.480   5.597   -0.004  1.00 0.99  ? 91  LYS A N   1 
ATOM   742 C  CA  . LYS A 1 92 ? 9.520   6.061   0.907   1.00 6.36  ? 91  LYS A CA  1 
ATOM   743 C  C   . LYS A 1 92 ? 10.829  6.324   0.180   1.00 5.74  ? 91  LYS A C   1 
ATOM   744 O  O   . LYS A 1 92 ? 11.564  7.248   0.541   1.00 10.96 ? 91  LYS A O   1 
ATOM   745 C  CB  . LYS A 1 92 ? 9.738   5.025   2.015   1.00 2.35  ? 91  LYS A CB  1 
ATOM   746 C  CG  . LYS A 1 92 ? 8.833   5.230   3.232   1.00 10.45 ? 91  LYS A CG  1 
ATOM   747 C  CD  . LYS A 1 92 ? 8.772   3.986   4.092   1.00 9.53  ? 91  LYS A CD  1 
ATOM   748 C  CE  . LYS A 1 92 ? 7.743   4.130   5.199   1.00 11.93 ? 91  LYS A CE  1 
ATOM   749 N  NZ  . LYS A 1 92 ? 7.330   2.805   5.715   1.00 11.92 ? 91  LYS A NZ  1 
ATOM   750 N  N   . SER A 1 93 ? 11.132  5.537   -0.846  1.00 3.36  ? 92  SER A N   1 
ATOM   751 C  CA  . SER A 1 93 ? 12.392  5.672   -1.567  1.00 5.53  ? 92  SER A CA  1 
ATOM   752 C  C   . SER A 1 93 ? 12.409  6.860   -2.524  1.00 8.98  ? 92  SER A C   1 
ATOM   753 O  O   . SER A 1 93 ? 13.489  7.227   -3.003  1.00 6.99  ? 92  SER A O   1 
ATOM   754 C  CB  . SER A 1 93 ? 12.679  4.374   -2.330  1.00 10.15 ? 92  SER A CB  1 
ATOM   755 O  OG  . SER A 1 93 ? 11.890  4.307   -3.513  1.00 16.16 ? 92  SER A OG  1 
ATOM   756 N  N   . LEU A 1 94 ? 11.260  7.476   -2.804  1.00 7.00  ? 93  LEU A N   1 
ATOM   757 C  CA  . LEU A 1 94 ? 11.213  8.673   -3.644  1.00 5.35  ? 93  LEU A CA  1 
ATOM   758 C  C   . LEU A 1 94 ? 11.982  9.832   -3.006  1.00 20.43 ? 93  LEU A C   1 
ATOM   759 O  O   . LEU A 1 94 ? 12.492  10.709  -3.705  1.00 27.72 ? 93  LEU A O   1 
ATOM   760 C  CB  . LEU A 1 94 ? 9.756   9.110   -3.913  1.00 6.60  ? 93  LEU A CB  1 
ATOM   761 C  CG  . LEU A 1 94 ? 8.854   8.181   -4.735  1.00 6.80  ? 93  LEU A CG  1 
ATOM   762 C  CD1 . LEU A 1 94 ? 7.379   8.667   -4.791  1.00 4.97  ? 93  LEU A CD1 1 
ATOM   763 C  CD2 . LEU A 1 94 ? 9.401   8.002   -6.143  1.00 12.89 ? 93  LEU A CD2 1 
HETATM 764 O  O   . HOH B 2 .  ? 4.384   -5.911  -5.758  1.00 28.16 ? 101 HOH A O   1 
HETATM 765 O  O   . HOH B 2 .  ? 10.527  4.549   -7.767  1.00 12.46 ? 102 HOH A O   1 
HETATM 766 O  O   . HOH B 2 .  ? 3.281   -17.323 6.475   1.00 33.55 ? 103 HOH A O   1 
HETATM 767 O  O   . HOH B 2 .  ? 6.489   17.595  -11.968 1.00 28.86 ? 104 HOH A O   1 
HETATM 768 O  O   . HOH B 2 .  ? -13.464 -17.533 4.732   1.00 22.93 ? 105 HOH A O   1 
HETATM 769 O  O   . HOH B 2 .  ? -6.178  -2.487  -12.479 1.00 34.19 ? 106 HOH A O   1 
HETATM 770 O  O   . HOH B 2 .  ? 13.993  15.011  7.881   1.00 32.27 ? 107 HOH A O   1 
HETATM 771 O  O   . HOH B 2 .  ? -11.901 -9.286  -7.661  1.00 21.40 ? 108 HOH A O   1 
HETATM 772 O  O   . HOH B 2 .  ? -16.390 -10.765 -8.035  1.00 25.01 ? 109 HOH A O   1 
HETATM 773 O  O   . HOH B 2 .  ? 5.033   -11.442 -5.162  1.00 33.92 ? 110 HOH A O   1 
HETATM 774 O  O   . HOH B 2 .  ? 7.258   -0.372  -10.900 1.00 24.59 ? 111 HOH A O   1 
HETATM 775 O  O   . HOH B 2 .  ? 2.127   10.668  2.438   1.00 30.66 ? 112 HOH A O   1 
HETATM 776 O  O   . HOH B 2 .  ? 9.844   19.372  4.483   1.00 22.43 ? 113 HOH A O   1 
HETATM 777 O  O   . HOH B 2 .  ? 4.430   -11.140 2.699   1.00 22.71 ? 114 HOH A O   1 
HETATM 778 O  O   . HOH B 2 .  ? 7.907   5.574   -17.120 1.00 31.65 ? 115 HOH A O   1 
HETATM 779 O  O   . HOH B 2 .  ? 9.891   -6.637  14.413  1.00 15.58 ? 116 HOH A O   1 
HETATM 780 O  O   . HOH B 2 .  ? 11.085  7.928   3.395   1.00 16.06 ? 117 HOH A O   1 
HETATM 781 O  O   . HOH B 2 .  ? -7.580  -15.558 6.054   1.00 21.53 ? 118 HOH A O   1 
HETATM 782 O  O   . HOH B 2 .  ? -18.385 -8.971  -6.104  1.00 15.07 ? 119 HOH A O   1 
HETATM 783 O  O   . HOH B 2 .  ? 2.132   -3.125  14.704  1.00 17.80 ? 120 HOH A O   1 
HETATM 784 O  O   . HOH B 2 .  ? 9.468   9.005   6.211   1.00 11.45 ? 121 HOH A O   1 
HETATM 785 O  O   . HOH B 2 .  ? -3.823  -10.409 11.793  1.00 30.22 ? 122 HOH A O   1 
HETATM 786 O  O   . HOH B 2 .  ? -6.491  11.357  -1.171  1.00 29.20 ? 123 HOH A O   1 
HETATM 787 O  O   . HOH B 2 .  ? -1.589  18.516  -1.181  1.00 25.99 ? 124 HOH A O   1 
HETATM 788 O  O   . HOH B 2 .  ? -12.581 -17.397 -2.904  1.00 26.69 ? 125 HOH A O   1 
HETATM 789 O  O   . HOH B 2 .  ? 0.659   -1.236  -11.907 1.00 10.23 ? 126 HOH A O   1 
HETATM 790 O  O   . HOH B 2 .  ? 3.068   -3.324  -5.164  1.00 2.90  ? 127 HOH A O   1 
HETATM 791 O  O   . HOH B 2 .  ? -5.044  -1.456  11.069  1.00 17.10 ? 128 HOH A O   1 
HETATM 792 O  O   . HOH B 2 .  ? 12.777  14.639  5.437   1.00 34.98 ? 129 HOH A O   1 
HETATM 793 O  O   . HOH B 2 .  ? 11.894  11.893  -9.277  1.00 29.12 ? 130 HOH A O   1 
HETATM 794 O  O   . HOH B 2 .  ? 3.482   -11.282 11.255  1.00 26.30 ? 131 HOH A O   1 
HETATM 795 O  O   . HOH B 2 .  ? 4.788   -15.167 9.298   1.00 34.84 ? 132 HOH A O   1 
HETATM 796 O  O   . HOH B 2 .  ? 11.442  -3.907  14.495  1.00 18.07 ? 133 HOH A O   1 
HETATM 797 O  O   . HOH B 2 .  ? 5.202   14.018  -8.417  1.00 21.12 ? 134 HOH A O   1 
HETATM 798 O  O   . HOH B 2 .  ? -0.903  4.632   -9.312  1.00 35.20 ? 135 HOH A O   1 
HETATM 799 O  O   . HOH B 2 .  ? 12.766  5.561   -5.789  1.00 34.18 ? 136 HOH A O   1 
HETATM 800 O  O   . HOH B 2 .  ? -5.179  -9.913  -3.315  1.00 8.69  ? 137 HOH A O   1 
HETATM 801 O  O   . HOH B 2 .  ? -12.566 1.654   -5.661  1.00 25.29 ? 138 HOH A O   1 
HETATM 802 O  O   . HOH B 2 .  ? 12.648  3.636   -9.402  1.00 19.18 ? 139 HOH A O   1 
HETATM 803 O  O   . HOH B 2 .  ? -13.042 0.115   -1.576  1.00 24.93 ? 140 HOH A O   1 
HETATM 804 O  O   . HOH B 2 .  ? -16.995 -8.442  -0.947  1.00 18.69 ? 141 HOH A O   1 
HETATM 805 O  O   . HOH B 2 .  ? 7.778   14.274  -13.386 1.00 36.27 ? 142 HOH A O   1 
HETATM 806 O  O   . HOH B 2 .  ? 11.229  -0.692  -2.852  1.00 15.69 ? 143 HOH A O   1 
HETATM 807 O  O   . HOH B 2 .  ? 1.703   1.440   12.220  1.00 11.23 ? 144 HOH A O   1 
HETATM 808 O  O   . HOH B 2 .  ? 9.554   -1.934  -6.241  1.00 37.86 ? 145 HOH A O   1 
HETATM 809 O  O   . HOH B 2 .  ? 6.604   -10.012 12.776  1.00 20.97 ? 146 HOH A O   1 
HETATM 810 O  O   . HOH B 2 .  ? 3.052   -10.211 4.912   1.00 27.46 ? 147 HOH A O   1 
HETATM 811 O  O   . HOH B 2 .  ? -14.508 -4.295  8.878   1.00 14.14 ? 148 HOH A O   1 
HETATM 812 O  O   . HOH B 2 .  ? -14.453 -7.168  7.945   1.00 4.43  ? 149 HOH A O   1 
HETATM 813 O  O   . HOH B 2 .  ? -12.206 1.677   7.390   1.00 22.71 ? 150 HOH A O   1 
HETATM 814 O  O   . HOH B 2 .  ? 7.368   -8.240  14.123  1.00 22.92 ? 151 HOH A O   1 
HETATM 815 O  O   . HOH B 2 .  ? 6.935   13.108  -10.381 1.00 36.56 ? 152 HOH A O   1 
HETATM 816 O  O   . HOH B 2 .  ? 13.501  9.341   -11.908 1.00 18.02 ? 153 HOH A O   1 
HETATM 817 O  O   . HOH B 2 .  ? -0.835  -15.105 -0.220  1.00 17.06 ? 154 HOH A O   1 
HETATM 818 O  O   . HOH B 2 .  ? -1.898  -6.497  -8.337  1.00 12.51 ? 155 HOH A O   1 
HETATM 819 O  O   . HOH B 2 .  ? -2.181  14.257  2.592   1.00 26.13 ? 156 HOH A O   1 
HETATM 820 O  O   . HOH B 2 .  ? 6.421   16.667  -4.960  1.00 21.35 ? 157 HOH A O   1 
HETATM 821 O  O   . HOH B 2 .  ? -4.704  8.587   -12.675 1.00 38.51 ? 158 HOH A O   1 
HETATM 822 O  O   . HOH B 2 .  ? 0.557   21.088  -5.314  1.00 28.90 ? 159 HOH A O   1 
HETATM 823 O  O   . HOH B 2 .  ? -15.976 -14.933 -2.605  1.00 39.88 ? 160 HOH A O   1 
HETATM 824 O  O   . HOH B 2 .  ? -1.220  8.561   2.785   1.00 28.16 ? 161 HOH A O   1 
HETATM 825 O  O   . HOH B 2 .  ? -7.598  8.904   0.245   1.00 17.15 ? 162 HOH A O   1 
HETATM 826 O  O   . HOH B 2 .  ? -6.969  5.521   6.139   1.00 19.77 ? 163 HOH A O   1 
HETATM 827 O  O   . HOH B 2 .  ? -11.887 -10.540 10.305  1.00 14.77 ? 164 HOH A O   1 
HETATM 828 O  O   . HOH B 2 .  ? 4.393   -10.178 7.710   1.00 19.59 ? 165 HOH A O   1 
HETATM 829 O  O   . HOH B 2 .  ? -2.405  -12.658 0.129   1.00 27.97 ? 166 HOH A O   1 
HETATM 830 O  O   . HOH B 2 .  ? 5.850   2.547   -18.443 1.00 32.90 ? 167 HOH A O   1 
HETATM 831 O  O   . HOH B 2 .  ? 2.167   17.019  1.368   1.00 32.37 ? 168 HOH A O   1 
HETATM 832 O  O   . HOH B 2 .  ? -5.531  -3.908  -13.933 1.00 35.85 ? 169 HOH A O   1 
HETATM 833 O  O   . HOH B 2 .  ? -1.271  -19.705 3.447   1.00 23.64 ? 170 HOH A O   1 
HETATM 834 O  O   . HOH B 2 .  ? -1.613  10.307  -13.267 1.00 23.01 ? 171 HOH A O   1 
HETATM 835 O  O   . HOH B 2 .  ? 12.462  18.171  7.692   1.00 34.68 ? 172 HOH A O   1 
HETATM 836 O  O   . HOH B 2 .  ? -6.718  0.561   -8.727  1.00 28.94 ? 173 HOH A O   1 
HETATM 837 O  O   . HOH B 2 .  ? 4.701   10.241  8.311   1.00 17.95 ? 174 HOH A O   1 
HETATM 838 O  O   . HOH B 2 .  ? 0.102   9.535   1.640   1.00 30.99 ? 175 HOH A O   1 
HETATM 839 O  O   . HOH B 2 .  ? -4.995  -16.486 4.964   1.00 25.85 ? 176 HOH A O   1 
HETATM 840 O  O   . HOH B 2 .  ? -16.538 -15.533 10.501  1.00 30.27 ? 177 HOH A O   1 
HETATM 841 O  O   . HOH B 2 .  ? 15.586  12.101  5.471   1.00 28.23 ? 178 HOH A O   1 
HETATM 842 O  O   . HOH B 2 .  ? 1.874   -12.240 13.506  1.00 26.74 ? 179 HOH A O   1 
HETATM 843 O  O   . HOH B 2 .  ? 2.618   8.549   -12.649 1.00 34.65 ? 180 HOH A O   1 
HETATM 844 O  O   . HOH B 2 .  ? -12.259 3.260   12.014  1.00 30.06 ? 181 HOH A O   1 
HETATM 845 O  O   . HOH B 2 .  ? -14.389 -4.664  11.636  1.00 19.86 ? 182 HOH A O   1 
HETATM 846 O  O   . HOH B 2 .  ? -4.493  -7.957  -7.923  1.00 21.65 ? 183 HOH A O   1 
HETATM 847 O  O   . HOH B 2 .  ? -0.993  -3.158  -12.741 1.00 15.49 ? 184 HOH A O   1 
HETATM 848 O  O   . HOH B 2 .  ? -0.255  -4.451  17.577  1.00 30.27 ? 185 HOH A O   1 
HETATM 849 O  O   . HOH B 2 .  ? 14.618  13.934  4.043   1.00 31.27 ? 186 HOH A O   1 
HETATM 850 O  O   . HOH B 2 .  ? 5.234   9.722   -18.258 1.00 37.20 ? 187 HOH A O   1 
HETATM 851 O  O   . HOH B 2 .  ? -3.622  13.277  -12.573 1.00 14.50 ? 188 HOH A O   1 
HETATM 852 O  O   . HOH B 2 .  ? -4.570  14.443  -2.661  1.00 37.33 ? 189 HOH A O   1 
HETATM 853 O  O   . HOH B 2 .  ? 8.202   18.056  -4.315  1.00 35.46 ? 190 HOH A O   1 
HETATM 854 O  O   . HOH B 2 .  ? -15.143 1.406   -2.926  1.00 43.56 ? 191 HOH A O   1 
HETATM 855 O  O   . HOH B 2 .  ? -6.441  10.080  -13.310 1.00 28.67 ? 192 HOH A O   1 
HETATM 856 O  O   . HOH B 2 .  ? -5.782  3.965   9.984   1.00 33.32 ? 193 HOH A O   1 
HETATM 857 O  O   . HOH B 2 .  ? 6.067   -12.944 11.090  1.00 43.18 ? 194 HOH A O   1 
HETATM 858 O  O   . HOH B 2 .  ? 1.170   13.305  3.529   1.00 20.54 ? 195 HOH A O   1 
HETATM 859 O  O   . HOH B 2 .  ? -4.083  1.938   8.398   1.00 25.95 ? 196 HOH A O   1 
HETATM 860 O  O   . HOH B 2 .  ? 3.604   3.213   12.664  1.00 29.37 ? 197 HOH A O   1 
HETATM 861 O  O   . HOH B 2 .  ? -0.897  17.418  2.213   1.00 30.67 ? 198 HOH A O   1 
HETATM 862 O  O   . HOH B 2 .  ? 1.483   -0.576  14.488  1.00 26.04 ? 199 HOH A O   1 
HETATM 863 O  O   . HOH B 2 .  ? -2.207  -12.388 -6.266  1.00 31.89 ? 200 HOH A O   1 
HETATM 864 O  O   . HOH B 2 .  ? -14.168 -9.131  9.747   1.00 19.34 ? 201 HOH A O   1 
HETATM 865 O  O   . HOH B 2 .  ? -2.746  -16.952 5.211   1.00 26.23 ? 202 HOH A O   1 
HETATM 866 O  O   . HOH B 2 .  ? -11.720 -10.355 13.287  1.00 31.39 ? 203 HOH A O   1 
HETATM 867 O  O   . HOH B 2 .  ? 14.770  4.631   -14.814 1.00 30.45 ? 204 HOH A O   1 
HETATM 868 O  O   . HOH B 2 .  ? -14.579 -7.119  12.638  1.00 25.94 ? 205 HOH A O   1 
HETATM 869 O  O   . HOH B 2 .  ? -13.204 -8.853  12.988  1.00 28.44 ? 206 HOH A O   1 
# 
loop_
_atom_site_anisotrop.id 
_atom_site_anisotrop.type_symbol 
_atom_site_anisotrop.pdbx_label_atom_id 
_atom_site_anisotrop.pdbx_label_alt_id 
_atom_site_anisotrop.pdbx_label_comp_id 
_atom_site_anisotrop.pdbx_label_asym_id 
_atom_site_anisotrop.pdbx_label_seq_id 
_atom_site_anisotrop.pdbx_PDB_ins_code 
_atom_site_anisotrop.U[1][1] 
_atom_site_anisotrop.U[2][2] 
_atom_site_anisotrop.U[3][3] 
_atom_site_anisotrop.U[1][2] 
_atom_site_anisotrop.U[1][3] 
_atom_site_anisotrop.U[2][3] 
_atom_site_anisotrop.pdbx_auth_seq_id 
_atom_site_anisotrop.pdbx_auth_comp_id 
_atom_site_anisotrop.pdbx_auth_asym_id 
_atom_site_anisotrop.pdbx_auth_atom_id 
1   N  N   . SER A 1  ? 0.1908 0.1679 0.1732 0.0009  0.0109  0.0147  0  SER A N   
2   C  CA  . SER A 1  ? 0.1740 0.1530 0.1576 -0.0004 0.0123  0.0146  0  SER A CA  
3   C  C   . SER A 1  ? 0.1558 0.1374 0.1397 0.0001  0.0121  0.0135  0  SER A C   
4   O  O   . SER A 1  ? 0.1978 0.1798 0.1814 0.0012  0.0108  0.0128  0  SER A O   
5   C  CB  . SER A 1  ? 0.1774 0.1569 0.1643 -0.0021 0.0125  0.0141  0  SER A CB  
6   O  OG  . SER A 1  ? 0.1413 0.1223 0.1305 -0.0023 0.0117  0.0127  0  SER A OG  
7   N  N   . MSE A 2  ? 0.1296 0.1129 0.1141 -0.0005 0.0132  0.0134  1  MSE A N   
8   C  CA  . MSE A 2  ? 0.1820 0.1678 0.1670 -0.0002 0.0130  0.0124  1  MSE A CA  
9   C  C   . MSE A 2  ? 0.2113 0.1982 0.1992 -0.0005 0.0120  0.0111  1  MSE A C   
10  O  O   . MSE A 2  ? 0.1398 0.1276 0.1274 0.0003  0.0112  0.0104  1  MSE A O   
11  C  CB  . MSE A 2  ? 0.2874 0.2749 0.2733 -0.0011 0.0145  0.0124  1  MSE A CB  
12  C  CG  . MSE A 2  ? 0.6875 0.6746 0.6704 -0.0006 0.0155  0.0135  1  MSE A CG  
13  SE SE  . MSE A 2  ? 0.9972 0.9836 0.9756 0.0019  0.0146  0.0136  1  MSE A SE  
14  C  CE  . MSE A 2  ? 0.9523 0.9350 0.9286 0.0027  0.0135  0.0147  1  MSE A CE  
15  N  N   . LYS A 3  ? 0.1247 0.1114 0.1152 -0.0019 0.0121  0.0109  2  LYS A N   
16  C  CA  . LYS A 3  ? 0.1613 0.1491 0.1544 -0.0023 0.0111  0.0096  2  LYS A CA  
17  C  C   . LYS A 3  ? 0.1121 0.0988 0.1043 -0.0013 0.0097  0.0095  2  LYS A C   
18  O  O   . LYS A 3  ? 0.1440 0.1319 0.1369 -0.0009 0.0089  0.0086  2  LYS A O   
19  C  CB  . LYS A 3  ? 0.1702 0.1580 0.1661 -0.0038 0.0111  0.0092  2  LYS A CB  
20  C  CG  . LYS A 3  ? 0.3221 0.3121 0.3199 -0.0049 0.0119  0.0088  2  LYS A CG  
21  C  CD  . LYS A 3  ? 0.4033 0.3934 0.4037 -0.0062 0.0117  0.0083  2  LYS A CD  
22  C  CE  . LYS A 3  ? 0.4297 0.4173 0.4296 -0.0063 0.0112  0.0089  2  LYS A CE  
23  N  NZ  . LYS A 3  ? 0.5210 0.5089 0.5231 -0.0070 0.0103  0.0080  2  LYS A NZ  
24  N  N   . THR A 4  ? 0.1471 0.1315 0.1377 -0.0007 0.0095  0.0103  3  THR A N   
25  C  CA  . THR A 4  ? 0.1269 0.1104 0.1167 0.0005  0.0082  0.0101  3  THR A CA  
26  C  C   . THR A 4  ? 0.1173 0.1014 0.1048 0.0021  0.0076  0.0102  3  THR A C   
27  O  O   . THR A 4  ? 0.1644 0.1489 0.1519 0.0029  0.0063  0.0096  3  THR A O   
28  C  CB  . THR A 4  ? 0.1156 0.0966 0.1045 0.0009  0.0079  0.0109  3  THR A CB  
29  O  OG1 . THR A 4  ? 0.2035 0.1831 0.1897 0.0013  0.0087  0.0121  3  THR A OG1 
30  C  CG2 . THR A 4  ? 0.1154 0.0958 0.1066 -0.0006 0.0081  0.0106  3  THR A CG2 
31  N  N   . ASP A 5  ? 0.1384 0.1227 0.1238 0.0025  0.0083  0.0108  4  ASP A N   
32  C  CA  . ASP A 5  ? 0.1643 0.1494 0.1476 0.0039  0.0074  0.0106  4  ASP A CA  
33  C  C   . ASP A 5  ? 0.2001 0.1875 0.1849 0.0037  0.0069  0.0095  4  ASP A C   
34  O  O   . ASP A 5  ? 0.1120 0.1002 0.0961 0.0047  0.0055  0.0089  4  ASP A O   
35  C  CB  . ASP A 5  ? 0.3101 0.2951 0.2911 0.0043  0.0084  0.0113  4  ASP A CB  
36  C  CG  . ASP A 5  ? 0.4428 0.4254 0.4214 0.0049  0.0084  0.0124  4  ASP A CG  
37  O  OD1 . ASP A 5  ? 0.4480 0.4293 0.4268 0.0055  0.0074  0.0125  4  ASP A OD1 
38  O  OD2 . ASP A 5  ? 0.5572 0.5392 0.5339 0.0050  0.0094  0.0133  4  ASP A OD2 
39  N  N   . ASN A 6  ? 0.1713 0.1598 0.1579 0.0024  0.0080  0.0091  5  ASN A N   
40  C  CA  A ASN A 6  ? 0.1568 0.1473 0.1448 0.0022  0.0075  0.0081  5  ASN A CA  
41  C  CA  B ASN A 6  ? 0.1565 0.1470 0.1445 0.0022  0.0075  0.0081  5  ASN A CA  
42  C  C   . ASN A 6  ? 0.1456 0.1364 0.1356 0.0021  0.0062  0.0073  5  ASN A C   
43  O  O   . ASN A 6  ? 0.1159 0.1085 0.1065 0.0024  0.0047  0.0061  5  ASN A O   
44  C  CB  A ASN A 6  ? 0.1469 0.1388 0.1370 0.0008  0.0088  0.0076  5  ASN A CB  
45  C  CB  B ASN A 6  ? 0.1500 0.1419 0.1403 0.0008  0.0089  0.0077  5  ASN A CB  
46  C  CG  A ASN A 6  ? 0.1986 0.1912 0.1872 0.0011  0.0099  0.0080  5  ASN A CG  
47  C  CG  B ASN A 6  ? 0.1394 0.1337 0.1302 0.0009  0.0084  0.0065  5  ASN A CG  
48  O  OD1 A ASN A 6  ? 0.2225 0.2149 0.2083 0.0025  0.0093  0.0083  5  ASN A OD1 
49  O  OD1 B ASN A 6  ? 0.2428 0.2376 0.2312 0.0020  0.0083  0.0064  5  ASN A OD1 
50  N  ND2 A ASN A 6  ? 0.3203 0.3139 0.3109 -0.0001 0.0110  0.0079  5  ASN A ND2 
51  N  ND2 B ASN A 6  ? 0.0873 0.0831 0.0813 -0.0001 0.0077  0.0053  5  ASN A ND2 
52  N  N   . ALA A 7  ? 0.0531 0.0424 0.0443 0.0015  0.0064  0.0077  6  ALA A N   
53  C  CA  . ALA A 7  ? 0.0723 0.0618 0.0653 0.0013  0.0051  0.0068  6  ALA A CA  
54  C  C   . ALA A 7  ? 0.0491 0.0389 0.0406 0.0029  0.0036  0.0068  6  ALA A C   
55  O  O   . ALA A 7  ? 0.0675 0.0590 0.0602 0.0030  0.0022  0.0057  6  ALA A O   
56  C  CB  . ALA A 7  ? 0.0762 0.0642 0.0707 0.0005  0.0056  0.0070  6  ALA A CB  
57  N  N   . MSE A 8  ? 0.0677 0.0556 0.0567 0.0041  0.0037  0.0079  7  MSE A N   
58  C  CA  . MSE A 8  ? 0.0928 0.0811 0.0804 0.0056  0.0021  0.0077  7  MSE A CA  
59  C  C   . MSE A 8  ? 0.0265 0.0169 0.0136 0.0062  0.0009  0.0069  7  MSE A C   
60  O  O   . MSE A 8  ? 0.0755 0.0676 0.0636 0.0068  -0.0006 0.0060  7  MSE A O   
61  C  CB  . MSE A 8  ? 0.1247 0.1114 0.1100 0.0064  0.0023  0.0085  7  MSE A CB  
62  C  CG  . MSE A 8  ? 0.3276 0.3121 0.3131 0.0064  0.0028  0.0092  7  MSE A CG  
63  SE SE  . MSE A 8  ? 0.5410 0.5259 0.5285 0.0070  0.0013  0.0083  7  MSE A SE  
64  C  CE  . MSE A 8  ? 0.6009 0.5867 0.5869 0.0089  -0.0004 0.0081  7  MSE A CE  
65  N  N   . LYS A 9  ? 0.0294 0.0205 0.0154 0.0060  0.0017  0.0069  8  LYS A N   
66  C  CA  . LYS A 9  ? 0.0759 0.0689 0.0616 0.0064  0.0005  0.0059  8  LYS A CA  
67  C  C   . LYS A 9  ? 0.0504 0.0453 0.0388 0.0055  -0.0006 0.0047  8  LYS A C   
68  O  O   . LYS A 9  ? 0.0205 0.0168 0.0093 0.0059  -0.0022 0.0039  8  LYS A O   
69  C  CB  . LYS A 9  ? 0.0811 0.0741 0.0652 0.0063  0.0016  0.0061  8  LYS A CB  
70  C  CG  . LYS A 9  ? 0.1986 0.1902 0.1803 0.0071  0.0023  0.0070  8  LYS A CG  
71  C  CD  . LYS A 9  ? 0.1182 0.1104 0.0986 0.0071  0.0031  0.0068  8  LYS A CD  
72  C  CE  . LYS A 9  ? 0.2689 0.2595 0.2469 0.0077  0.0041  0.0080  8  LYS A CE  
73  N  NZ  . LYS A 9  ? 0.4076 0.3980 0.3839 0.0090  0.0027  0.0077  8  LYS A NZ  
74  N  N   . LYS A 10 ? 0.0813 0.0765 0.0721 0.0040  0.0004  0.0043  9  LYS A N   
75  C  CA  . LYS A 10 ? 0.0712 0.0682 0.0646 0.0030  -0.0004 0.0031  9  LYS A CA  
76  C  C   . LYS A 10 ? 0.0150 0.0123 0.0097 0.0032  -0.0015 0.0028  9  LYS A C   
77  O  O   . LYS A 10 ? 0.0217 0.0208 0.0179 0.0029  -0.0027 0.0019  9  LYS A O   
78  C  CB  . LYS A 10 ? 0.0652 0.0621 0.0607 0.0015  0.0008  0.0029  9  LYS A CB  
79  C  CG  . LYS A 10 ? 0.1601 0.1574 0.1550 0.0013  0.0018  0.0029  9  LYS A CG  
80  C  CD  . LYS A 10 ? 0.3820 0.3809 0.3764 0.0018  0.0005  0.0019  9  LYS A CD  
81  C  CE  . LYS A 10 ? 0.5125 0.5127 0.5094 0.0008  -0.0005 0.0007  9  LYS A CE  
82  N  NZ  . LYS A 10 ? 0.5284 0.5297 0.5246 0.0012  -0.0022 -0.0002 9  LYS A NZ  
83  N  N   . ILE A 11 ? 0.0166 0.0124 0.0110 0.0036  -0.0009 0.0036  10 ILE A N   
84  C  CA  . ILE A 11 ? 0.0156 0.0119 0.0113 0.0039  -0.0018 0.0032  10 ILE A CA  
85  C  C   . ILE A 11 ? 0.0400 0.0376 0.0348 0.0052  -0.0034 0.0030  10 ILE A C   
86  O  O   . ILE A 11 ? 0.0383 0.0378 0.0349 0.0050  -0.0044 0.0022  10 ILE A O   
87  C  CB  . ILE A 11 ? 0.0195 0.0136 0.0149 0.0043  -0.0010 0.0040  10 ILE A CB  
88  C  CG1 . ILE A 11 ? 0.0253 0.0184 0.0221 0.0028  0.0002  0.0040  10 ILE A CG1 
89  C  CG2 . ILE A 11 ? 0.1562 0.1512 0.1528 0.0050  -0.0019 0.0035  10 ILE A CG2 
90  C  CD1 . ILE A 11 ? 0.1138 0.1043 0.1102 0.0031  0.0011  0.0048  10 ILE A CD1 
91  N  N   . LYS A 12 ? 0.0649 0.0616 0.0573 0.0062  -0.0035 0.0036  11 LYS A N   
92  C  CA  . LYS A 12 ? 0.0685 0.0667 0.0612 0.0064  -0.0045 0.0030  11 LYS A CA  
93  C  C   . LYS A 12 ? 0.0977 0.0978 0.0918 0.0055  -0.0051 0.0019  11 LYS A C   
94  O  O   . LYS A 12 ? 0.0389 0.0404 0.0343 0.0050  -0.0057 0.0014  11 LYS A O   
95  C  CB  . LYS A 12 ? 0.0692 0.0661 0.0593 0.0075  -0.0043 0.0036  11 LYS A CB  
96  C  CG  . LYS A 12 ? 0.1373 0.1355 0.1275 0.0075  -0.0053 0.0029  11 LYS A CG  
97  C  CD  . LYS A 12 ? 0.3420 0.3393 0.3308 0.0088  -0.0057 0.0033  11 LYS A CD  
98  C  CE  . LYS A 12 ? 0.2721 0.2699 0.2597 0.0092  -0.0064 0.0028  11 LYS A CE  
99  N  NZ  . LYS A 12 ? 0.2790 0.2786 0.2684 0.0081  -0.0069 0.0019  11 LYS A NZ  
100 N  N   . LEU A 13 ? 0.0158 0.0159 0.0094 0.0049  -0.0048 0.0018  12 LEU A N   
101 C  CA  . LEU A 13 ? 0.0136 0.0150 0.0087 0.0038  -0.0051 0.0009  12 LEU A CA  
102 C  C   . LEU A 13 ? 0.1011 0.1038 0.0987 0.0026  -0.0051 0.0005  12 LEU A C   
103 O  O   . LEU A 13 ? 0.0338 0.0373 0.0322 0.0019  -0.0053 0.0002  12 LEU A O   
104 C  CB  . LEU A 13 ? 0.1128 0.1138 0.1071 0.0035  -0.0047 0.0008  12 LEU A CB  
105 C  CG  . LEU A 13 ? 0.2152 0.2158 0.2075 0.0042  -0.0045 0.0008  12 LEU A CG  
106 C  CD1 . LEU A 13 ? 0.2263 0.2266 0.2177 0.0042  -0.0038 0.0008  12 LEU A CD1 
107 C  CD2 . LEU A 13 ? 0.1445 0.1458 0.1377 0.0037  -0.0051 0.0002  12 LEU A CD2 
108 N  N   . ALA A 14 ? 0.0284 0.0308 0.0267 0.0024  -0.0048 0.0006  13 ALA A N   
109 C  CA  . ALA A 14 ? 0.0079 0.0113 0.0080 0.0015  -0.0046 0.0002  13 ALA A CA  
110 C  C   . ALA A 14 ? 0.0083 0.0124 0.0090 0.0017  -0.0048 0.0003  13 ALA A C   
111 O  O   . ALA A 14 ? 0.0228 0.0276 0.0244 0.0010  -0.0048 0.0000  13 ALA A O   
112 C  CB  . ALA A 14 ? 0.0369 0.0395 0.0377 0.0013  -0.0044 0.0001  13 ALA A CB  
113 N  N   . ILE A 15 ? 0.0475 0.0512 0.0477 0.0029  -0.0052 0.0007  14 ILE A N   
114 C  CA  . ILE A 15 ? 0.0104 0.0149 0.0113 0.0033  -0.0055 0.0006  14 ILE A CA  
115 C  C   . ILE A 15 ? 0.0244 0.0296 0.0252 0.0030  -0.0060 0.0005  14 ILE A C   
116 O  O   . ILE A 15 ? 0.0433 0.0495 0.0452 0.0027  -0.0063 0.0001  14 ILE A O   
117 C  CB  . ILE A 15 ? 0.0402 0.0435 0.0401 0.0049  -0.0057 0.0011  14 ILE A CB  
118 C  CG1 . ILE A 15 ? 0.0125 0.0149 0.0127 0.0052  -0.0053 0.0013  14 ILE A CG1 
119 C  CG2 . ILE A 15 ? 0.0568 0.0612 0.0572 0.0054  -0.0063 0.0011  14 ILE A CG2 
120 C  CD1 . ILE A 15 ? 0.0154 0.0156 0.0141 0.0068  -0.0050 0.0021  14 ILE A CD1 
121 N  N   . ASP A 16 ? 0.0121 0.0166 0.0115 0.0033  -0.0063 0.0005  15 ASP A N   
122 C  CA  . ASP A 16 ? 0.0131 0.0180 0.0123 0.0033  -0.0068 0.0000  15 ASP A CA  
123 C  C   . ASP A 16 ? 0.0117 0.0173 0.0121 0.0023  -0.0067 -0.0004 15 ASP A C   
124 O  O   . ASP A 16 ? 0.0212 0.0275 0.0222 0.0021  -0.0073 -0.0007 15 ASP A O   
125 C  CB  . ASP A 16 ? 0.1187 0.1227 0.1161 0.0039  -0.0070 0.0001  15 ASP A CB  
126 C  CG  . ASP A 16 ? 0.2615 0.2648 0.2574 0.0052  -0.0074 0.0006  15 ASP A CG  
127 O  OD1 . ASP A 16 ? 0.3040 0.3079 0.3006 0.0057  -0.0077 0.0007  15 ASP A OD1 
128 O  OD2 . ASP A 16 ? 0.2533 0.2556 0.2474 0.0057  -0.0073 0.0008  15 ASP A OD2 
129 N  N   . GLY A 17 ? 0.0408 0.0458 0.0413 0.0016  -0.0061 -0.0005 16 GLY A N   
130 C  CA  . GLY A 17 ? 0.0459 0.0511 0.0470 0.0006  -0.0059 -0.0008 16 GLY A CA  
131 C  C   . GLY A 17 ? 0.0099 0.0162 0.0122 0.0002  -0.0057 -0.0008 16 GLY A C   
132 O  O   . GLY A 17 ? 0.0204 0.0272 0.0232 -0.0003 -0.0060 -0.0010 16 GLY A O   
133 N  N   . ILE A 18 ? 0.0331 0.0394 0.0358 0.0004  -0.0055 -0.0006 17 ILE A N   
134 C  CA  . ILE A 18 ? 0.0136 0.0209 0.0175 0.0001  -0.0054 -0.0006 17 ILE A CA  
135 C  C   . ILE A 18 ? 0.0090 0.0175 0.0134 0.0004  -0.0062 -0.0006 17 ILE A C   
136 O  O   . ILE A 18 ? 0.0350 0.0444 0.0403 -0.0001 -0.0063 -0.0007 17 ILE A O   
137 C  CB  . ILE A 18 ? 0.0072 0.0144 0.0114 0.0005  -0.0051 -0.0005 17 ILE A CB  
138 C  CG1 . ILE A 18 ? 0.0061 0.0124 0.0100 -0.0001 -0.0043 -0.0006 17 ILE A CG1 
139 C  CG2 . ILE A 18 ? 0.0847 0.0931 0.0902 0.0006  -0.0052 -0.0005 17 ILE A CG2 
140 C  CD1 . ILE A 18 ? 0.0583 0.0645 0.0626 0.0004  -0.0040 -0.0004 17 ILE A CD1 
141 N  N   . ASN A 19 ? 0.0101 0.0185 0.0141 0.0014  -0.0067 -0.0006 18 ASN A N   
142 C  CA  . ASN A 19 ? 0.0249 0.0345 0.0294 0.0019  -0.0076 -0.0007 18 ASN A CA  
143 C  C   . ASN A 19 ? 0.0299 0.0398 0.0346 0.0011  -0.0080 -0.0009 18 ASN A C   
144 O  O   . ASN A 19 ? 0.0864 0.0978 0.0923 0.0009  -0.0085 -0.0010 18 ASN A O   
145 C  CB  . ASN A 19 ? 0.0131 0.0221 0.0164 0.0031  -0.0080 -0.0006 18 ASN A CB  
146 C  CG  . ASN A 19 ? 0.0270 0.0358 0.0304 0.0039  -0.0078 -0.0003 18 ASN A CG  
147 O  OD1 . ASN A 19 ? 0.0523 0.0617 0.0568 0.0037  -0.0074 -0.0002 18 ASN A OD1 
148 N  ND2 . ASN A 19 ? 0.0932 0.1010 0.0953 0.0050  -0.0081 0.0001  18 ASN A ND2 
149 N  N   . GLN A 20 ? 0.0489 0.0578 0.0525 0.0009  -0.0078 -0.0011 19 GLN A N   
150 C  CA  . GLN A 20 ? 0.0228 0.0318 0.0265 0.0003  -0.0082 -0.0014 19 GLN A CA  
151 C  C   . GLN A 20 ? 0.0635 0.0733 0.0681 -0.0008 -0.0079 -0.0012 19 GLN A C   
152 O  O   . GLN A 20 ? 0.0497 0.0604 0.0549 -0.0014 -0.0084 -0.0014 19 GLN A O   
153 C  CB  . GLN A 20 ? 0.1512 0.1587 0.1536 0.0004  -0.0081 -0.0015 19 GLN A CB  
154 C  CG  . GLN A 20 ? 0.3558 0.3633 0.3582 0.0000  -0.0086 -0.0019 19 GLN A CG  
155 C  CD  . GLN A 20 ? 0.5749 0.5830 0.5775 0.0003  -0.0097 -0.0022 19 GLN A CD  
156 O  OE1 . GLN A 20 ? 0.6743 0.6839 0.6779 0.0004  -0.0101 -0.0020 19 GLN A OE1 
157 N  NE2 . GLN A 20 ? 0.6433 0.6505 0.6450 0.0006  -0.0103 -0.0026 19 GLN A NE2 
158 N  N   . ALA A 21 ? 0.0222 0.0317 0.0269 -0.0012 -0.0070 -0.0011 20 ALA A N   
159 C  CA  . ALA A 21 ? 0.0323 0.0420 0.0374 -0.0020 -0.0065 -0.0009 20 ALA A CA  
160 C  C   . ALA A 21 ? 0.0388 0.0498 0.0453 -0.0022 -0.0070 -0.0006 20 ALA A C   
161 O  O   . ALA A 21 ? 0.1016 0.1130 0.1088 -0.0029 -0.0071 -0.0005 20 ALA A O   
162 C  CB  . ALA A 21 ? 0.1125 0.1212 0.1171 -0.0022 -0.0056 -0.0009 20 ALA A CB  
163 N  N   . ILE A 22 ? 0.0100 0.0215 0.0173 -0.0014 -0.0071 -0.0006 21 ILE A N   
164 C  CA  . ILE A 22 ? 0.0104 0.0236 0.0195 -0.0013 -0.0076 -0.0007 21 ILE A CA  
165 C  C   . ILE A 22 ? 0.2069 0.2215 0.2167 -0.0015 -0.0085 -0.0007 21 ILE A C   
166 O  O   . ILE A 22 ? 0.1450 0.1608 0.1563 -0.0020 -0.0088 -0.0007 21 ILE A O   
167 C  CB  . ILE A 22 ? 0.0103 0.0240 0.0196 -0.0001 -0.0075 -0.0008 21 ILE A CB  
168 C  CG1 . ILE A 22 ? 0.0594 0.0724 0.0686 0.0000  -0.0066 -0.0009 21 ILE A CG1 
169 C  CG2 . ILE A 22 ? 0.1438 0.1596 0.1548 0.0004  -0.0080 -0.0010 21 ILE A CG2 
170 C  CD1 . ILE A 22 ? 0.0701 0.0829 0.0791 0.0011  -0.0064 -0.0009 21 ILE A CD1 
171 N  N   . ASP A 23 ? 0.1170 0.1312 0.1257 -0.0011 -0.0090 -0.0009 22 ASP A N   
172 C  CA  . ASP A 23 ? 0.1639 0.1794 0.1733 -0.0012 -0.0100 -0.0010 22 ASP A CA  
173 C  C   . ASP A 23 ? 0.2167 0.2321 0.2256 -0.0024 -0.0100 -0.0011 22 ASP A C   
174 O  O   . ASP A 23 ? 0.2627 0.2795 0.2727 -0.0029 -0.0107 -0.0012 22 ASP A O   
175 C  CB  . ASP A 23 ? 0.1967 0.2115 0.2049 -0.0001 -0.0106 -0.0013 22 ASP A CB  
176 C  CG  . ASP A 23 ? 0.2627 0.2787 0.2714 0.0000  -0.0118 -0.0017 22 ASP A CG  
177 O  OD1 . ASP A 23 ? 0.2180 0.2329 0.2256 0.0005  -0.0124 -0.0020 22 ASP A OD1 
178 O  OD2 . ASP A 23 ? 0.1661 0.1841 0.1768 -0.0004 -0.0122 -0.0016 22 ASP A OD2 
179 N  N   . ASN A 24 ? 0.1387 0.1527 0.1465 -0.0027 -0.0090 -0.0012 23 ASN A N   
180 C  CA  . ASN A 24 ? 0.1036 0.1179 0.1111 -0.0036 -0.0088 -0.0016 23 ASN A CA  
181 C  C   . ASN A 24 ? 0.1511 0.1655 0.1586 -0.0039 -0.0076 -0.0019 23 ASN A C   
182 O  O   . ASN A 24 ? 0.1605 0.1735 0.1677 -0.0037 -0.0072 -0.0027 23 ASN A O   
183 C  CB  . ASN A 24 ? 0.1829 0.1956 0.1893 -0.0031 -0.0091 -0.0021 23 ASN A CB  
184 C  CG  . ASN A 24 ? 0.4071 0.4199 0.4137 -0.0030 -0.0103 -0.0023 23 ASN A CG  
185 O  OD1 . ASN A 24 ? 0.5770 0.5892 0.5835 -0.0033 -0.0108 -0.0028 23 ASN A OD1 
186 N  ND2 . ASN A 24 ? 0.4357 0.4489 0.4423 -0.0022 -0.0109 -0.0022 23 ASN A ND2 
187 N  N   . PHE A 25 ? 0.0697 0.0839 0.0783 -0.0047 -0.0079 -0.0004 24 PHE A N   
188 C  CA  . PHE A 25 ? 0.0135 0.0246 0.0248 -0.0031 -0.0081 -0.0024 24 PHE A CA  
189 C  C   . PHE A 25 ? 0.1062 0.1186 0.1173 -0.0039 -0.0074 -0.0033 24 PHE A C   
190 O  O   . PHE A 25 ? 0.1071 0.1186 0.1175 -0.0044 -0.0068 -0.0028 24 PHE A O   
191 C  CB  . PHE A 25 ? 0.0366 0.0497 0.0492 -0.0037 -0.0079 -0.0015 24 PHE A CB  
192 C  CG  . PHE A 25 ? 0.0465 0.0600 0.0592 -0.0039 -0.0069 -0.0017 24 PHE A CG  
193 C  CD1 . PHE A 25 ? 0.1000 0.1122 0.1112 -0.0035 -0.0063 -0.0015 24 PHE A CD1 
194 C  CD2 . PHE A 25 ? 0.0161 0.0314 0.0301 -0.0047 -0.0067 -0.0019 24 PHE A CD2 
195 C  CE1 . PHE A 25 ? 0.0980 0.1105 0.1091 -0.0038 -0.0055 -0.0016 24 PHE A CE1 
196 C  CE2 . PHE A 25 ? 0.0590 0.0746 0.0725 -0.0050 -0.0057 -0.0018 24 PHE A CE2 
197 C  CZ  . PHE A 25 ? 0.0644 0.0784 0.0763 -0.0046 -0.0051 -0.0016 24 PHE A CZ  
198 N  N   . ASN A 26 ? 0.1220 0.1356 0.1336 -0.0045 -0.0079 -0.0037 25 ASN A N   
199 C  CA  . ASN A 26 ? 0.2007 0.2140 0.2121 -0.0056 -0.0081 -0.0034 25 ASN A CA  
200 C  C   . ASN A 26 ? 0.2220 0.2333 0.2314 -0.0057 -0.0077 -0.0030 25 ASN A C   
201 O  O   . ASN A 26 ? 0.1830 0.1931 0.1916 -0.0062 -0.0074 -0.0023 25 ASN A O   
202 C  CB  . ASN A 26 ? 0.2601 0.2747 0.2722 -0.0062 -0.0089 -0.0038 25 ASN A CB  
203 C  CG  . ASN A 26 ? 0.4021 0.4174 0.4133 -0.0056 -0.0092 -0.0040 25 ASN A CG  
204 O  OD1 . ASN A 26 ? 0.1853 0.2023 0.1966 -0.0050 -0.0091 -0.0042 25 ASN A OD1 
205 N  ND2 . ASN A 26 ? 0.5359 0.5500 0.5457 -0.0057 -0.0098 -0.0037 25 ASN A ND2 
206 N  N   . GLU A 27 ? 0.1944 0.2053 0.2026 -0.0049 -0.0075 -0.0031 26 GLU A N   
207 C  CA  . GLU A 27 ? 0.2183 0.2270 0.2248 -0.0047 -0.0073 -0.0025 26 GLU A CA  
208 C  C   . GLU A 27 ? 0.2517 0.2594 0.2577 -0.0046 -0.0064 -0.0022 26 GLU A C   
209 O  O   . GLU A 27 ? 0.1991 0.2050 0.2039 -0.0047 -0.0063 -0.0017 26 GLU A O   
210 C  CB  . GLU A 27 ? 0.3454 0.3537 0.3508 -0.0041 -0.0075 -0.0025 26 GLU A CB  
211 C  CG  . GLU A 27 ? 0.5322 0.5417 0.5380 -0.0041 -0.0084 -0.0027 26 GLU A CG  
212 C  CD  . GLU A 27 ? 0.6075 0.6156 0.6123 -0.0034 -0.0088 -0.0025 26 GLU A CD  
213 O  OE1 . GLU A 27 ? 0.6099 0.6182 0.6147 -0.0033 -0.0096 -0.0027 26 GLU A OE1 
214 O  OE2 . GLU A 27 ? 0.5897 0.5967 0.5937 -0.0029 -0.0081 -0.0023 26 GLU A OE2 
215 N  N   . VAL A 28 ? 0.0536 0.0621 0.0603 -0.0044 -0.0061 -0.0024 27 VAL A N   
216 C  CA  . VAL A 28 ? 0.0771 0.0847 0.0833 -0.0041 -0.0054 -0.0021 27 VAL A CA  
217 C  C   . VAL A 28 ? 0.1104 0.1182 0.1170 -0.0046 -0.0051 -0.0018 27 VAL A C   
218 O  O   . VAL A 28 ? 0.0498 0.0573 0.0560 -0.0045 -0.0045 -0.0016 27 VAL A O   
219 C  CB  . VAL A 28 ? 0.1271 0.1346 0.1330 -0.0032 -0.0050 -0.0023 27 VAL A CB  
220 C  CG1 . VAL A 28 ? 0.1324 0.1396 0.1372 -0.0030 -0.0051 -0.0022 27 VAL A CG1 
221 C  CG2 . VAL A 28 ? 0.0754 0.0836 0.0826 -0.0028 -0.0054 -0.0025 27 VAL A CG2 
222 N  N   . GLN A 29 ? 0.1396 0.1489 0.1475 -0.0052 -0.0054 -0.0018 28 GLN A N   
223 C  CA  . GLN A 29 ? 0.0871 0.0974 0.0955 -0.0058 -0.0051 -0.0015 28 GLN A CA  
224 C  C   . GLN A 29 ? 0.1299 0.1393 0.1369 -0.0063 -0.0045 -0.0011 28 GLN A C   
225 O  O   . GLN A 29 ? 0.1349 0.1450 0.1418 -0.0066 -0.0039 -0.0009 28 GLN A O   
226 C  CB  . GLN A 29 ? 0.1389 0.1510 0.1490 -0.0065 -0.0054 -0.0016 28 GLN A CB  
227 C  CG  . GLN A 29 ? 0.1564 0.1682 0.1660 -0.0075 -0.0057 -0.0013 28 GLN A CG  
228 C  CD  . GLN A 29 ? 0.2482 0.2620 0.2598 -0.0084 -0.0061 -0.0014 28 GLN A CD  
229 O  OE1 . GLN A 29 ? 0.3607 0.3758 0.3729 -0.0090 -0.0056 -0.0011 28 GLN A OE1 
230 N  NE2 . GLN A 29 ? 0.1887 0.2029 0.2013 -0.0083 -0.0069 -0.0019 28 GLN A NE2 
231 N  N   . THR A 30 ? 0.1497 0.1576 0.1554 -0.0065 -0.0047 -0.0008 29 THR A N   
232 C  CA  . THR A 30 ? 0.1774 0.1844 0.1817 -0.0070 -0.0043 -0.0002 29 THR A CA  
233 C  C   . THR A 30 ? 0.2777 0.2839 0.2812 -0.0063 -0.0037 -0.0003 29 THR A C   
234 O  O   . THR A 30 ? 0.2835 0.2892 0.2860 -0.0067 -0.0035 0.0000  29 THR A O   
235 C  CB  . THR A 30 ? 0.1585 0.1640 0.1617 -0.0073 -0.0048 0.0002  29 THR A CB  
236 O  OG1 . THR A 30 ? 0.1476 0.1521 0.1505 -0.0064 -0.0049 0.0000  29 THR A OG1 
237 C  CG2 . THR A 30 ? 0.1991 0.2052 0.2031 -0.0081 -0.0055 0.0002  29 THR A CG2 
238 N  N   . PHE A 31 ? 0.1571 0.1632 0.1611 -0.0055 -0.0036 -0.0007 30 PHE A N   
239 C  CA  . PHE A 31 ? 0.0939 0.0993 0.0973 -0.0049 -0.0031 -0.0008 30 PHE A CA  
240 C  C   . PHE A 31 ? 0.1202 0.1261 0.1244 -0.0044 -0.0029 -0.0011 30 PHE A C   
241 O  O   . PHE A 31 ? 0.1667 0.1721 0.1705 -0.0041 -0.0026 -0.0011 30 PHE A O   
242 C  CB  . PHE A 31 ? 0.1531 0.1571 0.1558 -0.0045 -0.0032 -0.0007 30 PHE A CB  
243 C  CG  . PHE A 31 ? 0.0841 0.0880 0.0872 -0.0040 -0.0035 -0.0010 30 PHE A CG  
244 C  CD1 . PHE A 31 ? 0.0893 0.0934 0.0929 -0.0034 -0.0032 -0.0013 30 PHE A CD1 
245 C  CD2 . PHE A 31 ? 0.1202 0.1238 0.1231 -0.0042 -0.0040 -0.0008 30 PHE A CD2 
246 C  CE1 . PHE A 31 ? 0.1347 0.1390 0.1384 -0.0030 -0.0035 -0.0015 30 PHE A CE1 
247 C  CE2 . PHE A 31 ? 0.1450 0.1489 0.1484 -0.0038 -0.0042 -0.0011 30 PHE A CE2 
248 C  CZ  . PHE A 31 ? 0.0642 0.0685 0.0677 -0.0032 -0.0039 -0.0015 30 PHE A CZ  
249 N  N   . THR A 32 ? 0.1356 0.1425 0.1410 -0.0043 -0.0032 -0.0013 31 THR A N   
250 C  CA  . THR A 32 ? 0.0703 0.0778 0.0763 -0.0038 -0.0031 -0.0014 31 THR A CA  
251 C  C   . THR A 32 ? 0.1054 0.1149 0.1128 -0.0041 -0.0033 -0.0014 31 THR A C   
252 O  O   . THR A 32 ? 0.0625 0.0728 0.0703 -0.0046 -0.0035 -0.0014 31 THR A O   
253 C  CB  . THR A 32 ? 0.0755 0.0821 0.0815 -0.0032 -0.0034 -0.0014 31 THR A CB  
254 O  OG1 . THR A 32 ? 0.0445 0.0514 0.0506 -0.0028 -0.0032 -0.0013 31 THR A OG1 
255 C  CG2 . THR A 32 ? 0.0231 0.0300 0.0297 -0.0029 -0.0040 -0.0015 31 THR A CG2 
256 N  N   . THR A 33 ? 0.1262 0.1365 0.1342 -0.0036 -0.0032 -0.0015 32 THR A N   
257 C  CA  . THR A 33 ? 0.1313 0.1437 0.1407 -0.0035 -0.0032 -0.0016 32 THR A CA  
258 C  C   . THR A 33 ? 0.1031 0.1159 0.1131 -0.0028 -0.0036 -0.0016 32 THR A C   
259 O  O   . THR A 33 ? 0.0451 0.0565 0.0543 -0.0023 -0.0036 -0.0015 32 THR A O   
260 C  CB  . THR A 33 ? 0.1436 0.1573 0.1534 -0.0036 -0.0025 -0.0019 32 THR A CB  
261 O  OG1 . THR A 33 ? 0.1209 0.1340 0.1303 -0.0030 -0.0023 -0.0020 32 THR A OG1 
262 C  CG2 . THR A 33 ? 0.1359 0.1491 0.1446 -0.0045 -0.0021 -0.0018 32 THR A CG2 
263 N  N   . ILE A 34 ? 0.0770 0.0916 0.0886 -0.0026 -0.0040 -0.0016 33 ILE A N   
264 C  CA  . ILE A 34 ? 0.0673 0.0825 0.0793 -0.0018 -0.0043 -0.0016 33 ILE A CA  
265 C  C   . ILE A 34 ? 0.1005 0.1156 0.1122 -0.0009 -0.0038 -0.0017 33 ILE A C   
266 O  O   . ILE A 34 ? 0.0846 0.0990 0.0959 -0.0003 -0.0040 -0.0017 33 ILE A O   
267 C  CB  . ILE A 34 ? 0.0764 0.0940 0.0903 -0.0016 -0.0048 -0.0016 33 ILE A CB  
268 C  CG1 . ILE A 34 ? 0.1176 0.1351 0.1318 -0.0022 -0.0057 -0.0015 33 ILE A CG1 
269 C  CG2 . ILE A 34 ? 0.1706 0.1890 0.1849 -0.0003 -0.0051 -0.0017 33 ILE A CG2 
270 C  CD1 . ILE A 34 ? 0.0773 0.0933 0.0902 -0.0018 -0.0064 -0.0012 33 ILE A CD1 
271 N  N   . ASN A 35 ? 0.0359 0.0519 0.0480 -0.0011 -0.0031 -0.0020 34 ASN A N   
272 C  CA  . ASN A 35 ? 0.0999 0.1157 0.1119 -0.0004 -0.0026 -0.0023 34 ASN A CA  
273 C  C   . ASN A 35 ? 0.0779 0.0914 0.0884 -0.0005 -0.0025 -0.0022 34 ASN A C   
274 O  O   . ASN A 35 ? 0.0705 0.0833 0.0809 0.0003  -0.0025 -0.0021 34 ASN A O   
275 C  CB  . ASN A 35 ? 0.0624 0.0794 0.0749 -0.0006 -0.0019 -0.0027 34 ASN A CB  
276 C  CG  . ASN A 35 ? 0.2154 0.2350 0.2297 0.0000  -0.0018 -0.0029 34 ASN A CG  
277 O  OD1 . ASN A 35 ? 0.3293 0.3498 0.3446 0.0008  -0.0023 -0.0028 34 ASN A OD1 
278 N  ND2 . ASN A 35 ? 0.3155 0.3368 0.3306 -0.0003 -0.0012 -0.0031 34 ASN A ND2 
279 N  N   . GLN A 36 ? 0.0266 0.0387 0.0359 -0.0013 -0.0025 -0.0020 35 GLN A N   
280 C  CA  . GLN A 36 ? 0.0088 0.0188 0.0168 -0.0014 -0.0024 -0.0019 35 GLN A CA  
281 C  C   . GLN A 36 ? 0.0270 0.0364 0.0347 -0.0010 -0.0028 -0.0016 35 GLN A C   
282 O  O   . GLN A 36 ? 0.0415 0.0500 0.0489 -0.0006 -0.0027 -0.0015 35 GLN A O   
283 C  CB  . GLN A 36 ? 0.0152 0.0240 0.0223 -0.0021 -0.0022 -0.0018 35 GLN A CB  
284 C  CG  . GLN A 36 ? 0.0611 0.0680 0.0670 -0.0022 -0.0021 -0.0018 35 GLN A CG  
285 C  CD  . GLN A 36 ? 0.1340 0.1400 0.1391 -0.0026 -0.0019 -0.0017 35 GLN A CD  
286 O  OE1 . GLN A 36 ? 0.1147 0.1204 0.1196 -0.0027 -0.0023 -0.0014 35 GLN A OE1 
287 N  NE2 . GLN A 36 ? 0.1011 0.1069 0.1059 -0.0028 -0.0016 -0.0019 35 GLN A NE2 
288 N  N   . LEU A 37 ? 0.0868 0.0964 0.0946 -0.0012 -0.0033 -0.0014 36 LEU A N   
289 C  CA  . LEU A 37 ? 0.0082 0.0175 0.0156 -0.0009 -0.0038 -0.0011 36 LEU A CA  
290 C  C   . LEU A 37 ? 0.0325 0.0423 0.0403 0.0002  -0.0038 -0.0011 36 LEU A C   
291 O  O   . LEU A 37 ? 0.0272 0.0363 0.0344 0.0006  -0.0040 -0.0009 36 LEU A O   
292 C  CB  . LEU A 37 ? 0.0062 0.0161 0.0139 -0.0011 -0.0044 -0.0010 36 LEU A CB  
293 C  CG  . LEU A 37 ? 0.0065 0.0152 0.0135 -0.0019 -0.0044 -0.0008 36 LEU A CG  
294 C  CD1 . LEU A 37 ? 0.0516 0.0610 0.0591 -0.0021 -0.0051 -0.0008 36 LEU A CD1 
295 C  CD2 . LEU A 37 ? 0.0643 0.0715 0.0699 -0.0019 -0.0041 -0.0006 36 LEU A CD2 
296 N  N   . ASN A 38 ? 0.0448 0.0562 0.0540 0.0007  -0.0039 -0.0013 37 ASN A N   
297 C  CA  . ASN A 38 ? 0.1329 0.1447 0.1426 0.0020  -0.0040 -0.0012 37 ASN A CA  
298 C  C   . ASN A 38 ? 0.0318 0.0427 0.0413 0.0026  -0.0036 -0.0016 37 ASN A C   
299 O  O   . ASN A 38 ? 0.0663 0.0766 0.0755 0.0038  -0.0038 -0.0017 37 ASN A O   
300 C  CB  . ASN A 38 ? 0.1910 0.2047 0.2021 0.0025  -0.0041 -0.0015 37 ASN A CB  
301 C  CG  . ASN A 38 ? 0.2296 0.2445 0.2412 0.0026  -0.0049 -0.0014 37 ASN A CG  
302 O  OD1 . ASN A 38 ? 0.1888 0.2028 0.1994 0.0030  -0.0055 -0.0012 37 ASN A OD1 
303 N  ND2 . ASN A 38 ? 0.2399 0.2566 0.2527 0.0023  -0.0049 -0.0017 37 ASN A ND2 
304 N  N   . HIS A 39 ? 0.0561 0.0668 0.0654 0.0017  -0.0030 -0.0019 38 HIS A N   
305 C  CA  . HIS A 39 ? 0.0405 0.0501 0.0499 0.0021  -0.0027 -0.0024 38 HIS A CA  
306 C  C   . HIS A 39 ? 0.0130 0.0211 0.0217 0.0019  -0.0029 -0.0022 38 HIS A C   
307 O  O   . HIS A 39 ? 0.0614 0.0681 0.0704 0.0030  -0.0030 -0.0023 38 HIS A O   
308 C  CB  . HIS A 39 ? 0.1663 0.1756 0.1754 0.0010  -0.0021 -0.0027 38 HIS A CB  
309 C  CG  . HIS A 39 ? 0.4157 0.4268 0.4259 0.0014  -0.0018 -0.0033 38 HIS A CG  
310 N  ND1 . HIS A 39 ? 0.4989 0.5115 0.5100 0.0026  -0.0019 -0.0035 38 HIS A ND1 
311 C  CD2 . HIS A 39 ? 0.4974 0.5088 0.5074 0.0007  -0.0013 -0.0037 38 HIS A CD2 
312 C  CE1 . HIS A 39 ? 0.5381 0.5521 0.5498 0.0028  -0.0014 -0.0041 38 HIS A CE1 
313 N  NE2 . HIS A 39 ? 0.4857 0.4991 0.4968 0.0016  -0.0011 -0.0042 38 HIS A NE2 
314 N  N   . PHE A 40 ? 0.0046 0.0120 0.0122 0.0008  -0.0029 -0.0016 39 PHE A N   
315 C  CA  . PHE A 40 ? 0.0142 0.0202 0.0209 0.0006  -0.0030 -0.0015 39 PHE A CA  
316 C  C   . PHE A 40 ? 0.0241 0.0302 0.0311 0.0019  -0.0036 -0.0013 39 PHE A C   
317 O  O   . PHE A 40 ? 0.0702 0.0747 0.0772 0.0026  -0.0038 -0.0012 39 PHE A O   
318 C  CB  . PHE A 40 ? 0.0160 0.0215 0.0214 -0.0005 -0.0028 -0.0011 39 PHE A CB  
319 C  CG  . PHE A 40 ? 0.0372 0.0421 0.0424 -0.0011 -0.0024 -0.0013 39 PHE A CG  
320 C  CD1 . PHE A 40 ? 0.0679 0.0726 0.0735 -0.0011 -0.0020 -0.0017 39 PHE A CD1 
321 C  CD2 . PHE A 40 ? 0.0785 0.0830 0.0830 -0.0016 -0.0024 -0.0012 39 PHE A CD2 
322 C  CE1 . PHE A 40 ? 0.0927 0.0967 0.0976 -0.0015 -0.0017 -0.0018 39 PHE A CE1 
323 C  CE2 . PHE A 40 ? 0.0623 0.0664 0.0664 -0.0019 -0.0021 -0.0013 39 PHE A CE2 
324 C  CZ  . PHE A 40 ? 0.0430 0.0468 0.0473 -0.0018 -0.0018 -0.0015 39 PHE A CZ  
325 N  N   . LYS A 41 ? 0.0169 0.0240 0.0236 0.0023  -0.0040 -0.0010 40 LYS A N   
326 C  CA  . LYS A 41 ? 0.0078 0.0144 0.0138 0.0036  -0.0046 -0.0006 40 LYS A CA  
327 C  C   . LYS A 41 ? 0.0629 0.0683 0.0689 0.0052  -0.0045 -0.0005 40 LYS A C   
328 O  O   . LYS A 41 ? 0.1465 0.1498 0.1511 0.0062  -0.0045 0.0001  40 LYS A O   
329 C  CB  . LYS A 41 ? 0.0154 0.0234 0.0217 0.0036  -0.0049 -0.0004 40 LYS A CB  
330 C  CG  . LYS A 41 ? 0.0734 0.0808 0.0787 0.0047  -0.0055 -0.0001 40 LYS A CG  
331 C  CD  . LYS A 41 ? 0.0801 0.0889 0.0859 0.0044  -0.0060 0.0000  40 LYS A CD  
332 C  CE  . LYS A 41 ? 0.1277 0.1363 0.1329 0.0059  -0.0068 0.0001  40 LYS A CE  
333 N  NZ  . LYS A 41 ? 0.0557 0.0659 0.0617 0.0056  -0.0073 0.0000  40 LYS A NZ  
334 N  N   . GLU A 42 ? 0.0521 0.0584 0.0593 0.0056  -0.0042 -0.0010 41 GLU A N   
335 C  CA  . GLU A 42 ? 0.0958 0.1003 0.1026 0.0070  -0.0040 -0.0009 41 GLU A CA  
336 C  C   . GLU A 42 ? 0.0587 0.0600 0.0648 0.0069  -0.0035 -0.0006 41 GLU A C   
337 O  O   . GLU A 42 ? 0.0393 0.0378 0.0437 0.0079  -0.0032 0.0002  41 GLU A O   
338 C  CB  . GLU A 42 ? 0.2496 0.2554 0.2578 0.0072  -0.0036 -0.0016 41 GLU A CB  
339 C  CG  . GLU A 42 ? 0.4423 0.4503 0.4511 0.0075  -0.0040 -0.0017 41 GLU A CG  
340 C  CD  . GLU A 42 ? 0.6853 0.6952 0.6955 0.0072  -0.0035 -0.0025 41 GLU A CD  
341 O  OE1 . GLU A 42 ? 0.7217 0.7337 0.7327 0.0064  -0.0035 -0.0025 41 GLU A OE1 
342 O  OE2 . GLU A 42 ? 0.7830 0.7919 0.7933 0.0077  -0.0030 -0.0029 41 GLU A OE2 
343 N  N   . LYS A 43 ? 0.0276 0.0290 0.0343 0.0054  -0.0030 -0.0010 42 LYS A N   
344 C  CA  . LYS A 43 ? 0.1035 0.1020 0.1094 0.0045  -0.0022 -0.0007 42 LYS A CA  
345 C  C   . LYS A 43 ? 0.1057 0.1025 0.1099 0.0044  -0.0021 0.0003  42 LYS A C   
346 O  O   . LYS A 43 ? 0.1114 0.1054 0.1145 0.0046  -0.0014 0.0010  42 LYS A O   
347 C  CB  . LYS A 43 ? 0.1415 0.1406 0.1484 0.0029  -0.0019 -0.0014 42 LYS A CB  
348 C  CG  . LYS A 43 ? 0.1606 0.1608 0.1685 0.0030  -0.0018 -0.0022 42 LYS A CG  
349 C  CD  . LYS A 43 ? 0.2937 0.2945 0.3024 0.0015  -0.0016 -0.0029 42 LYS A CD  
350 C  CE  . LYS A 43 ? 0.4135 0.4142 0.4226 0.0017  -0.0013 -0.0038 42 LYS A CE  
351 N  NZ  . LYS A 43 ? 0.3883 0.3856 0.3965 0.0022  -0.0009 -0.0037 42 LYS A NZ  
352 N  N   . LEU A 44 ? 0.0152 0.0138 0.0193 0.0042  -0.0026 0.0004  43 LEU A N   
353 C  CA  . LEU A 44 ? 0.0265 0.0238 0.0290 0.0043  -0.0025 0.0012  43 LEU A CA  
354 C  C   . LEU A 44 ? 0.0295 0.0252 0.0301 0.0059  -0.0026 0.0021  43 LEU A C   
355 O  O   . LEU A 44 ? 0.0499 0.0432 0.0487 0.0061  -0.0020 0.0032  43 LEU A O   
356 C  CB  . LEU A 44 ? 0.0107 0.0103 0.0133 0.0038  -0.0033 0.0010  43 LEU A CB  
357 C  CG  . LEU A 44 ? 0.0184 0.0192 0.0223 0.0022  -0.0033 0.0002  43 LEU A CG  
358 C  CD1 . LEU A 44 ? 0.0331 0.0359 0.0370 0.0020  -0.0042 -0.0001 43 LEU A CD1 
359 C  CD2 . LEU A 44 ? 0.0604 0.0593 0.0639 0.0012  -0.0022 0.0005  43 LEU A CD2 
360 N  N   . MSE A 45 ? 0.0159 0.0128 0.0170 0.0073  -0.0034 0.0019  44 MSE A N   
361 C  CA  . MSE A 45 ? 0.0229 0.0188 0.0226 0.0085  -0.0036 0.0025  44 MSE A CA  
362 C  C   . MSE A 45 ? 0.1032 0.0960 0.1023 0.0088  -0.0029 0.0030  44 MSE A C   
363 O  O   . MSE A 45 ? 0.0888 0.0794 0.0860 0.0093  -0.0027 0.0039  44 MSE A O   
364 C  CB  . MSE A 45 ? 0.0797 0.0782 0.0807 0.0090  -0.0045 0.0018  44 MSE A CB  
365 C  CG  . MSE A 45 ? 0.2386 0.2393 0.2397 0.0087  -0.0052 0.0017  44 MSE A CG  
366 SE SE  . MSE A 45 ? 0.4527 0.4559 0.4552 0.0094  -0.0059 0.0011  44 MSE A SE  
367 C  CE  . MSE A 45 ? 0.5338 0.5391 0.5389 0.0084  -0.0054 0.0001  44 MSE A CE  
368 N  N   . ASN A 46 ? 0.0501 0.0424 0.0504 0.0084  -0.0025 0.0024  45 ASN A N   
369 C  CA  . ASN A 46 ? 0.0497 0.0390 0.0497 0.0083  -0.0017 0.0028  45 ASN A CA  
370 C  C   . ASN A 46 ? 0.0949 0.0817 0.0937 0.0071  -0.0008 0.0036  45 ASN A C   
371 O  O   . ASN A 46 ? 0.0836 0.0681 0.0814 0.0070  -0.0005 0.0043  45 ASN A O   
372 C  CB  . ASN A 46 ? 0.1048 0.0945 0.1063 0.0079  -0.0015 0.0017  45 ASN A CB  
373 C  CG  . ASN A 46 ? 0.1939 0.1809 0.1953 0.0078  -0.0010 0.0018  45 ASN A CG  
374 O  OD1 . ASN A 46 ? 0.1560 0.1417 0.1579 0.0066  -0.0006 0.0015  45 ASN A OD1 
375 N  ND2 . ASN A 46 ? 0.1540 0.1402 0.1548 0.0092  -0.0014 0.0022  45 ASN A ND2 
376 N  N   . CYS A 47 ? 0.0545 0.0422 0.0536 0.0060  -0.0005 0.0035  46 CYS A N   
377 C  CA  . CYS A 47 ? 0.0540 0.0403 0.0523 0.0047  0.0005  0.0042  46 CYS A CA  
378 C  C   . CYS A 47 ? 0.1258 0.1110 0.1219 0.0055  0.0005  0.0054  46 CYS A C   
379 O  O   . CYS A 47 ? 0.1091 0.0925 0.1042 0.0050  0.0013  0.0061  46 CYS A O   
380 C  CB  . CYS A 47 ? 0.0681 0.0563 0.0674 0.0035  0.0007  0.0037  46 CYS A CB  
381 S  SG  . CYS A 47 ? 0.1483 0.1379 0.1504 0.0020  0.0007  0.0023  46 CYS A SG  
382 N  N   . GLU A 48 ? 0.0251 0.0119 0.0202 0.0066  -0.0003 0.0054  47 GLU A N   
383 C  CA  . GLU A 48 ? 0.0545 0.0404 0.0474 0.0075  -0.0005 0.0063  47 GLU A CA  
384 C  C   . GLU A 48 ? 0.0312 0.0151 0.0234 0.0081  -0.0004 0.0068  47 GLU A C   
385 O  O   . GLU A 48 ? 0.1331 0.1148 0.1233 0.0079  0.0003  0.0078  47 GLU A O   
386 C  CB  . GLU A 48 ? 0.1180 0.1064 0.1105 0.0085  -0.0017 0.0058  47 GLU A CB  
387 C  CG  . GLU A 48 ? 0.2381 0.2287 0.2311 0.0080  -0.0020 0.0054  47 GLU A CG  
388 C  CD  . GLU A 48 ? 0.3792 0.3720 0.3720 0.0088  -0.0032 0.0049  47 GLU A CD  
389 O  OE1 . GLU A 48 ? 0.3860 0.3790 0.3789 0.0096  -0.0039 0.0047  47 GLU A OE1 
390 O  OE2 . GLU A 48 ? 0.3715 0.3658 0.3641 0.0083  -0.0036 0.0046  47 GLU A OE2 
391 N  N   . HIS A 49 ? 0.0746 0.0587 0.0679 0.0088  -0.0011 0.0062  48 HIS A N   
392 C  CA  . HIS A 49 ? 0.1463 0.1284 0.1389 0.0096  -0.0012 0.0066  48 HIS A CA  
393 C  C   . HIS A 49 ? 0.1503 0.1295 0.1427 0.0084  -0.0002 0.0072  48 HIS A C   
394 O  O   . HIS A 49 ? 0.1220 0.0989 0.1128 0.0087  0.0001  0.0081  48 HIS A O   
395 C  CB  . HIS A 49 ? 0.1824 0.1657 0.1766 0.0106  -0.0019 0.0056  48 HIS A CB  
396 C  CG  . HIS A 49 ? 0.2962 0.2824 0.2906 0.0116  -0.0029 0.0051  48 HIS A CG  
397 N  ND1 . HIS A 49 ? 0.3798 0.3686 0.3763 0.0120  -0.0036 0.0040  48 HIS A ND1 
398 C  CD2 . HIS A 49 ? 0.3873 0.3744 0.3804 0.0121  -0.0035 0.0055  48 HIS A CD2 
399 C  CE1 . HIS A 49 ? 0.3913 0.3823 0.3878 0.0126  -0.0044 0.0038  48 HIS A CE1 
400 N  NE2 . HIS A 49 ? 0.3405 0.3305 0.3350 0.0127  -0.0045 0.0046  48 HIS A NE2 
401 N  N   . LEU A 50 ? 0.0531 0.0326 0.0473 0.0071  0.0003  0.0065  49 LEU A N   
402 C  CA  . LEU A 50 ? 0.0356 0.0130 0.0300 0.0058  0.0010  0.0069  49 LEU A CA  
403 C  C   . LEU A 50 ? 0.0589 0.0354 0.0519 0.0049  0.0019  0.0080  49 LEU A C   
404 O  O   . LEU A 50 ? 0.0704 0.0447 0.0628 0.0045  0.0024  0.0088  49 LEU A O   
405 C  CB  . LEU A 50 ? 0.0839 0.0622 0.0803 0.0045  0.0011  0.0058  49 LEU A CB  
406 C  CG  . LEU A 50 ? 0.1003 0.0792 0.0982 0.0053  0.0004  0.0047  49 LEU A CG  
407 C  CD1 . LEU A 50 ? 0.1877 0.1679 0.1873 0.0041  0.0004  0.0035  49 LEU A CD1 
408 C  CD2 . LEU A 50 ? 0.2009 0.1776 0.1986 0.0060  0.0002  0.0049  49 LEU A CD2 
409 N  N   . ILE A 51 ? 0.1417 0.1198 0.1341 0.0048  0.0022  0.0082  50 ILE A N   
410 C  CA  . ILE A 51 ? 0.0969 0.0744 0.0877 0.0042  0.0032  0.0091  50 ILE A CA  
411 C  C   . ILE A 51 ? 0.1766 0.1524 0.1649 0.0054  0.0030  0.0102  50 ILE A C   
412 O  O   . ILE A 51 ? 0.1114 0.0853 0.0985 0.0048  0.0038  0.0112  50 ILE A O   
413 C  CB  . ILE A 51 ? 0.0838 0.0635 0.0746 0.0040  0.0034  0.0089  50 ILE A CB  
414 C  CG1 . ILE A 51 ? 0.0591 0.0404 0.0524 0.0026  0.0038  0.0080  50 ILE A CG1 
415 C  CG2 . ILE A 51 ? 0.0628 0.0420 0.0515 0.0040  0.0044  0.0099  50 ILE A CG2 
416 C  CD1 . ILE A 51 ? 0.1197 0.1033 0.1133 0.0026  0.0037  0.0075  50 ILE A CD1 
417 N  N   . GLN A 52 ? 0.0518 0.0282 0.0394 0.0071  0.0019  0.0100  51 GLN A N   
418 C  CA  . GLN A 52 ? 0.0456 0.0204 0.0308 0.0083  0.0016  0.0109  51 GLN A CA  
419 C  C   . GLN A 52 ? 0.0712 0.0432 0.0561 0.0084  0.0016  0.0114  51 GLN A C   
420 O  O   . GLN A 52 ? 0.0988 0.0687 0.0814 0.0090  0.0017  0.0125  51 GLN A O   
421 C  CB  . GLN A 52 ? 0.0868 0.0634 0.0717 0.0100  0.0002  0.0102  51 GLN A CB  
422 C  CG  . GLN A 52 ? 0.1469 0.1262 0.1319 0.0100  -0.0001 0.0097  51 GLN A CG  
423 C  CD  . GLN A 52 ? 0.2688 0.2502 0.2540 0.0114  -0.0016 0.0088  51 GLN A CD  
424 O  OE1 . GLN A 52 ? 0.3360 0.3177 0.3225 0.0121  -0.0023 0.0083  51 GLN A OE1 
425 N  NE2 . GLN A 52 ? 0.3307 0.3136 0.3149 0.0117  -0.0020 0.0087  51 GLN A NE2 
426 N  N   . LEU A 53 ? 0.0909 0.0627 0.0779 0.0079  0.0014  0.0108  52 LEU A N   
427 C  CA  . LEU A 53 ? 0.1533 0.1224 0.1404 0.0079  0.0013  0.0111  52 LEU A CA  
428 C  C   . LEU A 53 ? 0.2390 0.2066 0.2266 0.0060  0.0024  0.0117  52 LEU A C   
429 O  O   . LEU A 53 ? 0.1880 0.1532 0.1758 0.0059  0.0022  0.0120  52 LEU A O   
430 C  CB  . LEU A 53 ? 0.1801 0.1499 0.1693 0.0084  0.0006  0.0099  52 LEU A CB  
431 C  CG  . LEU A 53 ? 0.2202 0.1901 0.2087 0.0105  -0.0006 0.0096  52 LEU A CG  
432 C  CD1 . LEU A 53 ? 0.2183 0.1902 0.2092 0.0109  -0.0011 0.0081  52 LEU A CD1 
433 C  CD2 . LEU A 53 ? 0.3086 0.2753 0.2957 0.0111  -0.0008 0.0104  52 LEU A CD2 
434 N  N   . ASN A 54 ? 0.1274 0.0963 0.1154 0.0048  0.0033  0.0117  53 ASN A N   
435 C  CA  . ASN A 54 ? 0.2713 0.2396 0.2603 0.0029  0.0042  0.0121  53 ASN A CA  
436 C  C   . ASN A 54 ? 0.2694 0.2372 0.2608 0.0022  0.0036  0.0111  53 ASN A C   
437 O  O   . ASN A 54 ? 0.2834 0.2491 0.2749 0.0015  0.0035  0.0115  53 ASN A O   
438 C  CB  . ASN A 54 ? 0.4165 0.3821 0.4036 0.0026  0.0048  0.0136  53 ASN A CB  
439 C  CG  . ASN A 54 ? 0.5899 0.5562 0.5773 0.0008  0.0061  0.0141  53 ASN A CG  
440 O  OD1 . ASN A 54 ? 0.6624 0.6289 0.6519 -0.0007 0.0064  0.0137  53 ASN A OD1 
441 N  ND2 . ASN A 54 ? 0.6235 0.5902 0.6090 0.0010  0.0069  0.0150  53 ASN A ND2 
442 N  N   . ASN A 55 ? 0.1608 0.1306 0.1536 0.0026  0.0029  0.0097  54 ASN A N   
443 C  CA  . ASN A 55 ? 0.1566 0.1262 0.1512 0.0022  0.0022  0.0086  54 ASN A CA  
444 C  C   . ASN A 55 ? 0.0734 0.0458 0.0698 0.0014  0.0022  0.0073  54 ASN A C   
445 O  O   . ASN A 55 ? 0.1062 0.0795 0.1035 0.0020  0.0015  0.0062  54 ASN A O   
446 C  CB  . ASN A 55 ? 0.2279 0.1966 0.2226 0.0038  0.0014  0.0083  54 ASN A CB  
447 C  CG  . ASN A 55 ? 0.3256 0.2933 0.3219 0.0036  0.0008  0.0074  54 ASN A CG  
448 O  OD1 . ASN A 55 ? 0.3029 0.2698 0.2999 0.0021  0.0009  0.0074  54 ASN A OD1 
449 N  ND2 . ASN A 55 ? 0.3397 0.3074 0.3365 0.0050  0.0001  0.0067  54 ASN A ND2 
450 N  N   . ILE A 56 ? 0.1236 0.0973 0.1201 0.0002  0.0030  0.0075  55 ILE A N   
451 C  CA  . ILE A 56 ? 0.2013 0.1777 0.1993 -0.0005 0.0030  0.0063  55 ILE A CA  
452 C  C   . ILE A 56 ? 0.2395 0.2157 0.2388 -0.0016 0.0026  0.0055  55 ILE A C   
453 O  O   . ILE A 56 ? 0.2997 0.2740 0.2990 -0.0023 0.0027  0.0060  55 ILE A O   
454 C  CB  . ILE A 56 ? 0.3863 0.3643 0.3842 -0.0014 0.0040  0.0068  55 ILE A CB  
455 C  CG1 . ILE A 56 ? 0.4687 0.4493 0.4684 -0.0022 0.0039  0.0056  55 ILE A CG1 
456 C  CG2 . ILE A 56 ? 0.3809 0.3575 0.3785 -0.0023 0.0048  0.0077  55 ILE A CG2 
457 C  CD1 . ILE A 56 ? 0.4263 0.4086 0.4259 -0.0025 0.0046  0.0059  55 ILE A CD1 
458 N  N   . PRO A 57 ? 0.1332 0.1109 0.1333 -0.0015 0.0020  0.0042  56 PRO A N   
459 C  CA  . PRO A 57 ? 0.2325 0.2100 0.2332 -0.0024 0.0016  0.0034  56 PRO A CA  
460 C  C   . PRO A 57 ? 0.2394 0.2180 0.2408 -0.0038 0.0021  0.0034  56 PRO A C   
461 O  O   . PRO A 57 ? 0.1564 0.1366 0.1581 -0.0041 0.0028  0.0040  56 PRO A O   
462 C  CB  . PRO A 57 ? 0.2772 0.2565 0.2782 -0.0019 0.0010  0.0021  56 PRO A CB  
463 C  CG  . PRO A 57 ? 0.2955 0.2763 0.2965 -0.0012 0.0013  0.0024  56 PRO A CG  
464 C  CD  . PRO A 57 ? 0.2291 0.2085 0.2294 -0.0006 0.0017  0.0036  56 PRO A CD  
465 N  N   . ASP A 58 ? 0.2443 0.2223 0.2463 -0.0046 0.0019  0.0030  57 ASP A N   
466 C  CA  . ASP A 58 ? 0.2564 0.2358 0.2599 -0.0058 0.0026  0.0029  57 ASP A CA  
467 C  C   . ASP A 58 ? 0.1748 0.1575 0.1795 -0.0057 0.0027  0.0021  57 ASP A C   
468 O  O   . ASP A 58 ? 0.1623 0.1459 0.1666 -0.0049 0.0022  0.0015  57 ASP A O   
469 C  CB  . ASP A 58 ? 0.2840 0.2618 0.2880 -0.0066 0.0024  0.0025  57 ASP A CB  
470 C  CG  . ASP A 58 ? 0.4384 0.4160 0.4422 -0.0061 0.0016  0.0015  57 ASP A CG  
471 O  OD1 . ASP A 58 ? 0.5480 0.5271 0.5515 -0.0052 0.0014  0.0009  57 ASP A OD1 
472 O  OD2 . ASP A 58 ? 0.4595 0.4354 0.4634 -0.0065 0.0014  0.0011  57 ASP A OD2 
473 N  N   . LYS A 59 ? 0.1617 0.1458 0.1675 -0.0065 0.0032  0.0020  58 LYS A N   
474 C  CA  . LYS A 59 ? 0.1556 0.1426 0.1624 -0.0062 0.0032  0.0014  58 LYS A CA  
475 C  C   . LYS A 59 ? 0.1414 0.1294 0.1486 -0.0059 0.0026  0.0002  58 LYS A C   
476 O  O   . LYS A 59 ? 0.1906 0.1806 0.1981 -0.0055 0.0024  -0.0002 58 LYS A O   
477 C  CB  . LYS A 59 ? 0.2946 0.2825 0.3026 -0.0071 0.0039  0.0014  58 LYS A CB  
478 C  CG  . LYS A 59 ? 0.3965 0.3843 0.4041 -0.0074 0.0047  0.0025  58 LYS A CG  
479 C  CD  . LYS A 59 ? 0.5076 0.4966 0.5167 -0.0082 0.0054  0.0025  58 LYS A CD  
480 C  CE  . LYS A 59 ? 0.5278 0.5173 0.5363 -0.0084 0.0063  0.0034  58 LYS A CE  
481 N  NZ  . LYS A 59 ? 0.5769 0.5677 0.5845 -0.0075 0.0060  0.0032  58 LYS A NZ  
482 N  N   . SER A 60 ? 0.1272 0.1139 0.1345 -0.0061 0.0021  0.0000  59 SER A N   
483 C  CA  . SER A 60 ? 0.1237 0.1112 0.1312 -0.0057 0.0016  -0.0009 59 SER A CA  
484 C  C   . SER A 60 ? 0.2066 0.1939 0.2130 -0.0048 0.0012  -0.0011 59 SER A C   
485 O  O   . SER A 60 ? 0.2922 0.2805 0.2987 -0.0045 0.0008  -0.0018 59 SER A O   
486 C  CB  . SER A 60 ? 0.1567 0.1429 0.1647 -0.0062 0.0014  -0.0014 59 SER A CB  
487 O  OG  . SER A 60 ? 0.2784 0.2652 0.2877 -0.0070 0.0017  -0.0014 59 SER A OG  
488 N  N   . HIS A 61 ? 0.1709 0.1571 0.1762 -0.0044 0.0013  -0.0006 60 HIS A N   
489 C  CA  . HIS A 61 ? 0.1718 0.1576 0.1760 -0.0035 0.0009  -0.0008 60 HIS A CA  
490 C  C   . HIS A 61 ? 0.1366 0.1233 0.1405 -0.0030 0.0011  -0.0003 60 HIS A C   
491 O  O   . HIS A 61 ? 0.2810 0.2665 0.2838 -0.0022 0.0009  -0.0002 60 HIS A O   
492 C  CB  . HIS A 61 ? 0.2387 0.2216 0.2418 -0.0031 0.0007  -0.0007 60 HIS A CB  
493 C  CG  . HIS A 61 ? 0.1947 0.1762 0.1980 -0.0036 0.0006  -0.0012 60 HIS A CG  
494 N  ND1 . HIS A 61 ? 0.3217 0.3022 0.3256 -0.0046 0.0007  -0.0008 60 HIS A ND1 
495 C  CD2 . HIS A 61 ? 0.2922 0.2732 0.2953 -0.0033 0.0003  -0.0020 60 HIS A CD2 
496 C  CE1 . HIS A 61 ? 0.2401 0.2194 0.2440 -0.0049 0.0005  -0.0014 60 HIS A CE1 
497 N  NE2 . HIS A 61 ? 0.2687 0.2485 0.2721 -0.0041 0.0001  -0.0021 60 HIS A NE2 
498 N  N   . ARG A 62 ? 0.1855 0.1743 0.1902 -0.0033 0.0013  -0.0003 61 ARG A N   
499 C  CA  . ARG A 62 ? 0.0991 0.0888 0.1033 -0.0030 0.0013  0.0001  61 ARG A CA  
500 C  C   . ARG A 62 ? 0.2014 0.1932 0.2060 -0.0028 0.0010  -0.0005 61 ARG A C   
501 O  O   . ARG A 62 ? 0.2493 0.2421 0.2537 -0.0026 0.0010  -0.0004 61 ARG A O   
502 C  CB  . ARG A 62 ? 0.0626 0.0526 0.0670 -0.0035 0.0018  0.0006  61 ARG A CB  
503 C  CG  . ARG A 62 ? 0.1847 0.1728 0.1889 -0.0040 0.0023  0.0013  61 ARG A CG  
504 C  CD  . ARG A 62 ? 0.1498 0.1370 0.1530 -0.0037 0.0026  0.0023  61 ARG A CD  
505 N  NE  . ARG A 62 ? 0.1536 0.1388 0.1565 -0.0042 0.0032  0.0032  61 ARG A NE  
506 C  CZ  . ARG A 62 ? 0.2236 0.2092 0.2269 -0.0049 0.0038  0.0036  61 ARG A CZ  
507 N  NH1 . ARG A 62 ? 0.2520 0.2398 0.2558 -0.0051 0.0041  0.0034  61 ARG A NH1 
508 N  NH2 . ARG A 62 ? 0.1943 0.1781 0.1973 -0.0055 0.0044  0.0046  61 ARG A NH2 
509 N  N   . ASN A 63 ? 0.2155 0.2081 0.2206 -0.0027 0.0007  -0.0012 62 ASN A N   
510 C  CA  . ASN A 63 ? 0.1903 0.1849 0.1959 -0.0025 0.0005  -0.0016 62 ASN A CA  
511 C  C   . ASN A 63 ? 0.2566 0.2511 0.2616 -0.0021 0.0003  -0.0016 62 ASN A C   
512 O  O   . ASN A 63 ? 0.3132 0.3067 0.3181 -0.0017 0.0002  -0.0019 62 ASN A O   
513 C  CB  . ASN A 63 ? 0.2498 0.2451 0.2559 -0.0026 0.0003  -0.0021 62 ASN A CB  
514 C  CG  . ASN A 63 ? 0.3404 0.3373 0.3466 -0.0025 0.0001  -0.0022 62 ASN A CG  
515 O  OD1 . ASN A 63 ? 0.2324 0.2302 0.2384 -0.0022 -0.0001 -0.0023 62 ASN A OD1 
516 N  ND2 . ASN A 63 ? 0.3716 0.3687 0.3783 -0.0027 0.0001  -0.0025 62 ASN A ND2 
517 N  N   . LEU A 64 ? 0.1242 0.1198 0.1292 -0.0018 0.0001  -0.0015 63 LEU A N   
518 C  CA  . LEU A 64 ? 0.1573 0.1533 0.1626 -0.0014 -0.0002 -0.0017 63 LEU A CA  
519 C  C   . LEU A 64 ? 0.1443 0.1420 0.1499 -0.0015 -0.0004 -0.0021 63 LEU A C   
520 O  O   . LEU A 64 ? 0.1364 0.1348 0.1428 -0.0011 -0.0005 -0.0026 63 LEU A O   
521 C  CB  . LEU A 64 ? 0.1145 0.1110 0.1205 -0.0013 -0.0004 -0.0015 63 LEU A CB  
522 C  CG  . LEU A 64 ? 0.2390 0.2335 0.2444 -0.0011 0.0001  -0.0008 63 LEU A CG  
523 C  CD1 . LEU A 64 ? 0.3265 0.3212 0.3321 -0.0008 -0.0002 -0.0003 63 LEU A CD1 
524 C  CD2 . LEU A 64 ? 0.2069 0.1993 0.2120 -0.0001 0.0002  -0.0004 63 LEU A CD2 
525 N  N   . GLY A 65 ? 0.0914 0.0899 0.0970 -0.0016 -0.0003 -0.0022 64 GLY A N   
526 C  CA  . GLY A 65 ? 0.1764 0.1757 0.1818 -0.0016 -0.0005 -0.0025 64 GLY A CA  
527 C  C   . GLY A 65 ? 0.1778 0.1780 0.1829 -0.0015 -0.0006 -0.0023 64 GLY A C   
528 O  O   . GLY A 65 ? 0.0957 0.0963 0.1003 -0.0015 -0.0007 -0.0023 64 GLY A O   
529 N  N   . ILE A 66 ? 0.1316 0.1318 0.1366 -0.0014 -0.0007 -0.0020 65 ILE A N   
530 C  CA  . ILE A 66 ? 0.0689 0.0699 0.0735 -0.0014 -0.0010 -0.0018 65 ILE A CA  
531 C  C   . ILE A 66 ? 0.0336 0.0344 0.0375 -0.0015 -0.0010 -0.0016 65 ILE A C   
532 O  O   . ILE A 66 ? 0.0561 0.0572 0.0596 -0.0016 -0.0011 -0.0016 65 ILE A O   
533 C  CB  . ILE A 66 ? 0.2126 0.2135 0.2172 -0.0014 -0.0013 -0.0015 65 ILE A CB  
534 C  CG1 . ILE A 66 ? 0.2076 0.2089 0.2133 -0.0011 -0.0015 -0.0019 65 ILE A CG1 
535 C  CG2 . ILE A 66 ? 0.3227 0.3245 0.3269 -0.0014 -0.0015 -0.0014 65 ILE A CG2 
536 C  CD1 . ILE A 66 ? 0.2772 0.2794 0.2841 -0.0006 -0.0022 -0.0019 65 ILE A CD1 
537 N  N   . SER A 67 ? 0.0040 0.0044 0.0080 -0.0015 -0.0009 -0.0016 66 SER A N   
538 C  CA  . SER A 67 ? 0.0040 0.0043 0.0076 -0.0016 -0.0010 -0.0015 66 SER A CA  
539 C  C   . SER A 67 ? 0.1485 0.1490 0.1520 -0.0017 -0.0010 -0.0016 66 SER A C   
540 O  O   . SER A 67 ? 0.0632 0.0637 0.0662 -0.0017 -0.0011 -0.0015 66 SER A O   
541 C  CB  . SER A 67 ? 0.1495 0.1496 0.1535 -0.0016 -0.0007 -0.0016 66 SER A CB  
542 O  OG  . SER A 67 ? 0.2132 0.2132 0.2172 -0.0018 -0.0007 -0.0013 66 SER A OG  
543 N  N   . ARG A 68 ? 0.1099 0.1101 0.1137 -0.0016 -0.0008 -0.0018 67 ARG A N   
544 C  CA  . ARG A 68 ? 0.0867 0.0871 0.0904 -0.0018 -0.0009 -0.0020 67 ARG A CA  
545 C  C   . ARG A 68 ? 0.0116 0.0122 0.0146 -0.0020 -0.0011 -0.0018 67 ARG A C   
546 O  O   . ARG A 68 ? 0.0831 0.0837 0.0856 -0.0022 -0.0013 -0.0017 67 ARG A O   
547 C  CB  . ARG A 68 ? 0.1036 0.1037 0.1076 -0.0018 -0.0008 -0.0023 67 ARG A CB  
548 C  CG  . ARG A 68 ? 0.1838 0.1838 0.1876 -0.0020 -0.0009 -0.0024 67 ARG A CG  
549 C  CD  . ARG A 68 ? 0.2354 0.2353 0.2394 -0.0019 -0.0011 -0.0025 67 ARG A CD  
550 N  NE  . ARG A 68 ? 0.3132 0.3131 0.3166 -0.0021 -0.0013 -0.0023 67 ARG A NE  
551 C  CZ  . ARG A 68 ? 0.2167 0.2166 0.2203 -0.0021 -0.0016 -0.0024 67 ARG A CZ  
552 N  NH1 . ARG A 68 ? 0.1953 0.1950 0.1998 -0.0020 -0.0015 -0.0028 67 ARG A NH1 
553 N  NH2 . ARG A 68 ? 0.1880 0.1878 0.1910 -0.0022 -0.0018 -0.0023 67 ARG A NH2 
554 N  N   . ILE A 69 ? 0.0217 0.0225 0.0247 -0.0020 -0.0010 -0.0018 68 ILE A N   
555 C  CA  . ILE A 69 ? 0.0688 0.0701 0.0716 -0.0023 -0.0012 -0.0017 68 ILE A CA  
556 C  C   . ILE A 69 ? 0.0745 0.0758 0.0768 -0.0024 -0.0016 -0.0013 68 ILE A C   
557 O  O   . ILE A 69 ? 0.0305 0.0316 0.0328 -0.0025 -0.0018 -0.0011 68 ILE A O   
558 C  CB  . ILE A 69 ? 0.0852 0.0871 0.0885 -0.0021 -0.0011 -0.0020 68 ILE A CB  
559 C  CG1 . ILE A 69 ? 0.2248 0.2267 0.2285 -0.0020 -0.0008 -0.0025 68 ILE A CG1 
560 C  CG2 . ILE A 69 ? 0.1199 0.1226 0.1231 -0.0024 -0.0013 -0.0018 68 ILE A CG2 
561 C  CD1 . ILE A 69 ? 0.1808 0.1834 0.1852 -0.0018 -0.0008 -0.0027 68 ILE A CD1 
562 N  N   . ILE A 70 ? 0.0044 0.0056 0.0066 -0.0022 -0.0015 -0.0013 69 ILE A N   
563 C  CA  . ILE A 70 ? 0.0044 0.0058 0.0062 -0.0023 -0.0016 -0.0010 69 ILE A CA  
564 C  C   . ILE A 70 ? 0.0181 0.0192 0.0196 -0.0023 -0.0015 -0.0012 69 ILE A C   
565 O  O   . ILE A 70 ? 0.1068 0.1081 0.1087 -0.0022 -0.0016 -0.0015 69 ILE A O   
566 C  CB  . ILE A 70 ? 0.0357 0.0372 0.0379 -0.0021 -0.0015 -0.0011 69 ILE A CB  
567 C  CG1 . ILE A 70 ? 0.0121 0.0141 0.0144 -0.0021 -0.0017 -0.0011 69 ILE A CG1 
568 C  CG2 . ILE A 70 ? 0.0093 0.0107 0.0113 -0.0020 -0.0017 -0.0011 69 ILE A CG2 
569 C  CD1 . ILE A 70 ? 0.0689 0.0710 0.0716 -0.0018 -0.0017 -0.0011 69 ILE A CD1 
570 N  N   . ILE A 71 ? 0.0295 0.0302 0.0313 -0.0022 -0.0015 -0.0012 70 ILE A N   
571 C  CA  . ILE A 71 ? 0.0594 0.0599 0.0612 -0.0021 -0.0016 -0.0013 70 ILE A CA  
572 C  C   . ILE A 71 ? 0.0791 0.0798 0.0807 -0.0024 -0.0016 -0.0015 70 ILE A C   
573 O  O   . ILE A 71 ? 0.0685 0.0689 0.0701 -0.0024 -0.0019 -0.0015 70 ILE A O   
574 C  CB  . ILE A 71 ? 0.0403 0.0407 0.0428 -0.0019 -0.0015 -0.0015 70 ILE A CB  
575 C  CG1 . ILE A 71 ? 0.0728 0.0732 0.0756 -0.0016 -0.0014 -0.0016 70 ILE A CG1 
576 C  CG2 . ILE A 71 ? 0.0634 0.0635 0.0659 -0.0018 -0.0017 -0.0016 70 ILE A CG2 
577 C  CD1 . ILE A 71 ? 0.0818 0.0822 0.0853 -0.0016 -0.0012 -0.0018 70 ILE A CD1 
578 N  N   . ASP A 72 ? 0.0754 0.0762 0.0766 -0.0027 -0.0014 -0.0014 71 ASP A N   
579 C  CA  . ASP A 72 ? 0.1213 0.1220 0.1235 -0.0024 -0.0017 -0.0019 71 ASP A CA  
580 C  C   . ASP A 72 ? 0.1700 0.1708 0.1719 -0.0027 -0.0020 -0.0015 71 ASP A C   
581 O  O   . ASP A 72 ? 0.1706 0.1712 0.1716 -0.0032 -0.0021 -0.0014 71 ASP A O   
582 C  CB  . ASP A 72 ? 0.1077 0.1078 0.1096 -0.0025 -0.0020 -0.0015 71 ASP A CB  
583 C  CG  . ASP A 72 ? 0.1928 0.1926 0.1940 -0.0029 -0.0018 -0.0016 71 ASP A CG  
584 O  OD1 . ASP A 72 ? 0.1941 0.1940 0.1954 -0.0029 -0.0017 -0.0017 71 ASP A OD1 
585 O  OD2 . ASP A 72 ? 0.1719 0.1716 0.1736 -0.0028 -0.0017 -0.0019 71 ASP A OD2 
586 N  N   . GLN A 73 ? 0.0555 0.0566 0.0575 -0.0027 -0.0019 -0.0015 72 GLN A N   
587 C  CA  . GLN A 73 ? 0.0665 0.0680 0.0681 -0.0032 -0.0020 -0.0012 72 GLN A CA  
588 C  C   . GLN A 73 ? 0.1536 0.1553 0.1552 -0.0032 -0.0022 -0.0010 72 GLN A C   
589 O  O   . GLN A 73 ? 0.0968 0.0987 0.0981 -0.0038 -0.0024 -0.0008 72 GLN A O   
590 C  CB  . GLN A 73 ? 0.1228 0.1251 0.1248 -0.0033 -0.0017 -0.0014 72 GLN A CB  
591 C  CG  . GLN A 73 ? 0.2377 0.2401 0.2394 -0.0035 -0.0015 -0.0016 72 GLN A CG  
592 C  CD  . GLN A 73 ? 0.2655 0.2690 0.2678 -0.0036 -0.0012 -0.0018 72 GLN A CD  
593 O  OE1 . GLN A 73 ? 0.4403 0.4444 0.4430 -0.0035 -0.0013 -0.0018 72 GLN A OE1 
594 N  NE2 . GLN A 73 ? 0.3391 0.3428 0.3412 -0.0035 -0.0009 -0.0022 72 GLN A NE2 
595 N  N   . TRP A 74 ? 0.0925 0.0940 0.0943 -0.0028 -0.0022 -0.0012 73 TRP A N   
596 C  CA  . TRP A 74 ? 0.0368 0.0384 0.0385 -0.0029 -0.0025 -0.0011 73 TRP A CA  
597 C  C   . TRP A 74 ? 0.0888 0.0896 0.0901 -0.0029 -0.0027 -0.0008 73 TRP A C   
598 O  O   . TRP A 74 ? 0.0634 0.0638 0.0646 -0.0027 -0.0028 -0.0007 73 TRP A O   
599 C  CB  . TRP A 74 ? 0.0302 0.0322 0.0323 -0.0025 -0.0023 -0.0013 73 TRP A CB  
600 C  CG  . TRP A 74 ? 0.0846 0.0871 0.0875 -0.0024 -0.0023 -0.0015 73 TRP A CG  
601 C  CD1 . TRP A 74 ? 0.1107 0.1135 0.1140 -0.0026 -0.0023 -0.0015 73 TRP A CD1 
602 C  CD2 . TRP A 74 ? 0.0049 0.0080 0.0080 -0.0022 -0.0023 -0.0017 73 TRP A CD2 
603 N  NE1 . TRP A 74 ? 0.0600 0.0632 0.0638 -0.0024 -0.0025 -0.0013 73 TRP A NE1 
604 C  CE2 . TRP A 74 ? 0.0373 0.0404 0.0413 -0.0021 -0.0026 -0.0014 73 TRP A CE2 
605 C  CE3 . TRP A 74 ? 0.0049 0.0081 0.0076 -0.0022 -0.0023 -0.0015 73 TRP A CE3 
606 C  CZ2 . TRP A 74 ? 0.0778 0.0811 0.0814 -0.0023 -0.0030 -0.0007 73 TRP A CZ2 
607 C  CZ3 . TRP A 74 ? 0.0049 0.0088 0.0076 -0.0021 -0.0025 -0.0014 73 TRP A CZ3 
608 C  CH2 . TRP A 74 ? 0.0050 0.0095 0.0079 -0.0024 -0.0025 -0.0010 73 TRP A CH2 
609 N  N   . PRO A 75 ? 0.1313 0.1320 0.1324 -0.0031 -0.0032 -0.0005 74 PRO A N   
610 C  CA  . PRO A 75 ? 0.1610 0.1607 0.1617 -0.0030 -0.0037 -0.0002 74 PRO A CA  
611 C  C   . PRO A 75 ? 0.2005 0.2001 0.2016 -0.0025 -0.0035 -0.0005 74 PRO A C   
612 O  O   . PRO A 75 ? 0.1695 0.1695 0.1708 -0.0023 -0.0033 -0.0007 74 PRO A O   
613 C  CB  . PRO A 75 ? 0.2946 0.2941 0.2952 -0.0033 -0.0042 -0.0001 74 PRO A CB  
614 C  CG  . PRO A 75 ? 0.2572 0.2579 0.2585 -0.0034 -0.0040 -0.0004 74 PRO A CG  
615 C  CD  . PRO A 75 ? 0.0351 0.0363 0.0365 -0.0034 -0.0034 -0.0005 74 PRO A CD  
616 N  N   . PHE A 76 ? 0.1672 0.1661 0.1681 -0.0022 -0.0037 -0.0004 75 PHE A N   
617 C  CA  . PHE A 76 ? 0.2008 0.1997 0.2021 -0.0018 -0.0036 -0.0007 75 PHE A CA  
618 C  C   . PHE A 76 ? 0.1758 0.1747 0.1772 -0.0016 -0.0038 -0.0009 75 PHE A C   
619 O  O   . PHE A 76 ? 0.2639 0.2632 0.2655 -0.0013 -0.0034 -0.0011 75 PHE A O   
620 C  CB  . PHE A 76 ? 0.2268 0.2252 0.2281 -0.0015 -0.0039 -0.0008 75 PHE A CB  
621 C  CG  . PHE A 76 ? 0.4052 0.4037 0.4071 -0.0011 -0.0038 -0.0012 75 PHE A CG  
622 C  CD1 . PHE A 76 ? 0.4299 0.4290 0.4321 -0.0010 -0.0032 -0.0013 75 PHE A CD1 
623 C  CD2 . PHE A 76 ? 0.4672 0.4653 0.4691 -0.0007 -0.0042 -0.0013 75 PHE A CD2 
624 C  CE1 . PHE A 76 ? 0.4928 0.4922 0.4956 -0.0007 -0.0031 -0.0017 75 PHE A CE1 
625 C  CE2 . PHE A 76 ? 0.5594 0.5581 0.5620 -0.0003 -0.0040 -0.0018 75 PHE A CE2 
626 C  CZ  . PHE A 76 ? 0.5340 0.5333 0.5370 -0.0005 -0.0034 -0.0020 75 PHE A CZ  
627 N  N   . ASP A 77 ? 0.1709 0.1693 0.1720 -0.0017 -0.0044 -0.0007 76 ASP A N   
628 C  CA  . ASP A 77 ? 0.1896 0.1879 0.1908 -0.0014 -0.0046 -0.0010 76 ASP A CA  
629 C  C   . ASP A 77 ? 0.1866 0.1856 0.1878 -0.0016 -0.0045 -0.0011 76 ASP A C   
630 O  O   . ASP A 77 ? 0.1619 0.1609 0.1631 -0.0014 -0.0048 -0.0013 76 ASP A O   
631 C  CB  . ASP A 77 ? 0.3007 0.2980 0.3016 -0.0015 -0.0055 -0.0009 76 ASP A CB  
632 C  CG  . ASP A 77 ? 0.5516 0.5489 0.5522 -0.0022 -0.0057 -0.0005 76 ASP A CG  
633 O  OD1 . ASP A 77 ? 0.6609 0.6580 0.6615 -0.0023 -0.0063 -0.0005 76 ASP A OD1 
634 O  OD2 . ASP A 77 ? 0.6347 0.6325 0.6352 -0.0025 -0.0053 -0.0002 76 ASP A OD2 
635 N  N   . SER A 78 ? 0.1347 0.1344 0.1360 -0.0018 -0.0040 -0.0009 77 SER A N   
636 C  CA  . SER A 78 ? 0.1881 0.1886 0.1897 -0.0019 -0.0039 -0.0011 77 SER A CA  
637 C  C   . SER A 78 ? 0.0587 0.0593 0.0600 -0.0015 -0.0038 -0.0013 77 SER A C   
638 O  O   . SER A 78 ? 0.0836 0.0844 0.0851 -0.0015 -0.0034 -0.0013 77 SER A O   
639 C  CB  . SER A 78 ? 0.2308 0.2319 0.2324 -0.0022 -0.0035 -0.0011 77 SER A CB  
640 O  OG  . SER A 78 ? 0.1421 0.1441 0.1441 -0.0022 -0.0035 -0.0012 77 SER A OG  
641 N  N   . GLU A 79 ? 0.0661 0.0668 0.0674 -0.0014 -0.0043 -0.0015 78 GLU A N   
642 C  CA  . GLU A 79 ? 0.1508 0.1519 0.1521 -0.0011 -0.0042 -0.0016 78 GLU A CA  
643 C  C   . GLU A 79 ? 0.1429 0.1446 0.1441 -0.0011 -0.0039 -0.0015 78 GLU A C   
644 O  O   . GLU A 79 ? 0.0664 0.0683 0.0675 -0.0009 -0.0036 -0.0015 78 GLU A O   
645 C  CB  . GLU A 79 ? 0.2428 0.2438 0.2436 -0.0007 -0.0049 -0.0019 78 GLU A CB  
646 C  CG  . GLU A 79 ? 0.3426 0.3439 0.3430 -0.0004 -0.0050 -0.0020 78 GLU A CG  
647 C  CD  . GLU A 79 ? 0.4481 0.4493 0.4480 -0.0001 -0.0047 -0.0021 78 GLU A CD  
648 O  OE1 . GLU A 79 ? 0.4972 0.4988 0.4966 0.0002  -0.0048 -0.0021 78 GLU A OE1 
649 O  OE2 . GLU A 79 ? 0.4865 0.4875 0.4868 -0.0002 -0.0045 -0.0021 78 GLU A OE2 
650 N  N   . LEU A 80 ? 0.1336 0.1358 0.1351 -0.0014 -0.0039 -0.0014 79 LEU A N   
651 C  CA  . LEU A 80 ? 0.1297 0.1326 0.1315 -0.0014 -0.0036 -0.0013 79 LEU A CA  
652 C  C   . LEU A 80 ? 0.0748 0.0774 0.0767 -0.0015 -0.0031 -0.0012 79 LEU A C   
653 O  O   . LEU A 80 ? 0.0103 0.0129 0.0122 -0.0013 -0.0030 -0.0011 79 LEU A O   
654 C  CB  . LEU A 80 ? 0.0888 0.0926 0.0910 -0.0016 -0.0038 -0.0013 79 LEU A CB  
655 C  CG  . LEU A 80 ? 0.0498 0.0544 0.0524 -0.0016 -0.0037 -0.0012 79 LEU A CG  
656 C  CD1 . LEU A 80 ? 0.0467 0.0515 0.0491 -0.0012 -0.0040 -0.0011 79 LEU A CD1 
657 C  CD2 . LEU A 80 ? 0.0646 0.0703 0.0676 -0.0020 -0.0038 -0.0012 79 LEU A CD2 
658 N  N   . GLY A 81 ? 0.0051 0.0073 0.0071 -0.0016 -0.0028 -0.0012 80 GLY A N   
659 C  CA  . GLY A 81 ? 0.0071 0.0089 0.0091 -0.0016 -0.0023 -0.0011 80 GLY A CA  
660 C  C   . GLY A 81 ? 0.0708 0.0723 0.0727 -0.0015 -0.0023 -0.0012 80 GLY A C   
661 O  O   . GLY A 81 ? 0.0402 0.0415 0.0422 -0.0015 -0.0019 -0.0011 80 GLY A O   
662 N  N   . CYS A 82 ? 0.0778 0.0792 0.0795 -0.0014 -0.0025 -0.0012 81 CYS A N   
663 C  CA  . CYS A 82 ? 0.1015 0.1028 0.1031 -0.0013 -0.0024 -0.0013 81 CYS A CA  
664 C  C   . CYS A 82 ? 0.0676 0.0692 0.0690 -0.0013 -0.0024 -0.0013 81 CYS A C   
665 O  O   . CYS A 82 ? 0.0686 0.0703 0.0702 -0.0016 -0.0020 -0.0013 81 CYS A O   
666 C  CB  . CYS A 82 ? 0.1729 0.1741 0.1743 -0.0011 -0.0027 -0.0015 81 CYS A CB  
667 S  SG  . CYS A 82 ? 0.3362 0.3375 0.3375 -0.0010 -0.0026 -0.0018 81 CYS A SG  
668 N  N   . MSE A 83 ? 0.0049 0.0069 0.0061 -0.0011 -0.0028 -0.0013 82 MSE A N   
669 C  CA  . MSE A 83 ? 0.0223 0.0248 0.0232 -0.0009 -0.0030 -0.0011 82 MSE A CA  
670 C  C   . MSE A 83 ? 0.0270 0.0294 0.0284 -0.0010 -0.0027 -0.0009 82 MSE A C   
671 O  O   . MSE A 83 ? 0.0049 0.0071 0.0064 -0.0010 -0.0030 -0.0009 82 MSE A O   
672 C  CB  . MSE A 83 ? 0.1254 0.1282 0.1261 -0.0005 -0.0035 -0.0010 82 MSE A CB  
673 C  CG  . MSE A 83 ? 0.3097 0.3124 0.3094 -0.0002 -0.0041 -0.0011 82 MSE A CG  
674 SE SE  . MSE A 83 ? 0.5513 0.5543 0.5508 0.0003  -0.0049 -0.0011 82 MSE A SE  
675 C  CE  . MSE A 83 ? 0.3351 0.3383 0.3357 -0.0003 -0.0048 -0.0014 82 MSE A CE  
676 N  N   . ILE A 84 ? 0.0313 0.0336 0.0333 -0.0012 -0.0026 -0.0010 83 ILE A N   
677 C  CA  . ILE A 84 ? 0.0122 0.0143 0.0146 -0.0013 -0.0023 -0.0010 83 ILE A CA  
678 C  C   . ILE A 84 ? 0.0649 0.0664 0.0677 -0.0016 -0.0018 -0.0009 83 ILE A C   
679 O  O   . ILE A 84 ? 0.0318 0.0327 0.0349 -0.0018 -0.0015 -0.0009 83 ILE A O   
680 C  CB  . ILE A 84 ? 0.0040 0.0064 0.0067 -0.0013 -0.0023 -0.0010 83 ILE A CB  
681 C  CG1 . ILE A 84 ? 0.0043 0.0075 0.0070 -0.0011 -0.0029 -0.0009 83 ILE A CG1 
682 C  CG2 . ILE A 84 ? 0.0037 0.0057 0.0069 -0.0013 -0.0021 -0.0010 83 ILE A CG2 
683 C  CD1 . ILE A 84 ? 0.1114 0.1151 0.1143 -0.0013 -0.0028 -0.0010 83 ILE A CD1 
684 N  N   . ILE A 85 ? 0.0038 0.0049 0.0062 -0.0017 -0.0016 -0.0010 84 ILE A N   
685 C  CA  . ILE A 85 ? 0.0078 0.0086 0.0106 -0.0019 -0.0012 -0.0011 84 ILE A CA  
686 C  C   . ILE A 85 ? 0.0400 0.0405 0.0427 -0.0023 -0.0010 -0.0009 84 ILE A C   
687 O  O   . ILE A 85 ? 0.0570 0.0570 0.0602 -0.0025 -0.0006 -0.0008 84 ILE A O   
688 C  CB  . ILE A 85 ? 0.0281 0.0288 0.0308 -0.0018 -0.0013 -0.0012 84 ILE A CB  
689 C  CG1 . ILE A 85 ? 0.0907 0.0914 0.0933 -0.0016 -0.0014 -0.0012 84 ILE A CG1 
690 C  CG2 . ILE A 85 ? 0.0561 0.0568 0.0593 -0.0018 -0.0010 -0.0014 84 ILE A CG2 
691 C  CD1 . ILE A 85 ? 0.1816 0.1824 0.1842 -0.0015 -0.0015 -0.0013 84 ILE A CD1 
692 N  N   . ASN A 86 ? 0.0367 0.0378 0.0391 -0.0023 -0.0012 -0.0010 85 ASN A N   
693 C  CA  . ASN A 86 ? 0.0130 0.0139 0.0165 -0.0027 -0.0010 -0.0011 85 ASN A CA  
694 C  C   . ASN A 86 ? 0.0685 0.0680 0.0717 -0.0023 -0.0002 -0.0002 85 ASN A C   
695 O  O   . ASN A 86 ? 0.0454 0.0440 0.0486 -0.0026 0.0011  0.0004  85 ASN A O   
696 C  CB  . ASN A 86 ? 0.0302 0.0318 0.0326 -0.0020 -0.0017 -0.0012 85 ASN A CB  
697 C  CG  . ASN A 86 ? 0.1013 0.1032 0.1034 -0.0021 -0.0020 -0.0016 85 ASN A CG  
698 O  OD1 . ASN A 86 ? 0.2228 0.2242 0.2251 -0.0023 -0.0016 -0.0013 85 ASN A OD1 
699 N  ND2 . ASN A 86 ? 0.1729 0.1750 0.1736 -0.0015 -0.0027 -0.0017 85 ASN A ND2 
700 N  N   . ALA A 87 ? 0.0066 0.0062 0.0094 -0.0017 -0.0010 0.0001  86 ALA A N   
701 C  CA  . ALA A 87 ? 0.0086 0.0066 0.0105 -0.0010 -0.0002 0.0010  86 ALA A CA  
702 C  C   . ALA A 87 ? 0.0839 0.0807 0.0872 -0.0017 0.0004  0.0010  86 ALA A C   
703 O  O   . ALA A 87 ? 0.0106 0.0056 0.0134 -0.0017 0.0016  0.0018  86 ALA A O   
704 C  CB  . ALA A 87 ? 0.0648 0.0635 0.0661 0.0000  -0.0014 0.0010  86 ALA A CB  
705 N  N   . GLU A 88 ? 0.0512 0.0488 0.0559 -0.0024 -0.0001 0.0000  87 GLU A N   
706 C  CA  . GLU A 88 ? 0.0071 0.0042 0.0112 -0.0025 0.0003  -0.0001 87 GLU A CA  
707 C  C   . GLU A 88 ? 0.0292 0.0262 0.0330 -0.0029 0.0007  0.0001  87 GLU A C   
708 O  O   . GLU A 88 ? 0.0794 0.0754 0.0834 -0.0030 0.0011  0.0003  87 GLU A O   
709 C  CB  . GLU A 88 ? 0.0739 0.0724 0.0778 -0.0023 -0.0002 -0.0007 87 GLU A CB  
710 C  CG  . GLU A 88 ? 0.2137 0.2118 0.2182 -0.0023 0.0000  -0.0008 87 GLU A CG  
711 C  CD  . GLU A 88 ? 0.3026 0.3012 0.3073 -0.0020 -0.0003 -0.0012 87 GLU A CD  
712 O  OE1 . GLU A 88 ? 0.2831 0.2814 0.2882 -0.0020 -0.0001 -0.0015 87 GLU A OE1 
713 O  OE2 . GLU A 88 ? 0.2833 0.2827 0.2878 -0.0018 -0.0006 -0.0013 87 GLU A OE2 
714 N  N   . SER A 89 ? 0.0282 0.0261 0.0320 -0.0030 0.0006  -0.0002 88 SER A N   
715 C  CA  . SER A 89 ? 0.0643 0.0624 0.0688 -0.0033 0.0011  -0.0002 88 SER A CA  
716 C  C   . SER A 89 ? 0.0691 0.0662 0.0736 -0.0036 0.0020  0.0006  88 SER A C   
717 O  O   . SER A 89 ? 0.0588 0.0556 0.0637 -0.0040 0.0025  0.0008  88 SER A O   
718 C  CB  . SER A 89 ? 0.1171 0.1164 0.1218 -0.0031 0.0007  -0.0007 88 SER A CB  
719 O  OG  . SER A 89 ? 0.1357 0.1353 0.1401 -0.0032 0.0008  -0.0004 88 SER A OG  
720 N  N   . GLU A 90 ? 0.1026 0.0991 0.1067 -0.0034 0.0027  0.0011  89 GLU A N   
721 C  CA  . GLU A 90 ? 0.0485 0.0436 0.0518 -0.0033 0.0042  0.0024  89 GLU A CA  
722 C  C   . GLU A 90 ? 0.0199 0.0133 0.0228 -0.0032 0.0043  0.0029  89 GLU A C   
723 O  O   . GLU A 90 ? 0.1118 0.1043 0.1145 -0.0035 0.0050  0.0035  89 GLU A O   
724 C  CB  . GLU A 90 ? 0.1651 0.1597 0.1663 -0.0024 0.0046  0.0032  89 GLU A CB  
725 C  CG  . GLU A 90 ? 0.2188 0.2123 0.2181 -0.0021 0.0061  0.0045  89 GLU A CG  
726 C  CD  . GLU A 90 ? 0.4551 0.4502 0.4551 -0.0026 0.0069  0.0042  89 GLU A CD  
727 O  OE1 . GLU A 90 ? 0.4756 0.4725 0.4767 -0.0028 0.0060  0.0030  89 GLU A OE1 
728 O  OE2 . GLU A 90 ? 0.4570 0.4517 0.4562 -0.0027 0.0080  0.0049  89 GLU A OE2 
729 N  N   . TYR A 91 ? 0.0143 0.0069 0.0170 -0.0027 0.0035  0.0027  90 TYR A N   
730 C  CA  . TYR A 91 ? 0.0442 0.0353 0.0466 -0.0026 0.0036  0.0030  90 TYR A CA  
731 C  C   . TYR A 91 ? 0.0668 0.0583 0.0702 -0.0034 0.0033  0.0024  90 TYR A C   
732 O  O   . TYR A 91 ? 0.1122 0.1024 0.1154 -0.0036 0.0038  0.0029  90 TYR A O   
733 C  CB  . TYR A 91 ? 0.0607 0.0516 0.0632 -0.0019 0.0027  0.0026  90 TYR A CB  
734 C  CG  . TYR A 91 ? 0.1071 0.0962 0.1091 -0.0014 0.0026  0.0029  90 TYR A CG  
735 C  CD1 . TYR A 91 ? 0.2298 0.2169 0.2303 -0.0006 0.0030  0.0040  90 TYR A CD1 
736 C  CD2 . TYR A 91 ? 0.0802 0.0698 0.0830 -0.0016 0.0020  0.0019  90 TYR A CD2 
737 C  CE1 . TYR A 91 ? 0.1290 0.1143 0.1290 0.0000  0.0027  0.0042  90 TYR A CE1 
738 C  CE2 . TYR A 91 ? 0.1557 0.1434 0.1579 -0.0010 0.0018  0.0020  90 TYR A CE2 
739 C  CZ  . TYR A 91 ? 0.1500 0.1357 0.1511 -0.0003 0.0021  0.0031  90 TYR A CZ  
740 O  OH  . TYR A 91 ? 0.2408 0.2247 0.2416 0.0004  0.0017  0.0031  90 TYR A OH  
741 N  N   . LYS A 92 ? 0.0134 0.0068 0.0175 -0.0037 0.0026  0.0014  91 LYS A N   
742 C  CA  . LYS A 92 ? 0.0809 0.0745 0.0860 -0.0041 0.0026  0.0010  91 LYS A CA  
743 C  C   . LYS A 92 ? 0.0730 0.0665 0.0787 -0.0048 0.0034  0.0014  91 LYS A C   
744 O  O   . LYS A 92 ? 0.1391 0.1319 0.1454 -0.0052 0.0037  0.0014  91 LYS A O   
745 C  CB  . LYS A 92 ? 0.0293 0.0246 0.0353 -0.0039 0.0021  0.0000  91 LYS A CB  
746 C  CG  . LYS A 92 ? 0.1319 0.1272 0.1378 -0.0035 0.0016  -0.0005 91 LYS A CG  
747 C  CD  . LYS A 92 ? 0.1198 0.1166 0.1258 -0.0031 0.0011  -0.0010 91 LYS A CD  
748 C  CE  . LYS A 92 ? 0.1501 0.1471 0.1561 -0.0028 0.0007  -0.0013 91 LYS A CE  
749 N  NZ  . LYS A 92 ? 0.1496 0.1478 0.1554 -0.0024 0.0003  -0.0016 91 LYS A NZ  
750 N  N   . SER A 93 ? 0.0426 0.0370 0.0480 -0.0048 0.0038  0.0017  92 SER A N   
751 C  CA  . SER A 93 ? 0.0698 0.0644 0.0758 -0.0054 0.0046  0.0021  92 SER A CA  
752 C  C   . SER A 93 ? 0.1144 0.1071 0.1197 -0.0056 0.0057  0.0033  92 SER A C   
753 O  O   . SER A 93 ? 0.0890 0.0819 0.0948 -0.0063 0.0066  0.0037  92 SER A O   
754 C  CB  . SER A 93 ? 0.1280 0.1239 0.1339 -0.0052 0.0050  0.0020  92 SER A CB  
755 O  OG  . SER A 93 ? 0.2047 0.1998 0.2094 -0.0048 0.0059  0.0028  92 SER A OG  
756 N  N   . LEU A 94 ? 0.0902 0.0813 0.0943 -0.0051 0.0058  0.0039  93 LEU A N   
757 C  CA  . LEU A 94 ? 0.0706 0.0595 0.0734 -0.0051 0.0066  0.0051  93 LEU A CA  
758 C  C   . LEU A 94 ? 0.2614 0.2494 0.2651 -0.0061 0.0065  0.0050  93 LEU A C   
759 O  O   . LEU A 94 ? 0.3544 0.3411 0.3578 -0.0065 0.0073  0.0061  93 LEU A O   
760 C  CB  . LEU A 94 ? 0.0875 0.0745 0.0887 -0.0041 0.0063  0.0056  93 LEU A CB  
761 C  CG  . LEU A 94 ? 0.0905 0.0777 0.0901 -0.0031 0.0064  0.0061  93 LEU A CG  
762 C  CD1 . LEU A 94 ? 0.0684 0.0540 0.0666 -0.0019 0.0058  0.0064  93 LEU A CD1 
763 C  CD2 . LEU A 94 ? 0.1682 0.1553 0.1664 -0.0029 0.0076  0.0070  93 LEU A CD2 
# 
